data_7B0S
#
_entry.id   7B0S
#
_cell.length_a   1.00
_cell.length_b   1.00
_cell.length_c   1.00
_cell.angle_alpha   90.00
_cell.angle_beta   90.00
_cell.angle_gamma   90.00
#
_symmetry.space_group_name_H-M   'P 1'
#
loop_
_entity.id
_entity.type
_entity.pdbx_description
1 polymer 'Transient receptor potential cation channel subfamily c member 4a'
2 non-polymer 5-chloranyl-4-[3-oxidanylidene-4-[[2-(trifluoromethyl)phenyl]methyl]piperazin-1-yl]-1~{H}-pyridazin-6-one
3 non-polymer 'CALCIUM ION'
4 non-polymer '(2R)-3-(phosphonooxy)propane-1,2-diyl dihexanoate'
#
_entity_poly.entity_id   1
_entity_poly.type   'polypeptide(L)'
_entity_poly.pdbx_seq_one_letter_code
;MSQLYFRRTDNSSYRDRIPLRIVRAESELSTQEKSYLSAVEKGDYASVKLALEEAEIYFKININCIDPLGRTALLIAIEN
ENLEIIELLLSFNVYVGDALLHAIRKEVVGAVELLLNHKKPSGEKQVPPILLDKQFSDFTPDITPIILAAHTNNYEIIKM
LVQKGVSVPQPHEVRCNCVECVSSSDVDSLRHSRSRLNIYKALASPSLIALSSEDPFLTAFQLSWELQELSKVENEFKAE
YEELSHQCKHFAKDLLDQTRSSRELELILNFRDDMNLLQDEANNELARLKLAIKYRQKEFVAQPNCQQLLASRWYDEFPG
WRRRHWAGKLITCVFIGLMFPLLSLCYLVAPKSRYGLFIRKPFIKFICHTASYLTFLFLLLLASQHIVSNNPDRQGPKPT
TVEWMILPWVLGFIWTEIKQMWDGGFQDYIHDWWNLMDFVMNSLYLATISLKIVAYVKYSGCKPRDTWEMWHPTLVAEAV
FAIANIFSSLRLISLFTANSHLGPLQISLGRMLLDILKFLFIYCLVLLAFANGLNQLYFYYENSEGMTCKGIRCERQNNA
FSTLFETLQSLFWSIFGLISLYVTNVKADHKFTEFVGATMFGTYNVISLVVLLNMLIAMMNNSYQHIADHADIEWKFART
KLWMSYFEEGGTLPPPFNIIPSPKSICYLITWIKVHVFKRRSKRTETFGTLGRRAAENVRLNHQYQEVLRNLVKRYVAAM
IRDAKTEEGLTEENFKELKQDISSFRYEVIGMMKGNRKSTRANKSDTSASDVSHPEGSLQYSSALKQNSKLHLYDVTTAL
QQQNSEEAKASLGCLANGSAVVLTEPILKDKARSDFPKDFTDFGLFPKKQNPNKIYSLAEEATESDPDILDWGKEDKPLA
GKVEQDVNESKCLMEEDERVLEEQEMEHIASSHEH
;
_entity_poly.pdbx_strand_id   A,B,C,D
#
# COMPACT_ATOMS: atom_id res chain seq x y z
N LEU A 29 -27.45 -1.66 -50.00
CA LEU A 29 -26.17 -0.97 -49.95
C LEU A 29 -25.64 -0.68 -51.34
N SER A 30 -26.44 0.00 -52.14
CA SER A 30 -26.03 0.37 -53.48
C SER A 30 -25.16 1.62 -53.43
N THR A 31 -24.40 1.83 -54.51
CA THR A 31 -23.41 2.90 -54.52
C THR A 31 -24.05 4.27 -54.29
N GLN A 32 -25.29 4.46 -54.75
CA GLN A 32 -25.96 5.72 -54.47
C GLN A 32 -26.21 5.88 -52.98
N GLU A 33 -26.64 4.81 -52.31
CA GLU A 33 -26.85 4.89 -50.86
C GLU A 33 -25.56 5.15 -50.13
N LYS A 34 -24.48 4.48 -50.53
CA LYS A 34 -23.18 4.72 -49.89
C LYS A 34 -22.75 6.17 -50.08
N SER A 35 -22.90 6.69 -51.30
CA SER A 35 -22.53 8.08 -51.55
C SER A 35 -23.38 9.02 -50.70
N TYR A 36 -24.68 8.74 -50.58
CA TYR A 36 -25.54 9.61 -49.79
C TYR A 36 -25.19 9.58 -48.32
N LEU A 37 -24.88 8.39 -47.79
CA LEU A 37 -24.46 8.30 -46.39
C LEU A 37 -23.15 9.06 -46.17
N SER A 38 -22.20 8.94 -47.11
CA SER A 38 -20.97 9.70 -46.96
C SER A 38 -21.24 11.20 -46.99
N ALA A 39 -22.16 11.62 -47.84
CA ALA A 39 -22.53 13.03 -47.89
C ALA A 39 -23.10 13.51 -46.56
N VAL A 40 -23.97 12.70 -45.96
CA VAL A 40 -24.52 13.07 -44.66
C VAL A 40 -23.43 13.13 -43.61
N GLU A 41 -22.53 12.14 -43.61
CA GLU A 41 -21.51 12.09 -42.58
C GLU A 41 -20.56 13.26 -42.68
N LYS A 42 -20.09 13.57 -43.88
CA LYS A 42 -19.14 14.67 -44.03
C LYS A 42 -19.79 16.01 -43.71
N GLY A 43 -21.05 16.18 -44.07
CA GLY A 43 -21.74 17.40 -43.73
C GLY A 43 -22.13 18.24 -44.92
N ASP A 44 -21.93 17.71 -46.13
CA ASP A 44 -22.38 18.42 -47.31
C ASP A 44 -23.90 18.58 -47.29
N TYR A 45 -24.37 19.74 -47.72
CA TYR A 45 -25.78 20.07 -47.63
C TYR A 45 -26.49 19.97 -48.97
N ALA A 46 -25.94 20.58 -50.01
CA ALA A 46 -26.59 20.52 -51.31
C ALA A 46 -26.71 19.08 -51.79
N SER A 47 -25.68 18.27 -51.55
CA SER A 47 -25.71 16.89 -52.03
C SER A 47 -26.85 16.12 -51.40
N VAL A 48 -26.97 16.20 -50.08
CA VAL A 48 -28.04 15.46 -49.40
C VAL A 48 -29.40 16.01 -49.79
N LYS A 49 -29.50 17.32 -49.98
CA LYS A 49 -30.78 17.90 -50.37
C LYS A 49 -31.24 17.36 -51.71
N LEU A 50 -30.38 17.43 -52.73
CA LEU A 50 -30.76 16.92 -54.04
C LEU A 50 -30.92 15.41 -54.02
N ALA A 51 -30.19 14.72 -53.16
CA ALA A 51 -30.37 13.28 -53.06
C ALA A 51 -31.76 12.93 -52.54
N LEU A 52 -32.22 13.63 -51.51
CA LEU A 52 -33.57 13.40 -51.04
C LEU A 52 -34.60 13.81 -52.07
N GLU A 53 -34.31 14.85 -52.85
CA GLU A 53 -35.20 15.21 -53.94
C GLU A 53 -35.33 14.07 -54.94
N GLU A 54 -34.21 13.64 -55.50
CA GLU A 54 -34.18 12.65 -56.58
C GLU A 54 -34.42 11.22 -56.10
N ALA A 55 -34.49 10.99 -54.79
CA ALA A 55 -34.75 9.64 -54.31
C ALA A 55 -36.21 9.26 -54.49
N GLU A 56 -37.14 10.17 -54.20
CA GLU A 56 -38.55 9.83 -54.24
C GLU A 56 -39.01 9.53 -55.66
N ILE A 57 -38.54 10.32 -56.63
CA ILE A 57 -39.08 10.25 -57.98
C ILE A 57 -38.83 8.89 -58.61
N TYR A 58 -37.75 8.21 -58.22
CA TYR A 58 -37.34 6.98 -58.88
C TYR A 58 -37.43 5.75 -58.00
N PHE A 59 -37.47 5.92 -56.68
CA PHE A 59 -37.49 4.81 -55.72
C PHE A 59 -36.32 3.87 -55.91
N LYS A 60 -35.25 4.34 -56.55
CA LYS A 60 -34.07 3.51 -56.78
C LYS A 60 -33.21 3.38 -55.52
N ILE A 61 -33.33 4.31 -54.57
CA ILE A 61 -32.59 4.24 -53.33
C ILE A 61 -33.56 4.38 -52.17
N ASN A 62 -33.08 4.03 -50.98
CA ASN A 62 -33.86 4.13 -49.76
C ASN A 62 -33.22 5.14 -48.83
N ILE A 63 -34.04 6.03 -48.27
CA ILE A 63 -33.54 6.95 -47.26
C ILE A 63 -33.35 6.24 -45.92
N ASN A 64 -34.02 5.12 -45.69
CA ASN A 64 -33.94 4.39 -44.43
C ASN A 64 -33.03 3.19 -44.50
N CYS A 65 -31.95 3.28 -45.27
CA CYS A 65 -30.97 2.21 -45.27
C CYS A 65 -30.25 2.15 -43.92
N ILE A 66 -29.52 1.07 -43.70
CA ILE A 66 -28.84 0.82 -42.43
C ILE A 66 -27.37 0.55 -42.72
N ASP A 67 -26.50 1.25 -42.01
CA ASP A 67 -25.07 1.04 -42.13
C ASP A 67 -24.71 -0.36 -41.63
N PRO A 68 -23.58 -0.91 -42.10
CA PRO A 68 -23.07 -2.14 -41.49
C PRO A 68 -22.95 -2.09 -39.97
N LEU A 69 -22.76 -0.90 -39.40
CA LEU A 69 -22.71 -0.75 -37.95
C LEU A 69 -24.06 -0.38 -37.35
N GLY A 70 -25.11 -0.33 -38.15
CA GLY A 70 -26.43 -0.01 -37.64
C GLY A 70 -26.64 1.46 -37.34
N ARG A 71 -26.34 2.31 -38.30
CA ARG A 71 -26.43 3.76 -38.13
C ARG A 71 -27.08 4.36 -39.38
N THR A 72 -28.38 4.65 -39.29
CA THR A 72 -29.04 5.29 -40.41
C THR A 72 -28.61 6.76 -40.46
N ALA A 73 -29.21 7.52 -41.39
CA ALA A 73 -28.80 8.90 -41.57
C ALA A 73 -29.12 9.74 -40.35
N LEU A 74 -30.30 9.54 -39.77
CA LEU A 74 -30.71 10.37 -38.65
C LEU A 74 -29.76 10.19 -37.47
N LEU A 75 -29.33 8.96 -37.21
CA LEU A 75 -28.42 8.72 -36.09
C LEU A 75 -27.12 9.47 -36.26
N ILE A 76 -26.48 9.34 -37.42
CA ILE A 76 -25.18 9.99 -37.59
C ILE A 76 -25.35 11.50 -37.60
N ALA A 77 -26.45 12.00 -38.17
CA ALA A 77 -26.70 13.43 -38.12
C ALA A 77 -26.82 13.90 -36.68
N ILE A 78 -27.53 13.14 -35.84
CA ILE A 78 -27.66 13.50 -34.44
C ILE A 78 -26.30 13.48 -33.77
N GLU A 79 -25.50 12.46 -34.06
CA GLU A 79 -24.19 12.33 -33.43
C GLU A 79 -23.30 13.53 -33.74
N ASN A 80 -23.31 13.99 -34.99
CA ASN A 80 -22.46 15.12 -35.34
C ASN A 80 -23.10 16.47 -35.00
N GLU A 81 -24.36 16.48 -34.58
CA GLU A 81 -25.05 17.71 -34.17
C GLU A 81 -25.12 18.72 -35.32
N ASN A 82 -25.79 18.31 -36.39
CA ASN A 82 -26.04 19.17 -37.54
C ASN A 82 -27.54 19.48 -37.53
N LEU A 83 -27.89 20.58 -36.87
CA LEU A 83 -29.31 20.89 -36.67
C LEU A 83 -30.02 21.15 -37.98
N GLU A 84 -29.37 21.85 -38.91
CA GLU A 84 -29.99 22.09 -40.21
C GLU A 84 -30.23 20.79 -40.95
N ILE A 85 -29.25 19.88 -40.93
CA ILE A 85 -29.43 18.59 -41.57
C ILE A 85 -30.55 17.83 -40.89
N ILE A 86 -30.59 17.88 -39.56
CA ILE A 86 -31.60 17.15 -38.82
C ILE A 86 -33.00 17.64 -39.19
N GLU A 87 -33.18 18.96 -39.24
CA GLU A 87 -34.48 19.49 -39.61
C GLU A 87 -34.83 19.13 -41.04
N LEU A 88 -33.85 19.20 -41.94
CA LEU A 88 -34.12 18.85 -43.33
C LEU A 88 -34.59 17.41 -43.43
N LEU A 89 -33.91 16.50 -42.73
CA LEU A 89 -34.32 15.11 -42.75
C LEU A 89 -35.72 14.95 -42.17
N LEU A 90 -35.98 15.61 -41.05
CA LEU A 90 -37.29 15.49 -40.41
C LEU A 90 -38.40 15.93 -41.34
N SER A 91 -38.18 17.02 -42.08
CA SER A 91 -39.23 17.54 -42.93
C SER A 91 -39.64 16.54 -44.00
N PHE A 92 -38.72 15.69 -44.45
CA PHE A 92 -39.04 14.69 -45.46
C PHE A 92 -39.56 13.38 -44.85
N ASN A 93 -39.95 13.39 -43.58
CA ASN A 93 -40.64 12.28 -42.95
C ASN A 93 -39.81 11.00 -42.98
N VAL A 94 -38.69 11.04 -42.29
CA VAL A 94 -37.86 9.85 -42.11
C VAL A 94 -38.31 9.16 -40.84
N TYR A 95 -38.14 7.83 -40.80
CA TYR A 95 -38.51 7.07 -39.61
C TYR A 95 -37.63 7.47 -38.43
N VAL A 96 -38.25 7.61 -37.26
CA VAL A 96 -37.58 8.14 -36.09
C VAL A 96 -37.00 7.04 -35.20
N GLY A 97 -37.86 6.12 -34.74
CA GLY A 97 -37.37 5.10 -33.84
C GLY A 97 -36.81 5.70 -32.56
N ASP A 98 -35.80 5.04 -32.01
CA ASP A 98 -35.20 5.54 -30.79
C ASP A 98 -34.18 6.63 -31.11
N ALA A 99 -34.58 7.61 -31.91
CA ALA A 99 -33.72 8.76 -32.13
C ALA A 99 -33.80 9.71 -30.94
N LEU A 100 -34.98 9.84 -30.36
CA LEU A 100 -35.15 10.68 -29.18
C LEU A 100 -34.25 10.20 -28.06
N LEU A 101 -34.27 8.89 -27.80
CA LEU A 101 -33.43 8.33 -26.74
C LEU A 101 -31.96 8.47 -27.09
N HIS A 102 -31.60 8.30 -28.36
CA HIS A 102 -30.21 8.45 -28.75
C HIS A 102 -29.73 9.86 -28.52
N ALA A 103 -30.56 10.85 -28.83
CA ALA A 103 -30.18 12.23 -28.59
C ALA A 103 -30.09 12.52 -27.10
N ILE A 104 -31.00 11.96 -26.32
CA ILE A 104 -30.94 12.16 -24.87
C ILE A 104 -29.66 11.58 -24.31
N ARG A 105 -29.28 10.38 -24.75
CA ARG A 105 -28.10 9.71 -24.22
C ARG A 105 -26.83 10.47 -24.51
N LYS A 106 -26.82 11.34 -25.53
CA LYS A 106 -25.63 12.09 -25.90
C LYS A 106 -25.78 13.57 -25.61
N GLU A 107 -26.62 13.91 -24.63
CA GLU A 107 -26.75 15.26 -24.07
C GLU A 107 -26.95 16.35 -25.12
N VAL A 108 -27.38 16.01 -26.32
CA VAL A 108 -27.65 17.05 -27.31
C VAL A 108 -28.94 17.76 -26.92
N VAL A 109 -28.93 19.09 -26.96
CA VAL A 109 -30.01 19.86 -26.37
C VAL A 109 -31.05 20.25 -27.41
N GLY A 110 -30.64 21.03 -28.41
CA GLY A 110 -31.60 21.50 -29.40
C GLY A 110 -32.27 20.38 -30.15
N ALA A 111 -31.53 19.30 -30.40
CA ALA A 111 -32.12 18.15 -31.09
C ALA A 111 -33.32 17.63 -30.33
N VAL A 112 -33.29 17.68 -29.00
CA VAL A 112 -34.44 17.23 -28.22
C VAL A 112 -35.64 18.10 -28.52
N GLU A 113 -35.44 19.42 -28.56
CA GLU A 113 -36.54 20.32 -28.87
C GLU A 113 -37.11 20.01 -30.24
N LEU A 114 -36.26 19.78 -31.23
CA LEU A 114 -36.76 19.44 -32.54
C LEU A 114 -37.52 18.12 -32.54
N LEU A 115 -36.99 17.13 -31.84
CA LEU A 115 -37.54 15.77 -31.93
C LEU A 115 -38.84 15.63 -31.17
N LEU A 116 -39.04 16.41 -30.11
CA LEU A 116 -40.34 16.39 -29.43
C LEU A 116 -41.44 16.95 -30.32
N ASN A 117 -41.25 18.19 -30.78
CA ASN A 117 -42.29 18.84 -31.56
C ASN A 117 -42.32 18.28 -32.97
N HIS A 118 -43.11 17.22 -33.16
CA HIS A 118 -43.23 16.58 -34.46
C HIS A 118 -44.46 15.68 -34.51
N GLN A 135 -37.08 -3.60 -35.92
CA GLN A 135 -37.52 -3.69 -34.53
C GLN A 135 -36.33 -3.97 -33.63
N PHE A 136 -35.13 -3.77 -34.16
CA PHE A 136 -33.90 -3.94 -33.39
C PHE A 136 -33.72 -2.71 -32.52
N SER A 137 -34.19 -2.79 -31.28
CA SER A 137 -34.02 -1.71 -30.34
C SER A 137 -32.56 -1.62 -29.90
N ASP A 138 -32.28 -0.67 -29.02
CA ASP A 138 -30.96 -0.57 -28.43
C ASP A 138 -31.06 -0.55 -26.92
N PHE A 139 -32.12 0.03 -26.41
CA PHE A 139 -32.37 0.09 -24.98
C PHE A 139 -33.44 -0.92 -24.59
N THR A 140 -33.38 -1.35 -23.34
CA THR A 140 -34.33 -2.33 -22.86
C THR A 140 -35.74 -1.75 -22.95
N PRO A 141 -36.73 -2.59 -23.20
CA PRO A 141 -38.09 -2.08 -23.45
C PRO A 141 -38.71 -1.40 -22.24
N ASP A 142 -37.94 -1.24 -21.18
CA ASP A 142 -38.44 -0.70 -19.92
C ASP A 142 -37.98 0.73 -19.67
N ILE A 143 -37.39 1.40 -20.66
CA ILE A 143 -36.87 2.75 -20.48
C ILE A 143 -37.80 3.73 -21.17
N THR A 144 -38.24 4.73 -20.42
CA THR A 144 -38.99 5.87 -20.90
C THR A 144 -38.10 7.10 -20.91
N PRO A 145 -38.41 8.10 -21.73
CA PRO A 145 -37.47 9.22 -21.92
C PRO A 145 -37.06 9.91 -20.63
N ILE A 146 -38.00 10.10 -19.70
CA ILE A 146 -37.66 10.79 -18.46
C ILE A 146 -36.65 9.97 -17.66
N ILE A 147 -36.80 8.64 -17.66
CA ILE A 147 -35.88 7.81 -16.89
C ILE A 147 -34.46 7.95 -17.41
N LEU A 148 -34.30 7.78 -18.72
CA LEU A 148 -32.97 7.85 -19.29
C LEU A 148 -32.39 9.25 -19.16
N ALA A 149 -33.24 10.28 -19.23
CA ALA A 149 -32.75 11.63 -18.98
C ALA A 149 -32.24 11.76 -17.55
N ALA A 150 -32.96 11.19 -16.60
CA ALA A 150 -32.54 11.29 -15.21
C ALA A 150 -31.25 10.53 -14.95
N HIS A 151 -31.03 9.43 -15.68
CA HIS A 151 -29.80 8.67 -15.47
C HIS A 151 -28.57 9.53 -15.67
N THR A 152 -28.66 10.55 -16.51
CA THR A 152 -27.55 11.42 -16.84
C THR A 152 -27.95 12.84 -16.48
N ASN A 153 -27.43 13.36 -15.38
CA ASN A 153 -27.80 14.68 -14.90
C ASN A 153 -27.74 15.71 -16.02
N ASN A 154 -28.89 16.32 -16.29
CA ASN A 154 -28.97 17.39 -17.28
C ASN A 154 -30.18 18.24 -16.90
N TYR A 155 -29.90 19.37 -16.26
CA TYR A 155 -30.98 20.21 -15.77
C TYR A 155 -31.86 20.70 -16.91
N GLU A 156 -31.25 21.08 -18.04
CA GLU A 156 -32.02 21.62 -19.16
C GLU A 156 -32.99 20.59 -19.70
N ILE A 157 -32.49 19.40 -20.03
CA ILE A 157 -33.33 18.38 -20.64
C ILE A 157 -34.43 17.96 -19.67
N ILE A 158 -34.07 17.78 -18.40
CA ILE A 158 -35.08 17.36 -17.43
C ILE A 158 -36.16 18.43 -17.32
N LYS A 159 -35.76 19.70 -17.23
CA LYS A 159 -36.74 20.76 -17.12
C LYS A 159 -37.58 20.86 -18.38
N MET A 160 -37.03 20.48 -19.52
CA MET A 160 -37.81 20.51 -20.75
C MET A 160 -38.83 19.38 -20.79
N LEU A 161 -38.45 18.20 -20.33
CA LEU A 161 -39.39 17.08 -20.30
C LEU A 161 -40.48 17.29 -19.27
N VAL A 162 -40.15 17.85 -18.12
CA VAL A 162 -41.14 17.88 -17.04
C VAL A 162 -42.32 18.76 -17.42
N GLN A 163 -42.06 19.87 -18.10
CA GLN A 163 -43.15 20.80 -18.44
C GLN A 163 -44.15 20.15 -19.38
N LYS A 164 -43.70 19.25 -20.25
CA LYS A 164 -44.63 18.52 -21.09
C LYS A 164 -45.51 17.60 -20.26
N GLY A 165 -45.00 17.10 -19.15
CA GLY A 165 -45.81 16.32 -18.24
C GLY A 165 -45.62 14.83 -18.37
N VAL A 166 -44.83 14.24 -17.47
CA VAL A 166 -44.60 12.80 -17.43
C VAL A 166 -44.57 12.38 -15.96
N SER A 167 -44.59 11.07 -15.75
CA SER A 167 -44.50 10.52 -14.41
C SER A 167 -43.61 9.28 -14.43
N VAL A 168 -43.04 8.97 -13.26
CA VAL A 168 -42.17 7.83 -13.08
C VAL A 168 -42.85 6.87 -12.11
N PRO A 169 -42.94 5.58 -12.42
CA PRO A 169 -43.61 4.65 -11.51
C PRO A 169 -42.91 4.59 -10.17
N GLN A 170 -43.70 4.44 -9.12
CA GLN A 170 -43.14 4.20 -7.79
C GLN A 170 -43.21 2.70 -7.54
N PRO A 171 -42.09 2.01 -7.43
CA PRO A 171 -42.13 0.55 -7.28
C PRO A 171 -42.74 0.14 -5.96
N HIS A 172 -43.35 -1.05 -5.96
CA HIS A 172 -43.93 -1.58 -4.73
C HIS A 172 -42.84 -1.82 -3.69
N GLU A 173 -43.14 -1.44 -2.45
CA GLU A 173 -42.15 -1.45 -1.37
C GLU A 173 -42.13 -2.80 -0.68
N VAL A 174 -40.93 -3.32 -0.44
CA VAL A 174 -40.76 -4.53 0.35
C VAL A 174 -39.80 -4.25 1.49
N VAL A 187 -42.81 -13.43 -12.81
CA VAL A 187 -42.54 -14.54 -13.71
C VAL A 187 -41.17 -14.36 -14.35
N ASP A 188 -40.94 -13.17 -14.91
CA ASP A 188 -39.65 -12.83 -15.50
C ASP A 188 -38.85 -12.09 -14.44
N SER A 189 -38.06 -12.85 -13.69
CA SER A 189 -37.28 -12.26 -12.61
C SER A 189 -36.26 -11.26 -13.13
N LEU A 190 -35.57 -11.62 -14.21
CA LEU A 190 -34.50 -10.77 -14.70
C LEU A 190 -35.00 -9.39 -15.10
N ARG A 191 -36.04 -9.35 -15.94
CA ARG A 191 -36.57 -8.09 -16.40
C ARG A 191 -37.11 -7.27 -15.23
N HIS A 192 -37.82 -7.92 -14.32
CA HIS A 192 -38.41 -7.22 -13.20
C HIS A 192 -37.35 -6.58 -12.32
N SER A 193 -36.33 -7.35 -11.96
CA SER A 193 -35.27 -6.81 -11.10
C SER A 193 -34.53 -5.67 -11.78
N ARG A 194 -34.19 -5.84 -13.06
CA ARG A 194 -33.49 -4.78 -13.76
C ARG A 194 -34.32 -3.52 -13.84
N SER A 195 -35.64 -3.67 -14.01
CA SER A 195 -36.50 -2.49 -14.04
C SER A 195 -36.50 -1.79 -12.70
N ARG A 196 -36.57 -2.53 -11.60
CA ARG A 196 -36.53 -1.88 -10.30
C ARG A 196 -35.22 -1.14 -10.11
N LEU A 197 -34.12 -1.75 -10.54
CA LEU A 197 -32.83 -1.07 -10.42
C LEU A 197 -32.82 0.22 -11.23
N ASN A 198 -33.37 0.19 -12.43
CA ASN A 198 -33.39 1.39 -13.25
C ASN A 198 -34.19 2.49 -12.60
N ILE A 199 -35.33 2.14 -12.01
CA ILE A 199 -36.17 3.16 -11.38
C ILE A 199 -35.43 3.81 -10.22
N TYR A 200 -34.89 3.00 -9.31
CA TYR A 200 -34.15 3.60 -8.20
C TYR A 200 -32.96 4.39 -8.67
N LYS A 201 -32.22 3.89 -9.66
CA LYS A 201 -31.08 4.64 -10.16
C LYS A 201 -31.52 5.97 -10.73
N ALA A 202 -32.76 6.05 -11.19
CA ALA A 202 -33.29 7.31 -11.70
C ALA A 202 -33.60 8.27 -10.56
N LEU A 203 -34.44 7.84 -9.61
CA LEU A 203 -34.92 8.78 -8.60
C LEU A 203 -33.81 9.34 -7.72
N ALA A 204 -32.64 8.72 -7.71
CA ALA A 204 -31.54 9.26 -6.91
C ALA A 204 -30.63 10.17 -7.72
N SER A 205 -31.22 11.15 -8.42
CA SER A 205 -30.45 12.06 -9.24
C SER A 205 -30.62 13.47 -8.71
N PRO A 206 -29.55 14.17 -8.37
CA PRO A 206 -29.69 15.50 -7.76
C PRO A 206 -30.53 16.46 -8.56
N SER A 207 -30.49 16.36 -9.89
CA SER A 207 -31.28 17.27 -10.70
C SER A 207 -32.78 17.04 -10.51
N LEU A 208 -33.21 15.78 -10.65
CA LEU A 208 -34.62 15.49 -10.50
C LEU A 208 -35.12 15.82 -9.10
N ILE A 209 -34.30 15.53 -8.09
CA ILE A 209 -34.67 15.88 -6.73
C ILE A 209 -34.83 17.38 -6.59
N ALA A 210 -33.90 18.14 -7.17
CA ALA A 210 -34.02 19.59 -7.12
C ALA A 210 -35.29 20.07 -7.78
N LEU A 211 -35.73 19.40 -8.85
CA LEU A 211 -36.92 19.87 -9.56
C LEU A 211 -38.20 19.41 -8.88
N SER A 212 -38.42 18.10 -8.82
CA SER A 212 -39.70 17.56 -8.36
C SER A 212 -39.56 17.03 -6.93
N SER A 213 -39.53 17.94 -5.97
CA SER A 213 -39.51 17.52 -4.58
C SER A 213 -40.04 18.64 -3.70
N GLU A 214 -40.95 18.28 -2.79
CA GLU A 214 -41.43 19.26 -1.83
C GLU A 214 -40.35 19.64 -0.84
N ASP A 215 -39.65 18.65 -0.29
CA ASP A 215 -38.60 18.92 0.68
C ASP A 215 -37.39 18.04 0.39
N PRO A 216 -36.33 18.60 -0.18
CA PRO A 216 -35.21 17.76 -0.62
C PRO A 216 -34.58 16.92 0.48
N PHE A 217 -34.45 17.48 1.68
CA PHE A 217 -33.73 16.78 2.74
C PHE A 217 -34.44 15.49 3.12
N LEU A 218 -35.75 15.56 3.29
CA LEU A 218 -36.49 14.35 3.66
C LEU A 218 -36.40 13.32 2.56
N THR A 219 -36.44 13.76 1.30
CA THR A 219 -36.30 12.81 0.20
C THR A 219 -34.96 12.11 0.24
N ALA A 220 -33.88 12.87 0.49
CA ALA A 220 -32.57 12.25 0.56
C ALA A 220 -32.51 11.23 1.69
N PHE A 221 -33.03 11.59 2.86
CA PHE A 221 -32.96 10.66 3.99
C PHE A 221 -33.75 9.39 3.70
N GLN A 222 -35.01 9.54 3.27
CA GLN A 222 -35.84 8.38 3.02
C GLN A 222 -35.24 7.50 1.93
N LEU A 223 -34.75 8.12 0.86
CA LEU A 223 -34.21 7.33 -0.23
C LEU A 223 -32.95 6.58 0.19
N SER A 224 -32.09 7.24 0.98
CA SER A 224 -30.90 6.54 1.46
C SER A 224 -31.26 5.35 2.32
N TRP A 225 -32.23 5.53 3.22
CA TRP A 225 -32.65 4.42 4.07
C TRP A 225 -33.23 3.27 3.24
N GLU A 226 -34.10 3.58 2.29
CA GLU A 226 -34.72 2.52 1.49
C GLU A 226 -33.68 1.77 0.68
N LEU A 227 -32.74 2.49 0.08
CA LEU A 227 -31.70 1.83 -0.71
C LEU A 227 -30.81 0.97 0.18
N GLN A 228 -30.42 1.49 1.35
CA GLN A 228 -29.60 0.72 2.26
C GLN A 228 -30.30 -0.57 2.67
N GLU A 229 -31.59 -0.48 2.94
CA GLU A 229 -32.33 -1.69 3.32
C GLU A 229 -32.40 -2.68 2.17
N LEU A 230 -32.67 -2.20 0.96
CA LEU A 230 -32.72 -3.14 -0.15
C LEU A 230 -31.35 -3.70 -0.49
N SER A 231 -30.27 -3.09 -0.01
CA SER A 231 -28.95 -3.64 -0.28
C SER A 231 -28.76 -5.03 0.30
N LYS A 232 -29.59 -5.44 1.26
CA LYS A 232 -29.42 -6.70 1.97
C LYS A 232 -30.33 -7.81 1.45
N VAL A 233 -31.42 -7.48 0.78
CA VAL A 233 -32.34 -8.49 0.28
C VAL A 233 -32.10 -8.80 -1.20
N GLU A 234 -31.83 -7.78 -2.00
CA GLU A 234 -31.46 -7.98 -3.40
C GLU A 234 -29.94 -8.05 -3.49
N ASN A 235 -29.40 -9.07 -2.83
CA ASN A 235 -27.96 -9.12 -2.59
C ASN A 235 -27.15 -9.41 -3.83
N GLU A 236 -27.74 -10.08 -4.84
CA GLU A 236 -26.97 -10.34 -6.05
C GLU A 236 -26.51 -9.04 -6.70
N PHE A 237 -27.39 -8.04 -6.74
CA PHE A 237 -27.01 -6.68 -7.11
C PHE A 237 -26.73 -5.90 -5.82
N LYS A 238 -25.52 -6.07 -5.31
CA LYS A 238 -25.19 -5.48 -4.02
C LYS A 238 -24.37 -4.21 -4.13
N ALA A 239 -23.48 -4.12 -5.11
CA ALA A 239 -22.61 -2.95 -5.19
C ALA A 239 -23.39 -1.71 -5.61
N GLU A 240 -24.33 -1.86 -6.53
CA GLU A 240 -25.03 -0.70 -7.07
C GLU A 240 -25.77 0.04 -5.97
N TYR A 241 -26.54 -0.68 -5.15
CA TYR A 241 -27.30 -0.02 -4.09
C TYR A 241 -26.37 0.58 -3.04
N GLU A 242 -25.33 -0.14 -2.66
CA GLU A 242 -24.40 0.41 -1.70
C GLU A 242 -23.68 1.64 -2.23
N GLU A 243 -23.70 1.85 -3.54
CA GLU A 243 -23.13 3.08 -4.05
C GLU A 243 -24.18 4.18 -4.18
N LEU A 244 -25.41 3.82 -4.50
CA LEU A 244 -26.47 4.82 -4.58
C LEU A 244 -26.72 5.45 -3.21
N SER A 245 -26.60 4.66 -2.15
CA SER A 245 -26.74 5.24 -0.82
C SER A 245 -25.69 6.31 -0.59
N HIS A 246 -24.45 6.02 -0.97
CA HIS A 246 -23.37 7.00 -0.81
C HIS A 246 -23.69 8.25 -1.61
N GLN A 247 -24.21 8.07 -2.82
CA GLN A 247 -24.53 9.22 -3.65
C GLN A 247 -25.56 10.12 -2.99
N CYS A 248 -26.61 9.51 -2.45
CA CYS A 248 -27.64 10.31 -1.78
C CYS A 248 -27.07 11.06 -0.60
N LYS A 249 -26.24 10.40 0.22
CA LYS A 249 -25.70 11.07 1.39
C LYS A 249 -24.83 12.25 0.99
N HIS A 250 -23.97 12.07 0.00
CA HIS A 250 -23.13 13.17 -0.45
C HIS A 250 -23.98 14.34 -0.94
N PHE A 251 -25.03 14.06 -1.70
CA PHE A 251 -25.89 15.14 -2.17
C PHE A 251 -26.51 15.89 -1.01
N ALA A 252 -26.98 15.16 -0.01
CA ALA A 252 -27.57 15.82 1.15
C ALA A 252 -26.58 16.73 1.84
N LYS A 253 -25.31 16.34 1.89
CA LYS A 253 -24.33 17.23 2.53
C LYS A 253 -24.11 18.46 1.69
N ASP A 254 -23.91 18.28 0.38
CA ASP A 254 -23.62 19.43 -0.48
C ASP A 254 -24.76 20.42 -0.50
N LEU A 255 -25.99 19.96 -0.33
CA LEU A 255 -27.10 20.91 -0.34
C LEU A 255 -26.97 21.91 0.81
N LEU A 256 -26.78 21.42 2.02
CA LEU A 256 -26.61 22.32 3.16
C LEU A 256 -25.29 23.07 3.11
N ASP A 257 -24.33 22.60 2.31
CA ASP A 257 -23.05 23.28 2.23
C ASP A 257 -23.24 24.78 1.98
N GLN A 258 -23.96 25.14 0.92
CA GLN A 258 -23.97 26.52 0.43
C GLN A 258 -24.93 27.42 1.20
N THR A 259 -24.71 27.52 2.50
CA THR A 259 -25.35 28.54 3.31
C THR A 259 -24.37 29.67 3.54
N ARG A 260 -24.90 30.81 4.01
CA ARG A 260 -24.07 32.00 4.13
C ARG A 260 -24.21 32.76 5.44
N SER A 261 -25.30 32.57 6.20
CA SER A 261 -25.46 33.30 7.44
C SER A 261 -25.98 32.36 8.51
N SER A 262 -25.54 32.59 9.75
CA SER A 262 -25.84 31.67 10.83
C SER A 262 -27.34 31.54 11.06
N ARG A 263 -28.10 32.60 10.84
CA ARG A 263 -29.54 32.51 11.03
C ARG A 263 -30.16 31.52 10.05
N GLU A 264 -29.70 31.52 8.80
CA GLU A 264 -30.20 30.54 7.85
C GLU A 264 -29.97 29.12 8.36
N LEU A 265 -28.75 28.85 8.82
CA LEU A 265 -28.43 27.51 9.31
C LEU A 265 -29.31 27.16 10.50
N GLU A 266 -29.51 28.11 11.40
CA GLU A 266 -30.27 27.83 12.61
C GLU A 266 -31.74 27.62 12.33
N LEU A 267 -32.28 28.28 11.29
CA LEU A 267 -33.64 27.95 10.87
C LEU A 267 -33.69 26.59 10.18
N ILE A 268 -32.64 26.21 9.47
CA ILE A 268 -32.66 24.88 8.87
C ILE A 268 -32.68 23.81 9.94
N LEU A 269 -31.83 23.95 10.96
CA LEU A 269 -31.70 22.87 11.92
C LEU A 269 -32.87 22.80 12.89
N ASN A 270 -33.50 23.93 13.19
CA ASN A 270 -34.59 23.96 14.17
C ASN A 270 -35.95 23.88 13.47
N PHE A 271 -36.19 22.77 12.79
CA PHE A 271 -37.41 22.61 12.02
C PHE A 271 -38.12 21.33 12.42
N ARG A 272 -39.42 21.28 12.17
CA ARG A 272 -40.23 20.11 12.47
C ARG A 272 -41.55 20.14 11.71
N ASN A 284 -38.69 22.35 21.82
CA ASN A 284 -37.42 21.64 21.65
C ASN A 284 -36.56 22.34 20.61
N GLU A 285 -35.37 21.80 20.38
CA GLU A 285 -34.43 22.38 19.42
C GLU A 285 -33.74 21.28 18.64
N LEU A 286 -33.29 21.63 17.44
CA LEU A 286 -32.45 20.76 16.62
C LEU A 286 -33.16 19.47 16.24
N ALA A 287 -34.47 19.54 16.02
CA ALA A 287 -35.21 18.34 15.61
C ALA A 287 -34.67 17.79 14.30
N ARG A 288 -34.25 18.67 13.39
CA ARG A 288 -33.61 18.21 12.17
C ARG A 288 -32.34 17.43 12.49
N LEU A 289 -31.57 17.90 13.46
CA LEU A 289 -30.34 17.19 13.79
C LEU A 289 -30.65 15.83 14.41
N LYS A 290 -31.68 15.77 15.25
CA LYS A 290 -32.10 14.48 15.78
C LYS A 290 -32.45 13.54 14.65
N LEU A 291 -33.19 14.03 13.66
CA LEU A 291 -33.56 13.17 12.55
C LEU A 291 -32.32 12.71 11.78
N ALA A 292 -31.39 13.62 11.53
CA ALA A 292 -30.19 13.25 10.80
C ALA A 292 -29.45 12.14 11.52
N ILE A 293 -29.27 12.29 12.83
CA ILE A 293 -28.62 11.25 13.62
C ILE A 293 -29.38 9.94 13.49
N LYS A 294 -30.71 10.01 13.60
CA LYS A 294 -31.53 8.81 13.51
C LYS A 294 -31.41 8.15 12.15
N TYR A 295 -31.02 8.89 11.11
CA TYR A 295 -30.88 8.33 9.78
C TYR A 295 -29.43 8.12 9.39
N ARG A 296 -28.50 8.18 10.34
CA ARG A 296 -27.11 7.79 10.13
C ARG A 296 -26.43 8.60 9.04
N GLN A 297 -26.82 9.86 8.87
CA GLN A 297 -26.20 10.73 7.87
C GLN A 297 -24.84 11.18 8.41
N LYS A 298 -23.86 10.28 8.30
CA LYS A 298 -22.54 10.57 8.86
C LYS A 298 -21.91 11.78 8.19
N GLU A 299 -21.94 11.83 6.85
CA GLU A 299 -21.32 12.94 6.17
C GLU A 299 -22.05 14.26 6.36
N PHE A 300 -23.27 14.23 6.90
CA PHE A 300 -24.05 15.44 7.08
C PHE A 300 -23.77 16.09 8.43
N VAL A 301 -23.67 15.29 9.48
CA VAL A 301 -23.43 15.85 10.81
C VAL A 301 -22.01 16.39 10.92
N ALA A 302 -21.05 15.68 10.36
CA ALA A 302 -19.67 16.12 10.48
C ALA A 302 -19.34 17.15 9.43
N GLN A 303 -20.13 18.21 9.35
CA GLN A 303 -19.90 19.21 8.35
C GLN A 303 -19.39 20.48 9.03
N PRO A 304 -18.30 21.06 8.54
CA PRO A 304 -17.58 22.08 9.31
C PRO A 304 -18.39 23.26 9.80
N ASN A 305 -19.65 23.37 9.42
CA ASN A 305 -20.50 24.41 10.00
C ASN A 305 -21.38 23.90 11.12
N CYS A 306 -21.87 22.66 11.04
CA CYS A 306 -22.62 22.12 12.15
C CYS A 306 -21.76 22.06 13.40
N GLN A 307 -20.50 21.65 13.25
CA GLN A 307 -19.63 21.49 14.41
C GLN A 307 -19.41 22.81 15.11
N GLN A 308 -19.32 23.91 14.36
CA GLN A 308 -19.12 25.21 14.98
C GLN A 308 -20.31 25.56 15.87
N LEU A 309 -21.52 25.42 15.34
CA LEU A 309 -22.71 25.74 16.14
C LEU A 309 -22.82 24.84 17.35
N LEU A 310 -22.57 23.55 17.16
CA LEU A 310 -22.69 22.62 18.27
C LEU A 310 -21.68 22.94 19.36
N ALA A 311 -20.43 23.21 18.98
CA ALA A 311 -19.44 23.56 19.99
C ALA A 311 -19.81 24.84 20.69
N SER A 312 -20.32 25.83 19.95
CA SER A 312 -20.68 27.10 20.57
C SER A 312 -21.81 26.92 21.57
N ARG A 313 -22.75 26.04 21.28
CA ARG A 313 -23.83 25.84 22.24
C ARG A 313 -23.46 24.85 23.33
N TRP A 314 -22.35 24.13 23.16
CA TRP A 314 -21.78 23.29 24.20
C TRP A 314 -21.05 24.09 25.26
N TYR A 315 -19.99 24.77 24.86
CA TYR A 315 -19.10 25.38 25.84
C TYR A 315 -19.82 26.48 26.63
N ASP A 316 -20.22 27.55 25.94
CA ASP A 316 -20.83 28.74 26.54
C ASP A 316 -19.88 29.45 27.50
N GLU A 317 -18.58 29.12 27.44
CA GLU A 317 -17.58 29.66 28.37
C GLU A 317 -17.97 29.45 29.82
N ARG A 324 -4.67 29.21 28.48
CA ARG A 324 -5.72 28.34 27.97
C ARG A 324 -5.18 27.44 26.86
N HIS A 325 -4.01 26.83 27.09
CA HIS A 325 -3.42 25.93 26.12
C HIS A 325 -3.37 24.49 26.64
N TRP A 326 -2.71 24.26 27.75
CA TRP A 326 -2.65 22.92 28.33
C TRP A 326 -3.01 22.93 29.81
N ALA A 327 -2.61 23.97 30.54
CA ALA A 327 -2.93 24.09 31.95
C ALA A 327 -3.99 25.15 32.22
N GLY A 328 -4.31 25.99 31.23
CA GLY A 328 -5.37 26.97 31.41
C GLY A 328 -6.73 26.34 31.64
N LYS A 329 -6.91 25.09 31.22
CA LYS A 329 -8.15 24.35 31.40
C LYS A 329 -7.99 23.13 32.29
N LEU A 330 -6.78 22.57 32.37
CA LEU A 330 -6.60 21.28 33.04
C LEU A 330 -6.78 21.39 34.55
N ILE A 331 -6.48 22.53 35.13
CA ILE A 331 -6.72 22.73 36.56
C ILE A 331 -8.15 23.17 36.81
N THR A 332 -8.69 24.01 35.93
CA THR A 332 -10.08 24.44 36.07
C THR A 332 -11.01 23.25 36.11
N CYS A 333 -10.84 22.31 35.18
CA CYS A 333 -11.76 21.19 35.08
C CYS A 333 -11.69 20.32 36.34
N VAL A 334 -10.49 19.95 36.76
CA VAL A 334 -10.40 19.09 37.95
C VAL A 334 -10.95 19.81 39.17
N PHE A 335 -10.62 21.10 39.32
CA PHE A 335 -11.08 21.82 40.50
C PHE A 335 -12.60 21.86 40.54
N ILE A 336 -13.25 22.14 39.40
CA ILE A 336 -14.70 22.15 39.42
C ILE A 336 -15.24 20.73 39.53
N GLY A 337 -14.39 19.73 39.29
CA GLY A 337 -14.81 18.36 39.48
C GLY A 337 -14.81 17.91 40.93
N LEU A 338 -13.89 18.43 41.74
CA LEU A 338 -13.87 18.03 43.14
C LEU A 338 -15.15 18.43 43.86
N MET A 339 -15.42 19.72 43.97
CA MET A 339 -16.54 20.18 44.80
C MET A 339 -17.85 20.15 44.05
N PHE A 340 -18.18 18.99 43.48
CA PHE A 340 -19.43 18.82 42.74
C PHE A 340 -20.67 18.63 43.62
N PRO A 341 -20.61 17.91 44.75
CA PRO A 341 -21.87 17.64 45.46
C PRO A 341 -22.53 18.89 45.99
N LEU A 342 -21.76 19.93 46.26
CA LEU A 342 -22.35 21.20 46.66
C LEU A 342 -23.27 21.72 45.57
N LEU A 343 -22.78 21.71 44.32
CA LEU A 343 -23.61 22.12 43.20
C LEU A 343 -24.83 21.23 43.06
N SER A 344 -24.62 19.92 43.23
CA SER A 344 -25.74 18.99 43.11
C SER A 344 -26.84 19.33 44.10
N LEU A 345 -26.48 19.46 45.38
CA LEU A 345 -27.50 19.73 46.40
C LEU A 345 -28.13 21.10 46.19
N CYS A 346 -27.33 22.10 45.80
CA CYS A 346 -27.87 23.44 45.60
C CYS A 346 -28.94 23.44 44.51
N TYR A 347 -28.64 22.80 43.38
CA TYR A 347 -29.67 22.68 42.35
C TYR A 347 -30.82 21.80 42.83
N LEU A 348 -30.54 20.86 43.73
CA LEU A 348 -31.57 19.94 44.18
C LEU A 348 -32.64 20.67 44.98
N VAL A 349 -32.26 21.25 46.12
CA VAL A 349 -33.26 21.80 47.02
C VAL A 349 -33.72 23.17 46.57
N ALA A 350 -32.82 23.95 45.97
CA ALA A 350 -33.13 25.32 45.54
C ALA A 350 -32.81 25.43 44.05
N PRO A 351 -33.69 24.93 43.19
CA PRO A 351 -33.45 25.06 41.75
C PRO A 351 -33.64 26.49 41.31
N LYS A 352 -32.88 27.39 41.91
CA LYS A 352 -33.05 28.82 41.75
C LYS A 352 -31.95 29.37 40.86
N SER A 353 -31.95 30.69 40.71
CA SER A 353 -30.98 31.37 39.86
C SER A 353 -29.59 31.43 40.47
N ARG A 354 -29.43 31.02 41.73
CA ARG A 354 -28.16 31.16 42.41
C ARG A 354 -27.07 30.38 41.73
N TYR A 355 -27.18 29.05 41.75
CA TYR A 355 -26.18 28.19 41.16
C TYR A 355 -26.77 27.07 40.32
N GLY A 356 -28.09 26.86 40.37
CA GLY A 356 -28.69 25.88 39.49
C GLY A 356 -28.49 26.21 38.04
N LEU A 357 -28.44 27.50 37.70
CA LEU A 357 -28.10 27.91 36.35
C LEU A 357 -26.64 27.67 36.03
N PHE A 358 -25.84 27.19 36.98
CA PHE A 358 -24.48 26.81 36.70
C PHE A 358 -24.31 25.31 36.54
N ILE A 359 -25.40 24.56 36.56
CA ILE A 359 -25.36 23.15 36.20
C ILE A 359 -25.88 22.98 34.78
N ARG A 360 -26.88 23.78 34.42
CA ARG A 360 -27.55 23.59 33.14
C ARG A 360 -26.60 23.72 31.96
N LYS A 361 -25.49 24.42 32.11
CA LYS A 361 -24.49 24.46 31.07
C LYS A 361 -23.94 23.06 30.87
N PRO A 362 -24.05 22.48 29.67
CA PRO A 362 -23.73 21.06 29.52
C PRO A 362 -22.30 20.69 29.86
N PHE A 363 -21.35 21.57 29.57
CA PHE A 363 -19.97 21.25 29.90
C PHE A 363 -19.74 21.10 31.38
N ILE A 364 -20.67 21.54 32.21
CA ILE A 364 -20.55 21.35 33.65
C ILE A 364 -21.25 20.08 34.09
N LYS A 365 -22.41 19.80 33.51
CA LYS A 365 -23.10 18.55 33.80
C LYS A 365 -22.22 17.37 33.44
N PHE A 366 -21.52 17.45 32.32
CA PHE A 366 -20.61 16.36 31.93
C PHE A 366 -19.53 16.15 32.97
N ILE A 367 -18.91 17.24 33.43
CA ILE A 367 -17.84 17.11 34.40
C ILE A 367 -18.37 16.51 35.69
N CYS A 368 -19.53 16.97 36.14
CA CYS A 368 -20.10 16.41 37.36
C CYS A 368 -20.34 14.91 37.22
N HIS A 369 -20.92 14.50 36.10
CA HIS A 369 -21.22 13.09 35.92
C HIS A 369 -19.94 12.25 35.92
N THR A 370 -18.91 12.70 35.20
CA THR A 370 -17.70 11.91 35.16
C THR A 370 -16.98 11.90 36.50
N ALA A 371 -17.10 12.97 37.29
CA ALA A 371 -16.53 12.95 38.62
C ALA A 371 -17.22 11.95 39.51
N SER A 372 -18.55 11.84 39.39
CA SER A 372 -19.27 10.81 40.14
C SER A 372 -18.78 9.43 39.73
N TYR A 373 -18.58 9.21 38.44
CA TYR A 373 -18.10 7.90 37.99
C TYR A 373 -16.73 7.59 38.57
N LEU A 374 -15.82 8.56 38.55
CA LEU A 374 -14.50 8.34 39.11
C LEU A 374 -14.56 8.04 40.59
N THR A 375 -15.46 8.70 41.32
CA THR A 375 -15.62 8.38 42.74
C THR A 375 -16.10 6.95 42.92
N PHE A 376 -17.06 6.51 42.12
CA PHE A 376 -17.50 5.13 42.17
C PHE A 376 -16.33 4.18 42.00
N LEU A 377 -15.49 4.45 41.00
CA LEU A 377 -14.34 3.58 40.76
C LEU A 377 -13.39 3.58 41.95
N PHE A 378 -13.17 4.73 42.56
CA PHE A 378 -12.27 4.79 43.72
C PHE A 378 -12.81 3.96 44.87
N LEU A 379 -14.12 4.04 45.12
CA LEU A 379 -14.70 3.23 46.18
C LEU A 379 -14.56 1.75 45.88
N LEU A 380 -14.80 1.35 44.64
CA LEU A 380 -14.62 -0.05 44.29
C LEU A 380 -13.17 -0.47 44.50
N LEU A 381 -12.22 0.42 44.20
CA LEU A 381 -10.82 0.07 44.39
C LEU A 381 -10.49 -0.15 45.85
N LEU A 382 -10.98 0.71 46.73
CA LEU A 382 -10.65 0.53 48.14
C LEU A 382 -11.55 -0.49 48.82
N ALA A 383 -12.57 -1.00 48.13
CA ALA A 383 -13.46 -1.96 48.75
C ALA A 383 -12.75 -3.25 49.13
N SER A 384 -11.56 -3.49 48.61
CA SER A 384 -10.81 -4.71 48.90
C SER A 384 -9.64 -4.49 49.82
N GLN A 385 -9.49 -3.30 50.38
CA GLN A 385 -8.40 -3.05 51.30
C GLN A 385 -8.58 -3.85 52.58
N HIS A 386 -7.46 -4.17 53.21
CA HIS A 386 -7.51 -4.93 54.45
C HIS A 386 -7.81 -4.06 55.66
N ILE A 387 -7.70 -2.74 55.51
CA ILE A 387 -7.95 -1.84 56.62
C ILE A 387 -9.41 -1.88 57.04
N VAL A 388 -10.30 -1.84 56.07
CA VAL A 388 -11.73 -1.79 56.35
C VAL A 388 -12.18 -3.06 57.07
N ASN A 391 -11.11 -7.61 57.49
CA ASN A 391 -12.01 -8.02 58.56
C ASN A 391 -11.93 -9.54 58.77
N PRO A 392 -12.43 -10.03 59.92
CA PRO A 392 -12.45 -11.48 60.14
C PRO A 392 -13.43 -12.17 59.21
N ASP A 393 -12.92 -12.94 58.25
CA ASP A 393 -13.79 -13.67 57.36
C ASP A 393 -14.55 -14.76 58.11
N ARG A 394 -15.86 -14.77 57.96
CA ARG A 394 -16.75 -15.71 58.63
C ARG A 394 -17.88 -16.03 57.67
N GLN A 395 -18.95 -16.64 58.19
CA GLN A 395 -20.04 -17.13 57.36
C GLN A 395 -21.19 -16.12 57.36
N GLY A 396 -21.60 -15.71 56.16
CA GLY A 396 -22.73 -14.82 55.99
C GLY A 396 -22.64 -13.54 56.81
N PRO A 397 -21.66 -12.70 56.52
CA PRO A 397 -21.51 -11.46 57.29
C PRO A 397 -22.52 -10.42 56.89
N LYS A 398 -22.75 -9.49 57.80
CA LYS A 398 -23.59 -8.34 57.49
C LYS A 398 -22.82 -7.38 56.58
N PRO A 399 -23.53 -6.62 55.76
CA PRO A 399 -22.85 -5.74 54.81
C PRO A 399 -21.87 -4.81 55.51
N THR A 400 -20.70 -4.65 54.89
CA THR A 400 -19.63 -3.89 55.50
C THR A 400 -19.95 -2.40 55.45
N THR A 401 -18.99 -1.59 55.91
CA THR A 401 -19.21 -0.16 55.99
C THR A 401 -19.30 0.51 54.62
N VAL A 402 -18.71 -0.11 53.59
CA VAL A 402 -18.71 0.51 52.26
C VAL A 402 -19.80 -0.04 51.35
N GLU A 403 -20.33 -1.23 51.64
CA GLU A 403 -21.44 -1.73 50.84
C GLU A 403 -22.64 -0.79 50.94
N TRP A 404 -22.94 -0.34 52.16
CA TRP A 404 -23.94 0.69 52.32
C TRP A 404 -23.56 1.97 51.62
N MET A 405 -22.28 2.15 51.31
CA MET A 405 -21.84 3.35 50.63
C MET A 405 -21.98 3.23 49.12
N ILE A 406 -21.82 2.04 48.56
CA ILE A 406 -21.90 1.88 47.12
C ILE A 406 -23.30 1.53 46.65
N LEU A 407 -24.19 1.10 47.54
CA LEU A 407 -25.57 0.82 47.13
C LEU A 407 -26.23 1.96 46.35
N PRO A 408 -26.11 3.23 46.73
CA PRO A 408 -26.75 4.28 45.93
C PRO A 408 -26.27 4.34 44.49
N TRP A 409 -24.98 4.16 44.23
CA TRP A 409 -24.52 4.15 42.84
C TRP A 409 -25.20 3.06 42.02
N VAL A 410 -25.25 1.83 42.53
CA VAL A 410 -25.84 0.77 41.71
C VAL A 410 -27.32 1.03 41.50
N LEU A 411 -28.01 1.50 42.53
CA LEU A 411 -29.43 1.77 42.37
C LEU A 411 -29.67 2.89 41.37
N GLY A 412 -28.89 3.96 41.44
CA GLY A 412 -29.07 5.07 40.52
C GLY A 412 -28.77 4.67 39.09
N PHE A 413 -27.73 3.88 38.90
CA PHE A 413 -27.40 3.41 37.55
C PHE A 413 -28.53 2.58 36.97
N ILE A 414 -29.08 1.67 37.77
CA ILE A 414 -30.14 0.83 37.21
C ILE A 414 -31.39 1.66 36.95
N TRP A 415 -31.67 2.65 37.80
CA TRP A 415 -32.79 3.55 37.53
C TRP A 415 -32.62 4.25 36.20
N THR A 416 -31.44 4.83 35.97
CA THR A 416 -31.19 5.51 34.70
C THR A 416 -31.32 4.55 33.54
N GLU A 417 -30.83 3.33 33.70
CA GLU A 417 -30.89 2.35 32.62
C GLU A 417 -32.33 2.05 32.24
N ILE A 418 -33.16 1.70 33.22
CA ILE A 418 -34.55 1.38 32.89
C ILE A 418 -35.26 2.60 32.31
N LYS A 419 -34.95 3.78 32.85
CA LYS A 419 -35.57 5.01 32.36
C LYS A 419 -35.31 5.19 30.87
N GLN A 420 -34.04 5.08 30.48
CA GLN A 420 -33.65 5.25 29.09
C GLN A 420 -34.12 4.09 28.21
N MET A 421 -34.23 2.90 28.79
CA MET A 421 -34.66 1.74 28.05
C MET A 421 -36.13 1.83 27.68
N TRP A 422 -36.91 2.56 28.48
CA TRP A 422 -38.34 2.73 28.24
C TRP A 422 -38.70 2.99 26.78
N ASP A 423 -37.84 3.71 26.06
CA ASP A 423 -38.13 4.06 24.68
C ASP A 423 -37.83 2.92 23.71
N GLY A 424 -36.57 2.50 23.66
CA GLY A 424 -36.17 1.51 22.66
C GLY A 424 -36.81 0.16 22.89
N GLY A 425 -36.93 -0.25 24.15
CA GLY A 425 -37.61 -1.49 24.48
C GLY A 425 -36.96 -2.71 23.88
N PHE A 426 -35.64 -2.81 24.00
CA PHE A 426 -34.83 -3.92 23.49
C PHE A 426 -34.87 -4.02 21.98
N GLN A 427 -35.47 -3.06 21.29
CA GLN A 427 -35.51 -3.05 19.83
C GLN A 427 -34.96 -1.72 19.36
N ASP A 428 -34.06 -1.77 18.39
CA ASP A 428 -33.32 -0.59 17.94
C ASP A 428 -32.66 0.11 19.13
N TYR A 429 -32.38 -0.66 20.17
CA TYR A 429 -31.82 -0.13 21.40
C TYR A 429 -30.72 -1.03 21.94
N ILE A 430 -30.60 -2.26 21.45
CA ILE A 430 -29.55 -3.18 21.85
C ILE A 430 -28.39 -3.17 20.87
N HIS A 431 -28.57 -2.61 19.68
CA HIS A 431 -27.57 -2.71 18.63
C HIS A 431 -26.22 -2.19 19.11
N ASP A 432 -26.21 -1.06 19.80
CA ASP A 432 -24.98 -0.55 20.39
C ASP A 432 -24.41 -1.56 21.37
N TRP A 433 -23.12 -1.84 21.23
CA TRP A 433 -22.50 -2.82 22.12
C TRP A 433 -22.25 -2.25 23.50
N TRP A 434 -22.03 -0.94 23.60
CA TRP A 434 -21.73 -0.35 24.90
C TRP A 434 -22.87 -0.48 25.88
N ASN A 435 -24.06 -0.81 25.41
CA ASN A 435 -25.24 -0.85 26.28
C ASN A 435 -25.52 -2.25 26.79
N LEU A 436 -25.19 -3.26 26.00
CA LEU A 436 -25.34 -4.63 26.45
C LEU A 436 -24.49 -4.90 27.69
N MET A 437 -23.30 -4.31 27.74
CA MET A 437 -22.48 -4.41 28.94
C MET A 437 -23.19 -3.80 30.14
N ASP A 438 -23.84 -2.65 29.94
CA ASP A 438 -24.56 -2.05 31.06
C ASP A 438 -25.64 -2.99 31.56
N PHE A 439 -26.36 -3.61 30.64
CA PHE A 439 -27.39 -4.56 31.03
C PHE A 439 -26.82 -5.69 31.86
N VAL A 440 -25.73 -6.31 31.38
CA VAL A 440 -25.21 -7.47 32.08
C VAL A 440 -24.63 -7.08 33.44
N MET A 441 -23.96 -5.93 33.52
CA MET A 441 -23.41 -5.51 34.81
C MET A 441 -24.53 -5.32 35.82
N ASN A 442 -25.61 -4.68 35.39
CA ASN A 442 -26.67 -4.40 36.33
C ASN A 442 -27.33 -5.69 36.80
N SER A 443 -27.51 -6.64 35.89
CA SER A 443 -28.06 -7.93 36.31
C SER A 443 -27.14 -8.61 37.31
N LEU A 444 -25.83 -8.54 37.08
CA LEU A 444 -24.90 -9.18 38.00
C LEU A 444 -24.94 -8.53 39.38
N TYR A 445 -25.08 -7.20 39.42
CA TYR A 445 -25.16 -6.52 40.72
C TYR A 445 -26.42 -6.92 41.48
N LEU A 446 -27.55 -7.00 40.77
CA LEU A 446 -28.76 -7.49 41.43
C LEU A 446 -28.56 -8.90 41.95
N ALA A 447 -27.90 -9.75 41.17
CA ALA A 447 -27.65 -11.10 41.61
C ALA A 447 -26.81 -11.12 42.88
N THR A 448 -25.79 -10.29 42.94
CA THR A 448 -24.97 -10.21 44.15
C THR A 448 -25.81 -9.81 45.35
N ILE A 449 -26.67 -8.79 45.17
CA ILE A 449 -27.53 -8.38 46.27
C ILE A 449 -28.35 -9.56 46.75
N SER A 450 -28.97 -10.29 45.82
CA SER A 450 -29.86 -11.38 46.20
C SER A 450 -29.12 -12.49 46.92
N LEU A 451 -27.96 -12.89 46.39
CA LEU A 451 -27.19 -13.95 47.03
C LEU A 451 -26.74 -13.54 48.43
N LYS A 452 -26.27 -12.31 48.59
CA LYS A 452 -25.87 -11.89 49.92
C LYS A 452 -27.04 -11.90 50.89
N ILE A 453 -28.21 -11.45 50.42
CA ILE A 453 -29.41 -11.52 51.25
C ILE A 453 -29.67 -12.95 51.69
N VAL A 454 -29.85 -13.86 50.73
CA VAL A 454 -30.27 -15.21 51.07
C VAL A 454 -29.22 -15.93 51.89
N ALA A 455 -27.96 -15.54 51.76
CA ALA A 455 -26.92 -16.14 52.60
C ALA A 455 -26.97 -15.59 54.01
N TYR A 456 -27.32 -14.32 54.19
CA TYR A 456 -27.27 -13.74 55.52
C TYR A 456 -28.25 -14.42 56.47
N VAL A 457 -29.35 -14.97 55.95
CA VAL A 457 -30.40 -15.49 56.82
C VAL A 457 -30.41 -17.01 56.90
N LYS A 458 -29.57 -17.70 56.13
CA LYS A 458 -29.52 -19.15 56.19
C LYS A 458 -28.44 -19.65 57.15
N TYR A 459 -27.18 -19.29 56.87
CA TYR A 459 -26.05 -19.69 57.70
C TYR A 459 -25.64 -18.49 58.53
N SER A 460 -26.37 -18.28 59.62
CA SER A 460 -26.10 -17.14 60.49
C SER A 460 -25.22 -17.57 61.66
N GLY A 461 -23.97 -17.86 61.34
CA GLY A 461 -23.02 -18.37 62.32
C GLY A 461 -21.61 -17.99 61.98
N CYS A 462 -20.66 -18.88 62.29
CA CYS A 462 -19.26 -18.60 62.11
C CYS A 462 -18.43 -19.89 62.19
N LYS A 463 -17.55 -20.10 61.23
CA LYS A 463 -16.62 -21.22 61.25
C LYS A 463 -15.47 -20.91 60.31
N PRO A 464 -14.32 -21.55 60.47
CA PRO A 464 -13.15 -21.20 59.66
C PRO A 464 -13.45 -21.34 58.17
N ARG A 465 -12.91 -20.40 57.39
CA ARG A 465 -13.22 -20.35 55.97
C ARG A 465 -12.69 -21.59 55.25
N ASP A 466 -11.58 -22.14 55.72
CA ASP A 466 -10.98 -23.29 55.06
C ASP A 466 -11.94 -24.47 54.99
N THR A 467 -12.69 -24.69 56.07
CA THR A 467 -13.59 -25.84 56.14
C THR A 467 -14.98 -25.52 55.61
N TRP A 468 -15.05 -24.95 54.42
CA TRP A 468 -16.29 -24.72 53.74
C TRP A 468 -16.37 -25.69 52.57
N GLU A 469 -17.38 -25.52 51.74
CA GLU A 469 -17.52 -26.33 50.54
C GLU A 469 -17.90 -25.43 49.39
N MET A 470 -17.64 -25.90 48.18
CA MET A 470 -18.03 -25.15 47.00
C MET A 470 -19.54 -24.96 46.99
N TRP A 471 -20.00 -24.06 46.13
CA TRP A 471 -21.40 -23.71 46.01
C TRP A 471 -21.97 -23.14 47.30
N HIS A 472 -21.10 -22.77 48.24
CA HIS A 472 -21.55 -21.99 49.38
C HIS A 472 -21.95 -20.60 48.92
N PRO A 473 -23.03 -20.05 49.44
CA PRO A 473 -23.54 -18.78 48.91
C PRO A 473 -22.55 -17.63 48.99
N THR A 474 -21.72 -17.55 50.02
CA THR A 474 -20.82 -16.42 50.14
C THR A 474 -19.81 -16.39 49.00
N LEU A 475 -19.26 -17.55 48.63
CA LEU A 475 -18.27 -17.58 47.56
C LEU A 475 -18.88 -17.12 46.24
N VAL A 476 -20.10 -17.59 45.95
CA VAL A 476 -20.76 -17.16 44.73
C VAL A 476 -21.10 -15.69 44.81
N ALA A 477 -21.32 -15.17 46.02
CA ALA A 477 -21.58 -13.74 46.16
C ALA A 477 -20.33 -12.91 45.97
N GLU A 478 -19.16 -13.49 46.22
CA GLU A 478 -17.93 -12.73 45.99
C GLU A 478 -17.50 -12.77 44.54
N ALA A 479 -17.65 -13.93 43.89
CA ALA A 479 -17.15 -14.07 42.52
C ALA A 479 -17.84 -13.10 41.58
N VAL A 480 -19.17 -13.07 41.59
CA VAL A 480 -19.88 -12.21 40.66
C VAL A 480 -19.60 -10.75 40.96
N PHE A 481 -19.41 -10.41 42.22
CA PHE A 481 -19.03 -9.04 42.54
C PHE A 481 -17.70 -8.69 41.87
N ALA A 482 -16.74 -9.62 41.90
CA ALA A 482 -15.48 -9.36 41.23
C ALA A 482 -15.68 -9.16 39.73
N ILE A 483 -16.48 -10.01 39.11
CA ILE A 483 -16.71 -9.87 37.67
C ILE A 483 -17.34 -8.52 37.36
N ALA A 484 -18.30 -8.09 38.18
CA ALA A 484 -18.93 -6.80 37.95
C ALA A 484 -17.93 -5.66 38.06
N ASN A 485 -17.00 -5.76 39.02
CA ASN A 485 -15.95 -4.76 39.09
C ASN A 485 -15.15 -4.70 37.80
N ILE A 486 -14.79 -5.87 37.27
CA ILE A 486 -14.06 -5.90 36.01
C ILE A 486 -14.84 -5.16 34.94
N PHE A 487 -16.13 -5.44 34.84
CA PHE A 487 -16.90 -4.89 33.74
C PHE A 487 -17.06 -3.39 33.85
N SER A 488 -17.27 -2.87 35.07
CA SER A 488 -17.39 -1.43 35.22
C SER A 488 -16.08 -0.74 34.85
N SER A 489 -14.97 -1.24 35.39
CA SER A 489 -13.71 -0.59 35.06
C SER A 489 -13.39 -0.68 33.59
N LEU A 490 -13.91 -1.68 32.88
CA LEU A 490 -13.75 -1.69 31.43
C LEU A 490 -14.65 -0.66 30.77
N ARG A 491 -15.87 -0.51 31.27
CA ARG A 491 -16.80 0.46 30.71
C ARG A 491 -16.25 1.87 30.82
N LEU A 492 -15.26 2.07 31.68
CA LEU A 492 -14.61 3.38 31.76
C LEU A 492 -14.18 3.93 30.40
N ILE A 493 -13.69 3.07 29.52
CA ILE A 493 -13.11 3.52 28.25
C ILE A 493 -14.09 4.30 27.39
N SER A 494 -15.39 4.19 27.65
CA SER A 494 -16.39 4.74 26.75
C SER A 494 -16.34 6.24 26.60
N LEU A 495 -15.65 6.95 27.49
CA LEU A 495 -15.63 8.40 27.40
C LEU A 495 -14.40 8.93 26.68
N PHE A 496 -13.53 8.07 26.17
CA PHE A 496 -12.43 8.55 25.37
C PHE A 496 -12.87 9.18 24.07
N THR A 497 -14.10 8.92 23.62
CA THR A 497 -14.56 9.54 22.39
C THR A 497 -14.67 11.05 22.51
N ALA A 498 -14.69 11.57 23.73
CA ALA A 498 -14.80 13.01 23.91
C ALA A 498 -13.48 13.74 23.75
N ASN A 499 -12.36 13.04 23.77
CA ASN A 499 -11.07 13.68 23.58
C ASN A 499 -10.82 13.87 22.09
N SER A 500 -9.59 14.22 21.72
CA SER A 500 -9.28 14.46 20.32
C SER A 500 -8.10 13.64 19.84
N HIS A 501 -7.17 13.34 20.74
CA HIS A 501 -6.03 12.51 20.36
C HIS A 501 -6.31 11.02 20.51
N LEU A 502 -7.18 10.66 21.45
CA LEU A 502 -7.54 9.27 21.65
C LEU A 502 -8.80 8.87 20.91
N GLY A 503 -9.77 9.78 20.78
CA GLY A 503 -11.03 9.50 20.13
C GLY A 503 -10.94 8.74 18.82
N PRO A 504 -10.27 9.32 17.82
CA PRO A 504 -10.21 8.64 16.52
C PRO A 504 -9.62 7.26 16.62
N LEU A 505 -8.57 7.13 17.42
CA LEU A 505 -7.92 5.84 17.58
C LEU A 505 -8.85 4.83 18.24
N GLN A 506 -9.57 5.27 19.26
CA GLN A 506 -10.49 4.37 19.93
C GLN A 506 -11.57 3.88 18.97
N ILE A 507 -12.14 4.77 18.17
CA ILE A 507 -13.16 4.34 17.23
C ILE A 507 -12.58 3.38 16.20
N SER A 508 -11.38 3.70 15.69
CA SER A 508 -10.75 2.84 14.70
C SER A 508 -10.55 1.44 15.26
N LEU A 509 -10.06 1.34 16.49
CA LEU A 509 -9.89 0.03 17.11
C LEU A 509 -11.23 -0.66 17.33
N GLY A 510 -12.27 0.11 17.65
CA GLY A 510 -13.56 -0.49 17.89
C GLY A 510 -14.14 -1.13 16.66
N ARG A 511 -13.98 -0.49 15.50
CA ARG A 511 -14.59 -1.08 14.30
C ARG A 511 -13.82 -2.29 13.80
N MET A 512 -12.53 -2.38 14.10
CA MET A 512 -11.74 -3.53 13.68
C MET A 512 -11.79 -4.63 14.74
N LEU A 513 -13.00 -4.97 15.17
CA LEU A 513 -13.23 -6.11 16.03
C LEU A 513 -14.11 -7.14 15.36
N LEU A 514 -15.13 -6.72 14.64
CA LEU A 514 -15.93 -7.68 13.89
C LEU A 514 -15.11 -8.39 12.84
N ASP A 515 -13.95 -7.86 12.50
CA ASP A 515 -13.03 -8.59 11.64
C ASP A 515 -12.34 -9.73 12.38
N ILE A 516 -12.27 -9.67 13.70
CA ILE A 516 -11.54 -10.68 14.45
C ILE A 516 -12.41 -11.87 14.81
N LEU A 517 -13.68 -11.64 15.14
CA LEU A 517 -14.53 -12.75 15.61
C LEU A 517 -14.56 -13.88 14.61
N LYS A 518 -14.40 -13.58 13.32
CA LYS A 518 -14.34 -14.66 12.34
C LYS A 518 -13.14 -15.56 12.60
N PHE A 519 -12.01 -14.99 12.97
CA PHE A 519 -10.87 -15.84 13.28
C PHE A 519 -11.06 -16.56 14.60
N LEU A 520 -11.61 -15.88 15.59
CA LEU A 520 -11.90 -16.61 16.81
C LEU A 520 -13.02 -17.54 16.68
N PHE A 521 -13.54 -17.70 15.46
CA PHE A 521 -14.47 -18.79 15.17
C PHE A 521 -13.84 -19.89 14.34
N ILE A 522 -12.93 -19.54 13.42
CA ILE A 522 -12.19 -20.59 12.73
C ILE A 522 -11.30 -21.34 13.71
N TYR A 523 -10.72 -20.62 14.67
CA TYR A 523 -9.77 -21.24 15.58
C TYR A 523 -10.43 -22.32 16.43
N CYS A 524 -11.69 -22.11 16.82
CA CYS A 524 -12.36 -23.07 17.68
C CYS A 524 -12.45 -24.44 17.02
N LEU A 525 -12.63 -24.49 15.71
CA LEU A 525 -12.73 -25.77 15.04
C LEU A 525 -11.42 -26.55 15.14
N VAL A 526 -10.30 -25.88 14.89
CA VAL A 526 -9.00 -26.52 15.02
C VAL A 526 -8.81 -27.03 16.44
N LEU A 527 -9.17 -26.20 17.41
CA LEU A 527 -8.99 -26.59 18.80
C LEU A 527 -9.79 -27.84 19.11
N LEU A 528 -11.03 -27.91 18.64
CA LEU A 528 -11.84 -29.11 18.86
C LEU A 528 -11.24 -30.33 18.19
N ALA A 529 -10.74 -30.17 16.96
CA ALA A 529 -10.17 -31.33 16.28
C ALA A 529 -9.03 -31.93 17.07
N PHE A 530 -8.07 -31.10 17.45
CA PHE A 530 -6.92 -31.66 18.15
C PHE A 530 -7.29 -32.14 19.55
N ALA A 531 -8.24 -31.47 20.21
CA ALA A 531 -8.68 -31.97 21.51
C ALA A 531 -9.28 -33.36 21.39
N ASN A 532 -10.16 -33.55 20.41
CA ASN A 532 -10.72 -34.86 20.14
C ASN A 532 -9.63 -35.88 19.97
N GLY A 533 -8.67 -35.61 19.10
CA GLY A 533 -7.63 -36.58 18.85
C GLY A 533 -6.86 -36.96 20.09
N LEU A 534 -6.31 -35.96 20.78
CA LEU A 534 -5.45 -36.25 21.92
C LEU A 534 -6.23 -36.96 23.03
N ASN A 535 -7.45 -36.51 23.29
CA ASN A 535 -8.23 -37.14 24.34
C ASN A 535 -8.51 -38.59 24.00
N GLN A 536 -8.85 -38.88 22.75
CA GLN A 536 -9.06 -40.26 22.36
C GLN A 536 -7.80 -41.08 22.59
N LEU A 537 -6.64 -40.51 22.33
CA LEU A 537 -5.40 -41.27 22.46
C LEU A 537 -5.07 -41.56 23.93
N TYR A 538 -5.12 -40.55 24.78
CA TYR A 538 -4.55 -40.65 26.12
C TYR A 538 -5.52 -41.10 27.20
N PHE A 539 -6.77 -41.35 26.89
CA PHE A 539 -7.66 -41.48 28.05
C PHE A 539 -7.51 -42.76 28.78
N TYR A 540 -6.50 -43.57 28.51
CA TYR A 540 -6.31 -44.84 29.18
C TYR A 540 -5.46 -44.75 30.43
N TYR A 541 -4.93 -43.58 30.75
CA TYR A 541 -3.89 -43.48 31.77
C TYR A 541 -4.25 -42.48 32.84
N GLU A 542 -5.51 -42.48 33.26
CA GLU A 542 -5.96 -41.56 34.31
C GLU A 542 -5.41 -42.07 35.64
N ASN A 543 -4.13 -41.79 35.88
CA ASN A 543 -3.51 -42.37 37.08
C ASN A 543 -4.16 -41.86 38.35
N SER A 544 -3.93 -40.59 38.68
CA SER A 544 -4.53 -39.95 39.86
C SER A 544 -4.40 -40.81 41.13
N GLU A 545 -3.27 -41.49 41.27
CA GLU A 545 -2.98 -42.27 42.48
C GLU A 545 -1.80 -41.66 43.19
N GLY A 546 -1.99 -41.24 44.43
CA GLY A 546 -0.91 -40.66 45.21
C GLY A 546 -0.64 -39.20 44.92
N MET A 547 -1.36 -38.60 43.97
CA MET A 547 -1.20 -37.19 43.65
C MET A 547 -2.30 -36.41 44.35
N THR A 548 -1.89 -35.43 45.17
CA THR A 548 -2.85 -34.63 45.90
C THR A 548 -3.67 -33.75 44.96
N CYS A 549 -2.99 -33.04 44.07
CA CYS A 549 -3.63 -32.14 43.12
C CYS A 549 -3.41 -32.65 41.71
N LYS A 550 -4.49 -32.81 40.97
CA LYS A 550 -4.42 -33.24 39.58
C LYS A 550 -4.70 -32.06 38.67
N GLY A 551 -4.37 -32.24 37.40
CA GLY A 551 -4.62 -31.21 36.41
C GLY A 551 -3.35 -30.54 35.96
N ILE A 552 -3.54 -29.52 35.12
CA ILE A 552 -2.42 -28.76 34.57
C ILE A 552 -2.13 -27.52 35.38
N ARG A 553 -2.73 -27.37 36.56
CA ARG A 553 -2.56 -26.16 37.33
C ARG A 553 -1.66 -26.32 38.54
N CYS A 554 -1.45 -27.53 39.03
CA CYS A 554 -0.64 -27.70 40.22
C CYS A 554 0.84 -27.47 39.89
N GLU A 555 1.69 -27.61 40.90
CA GLU A 555 3.11 -27.33 40.71
C GLU A 555 3.72 -28.28 39.68
N ARG A 556 3.39 -29.56 39.77
CA ARG A 556 3.92 -30.60 38.90
C ARG A 556 2.79 -31.08 38.01
N GLN A 557 2.68 -30.52 36.82
CA GLN A 557 1.53 -30.78 35.97
C GLN A 557 1.46 -32.25 35.57
N ASN A 558 0.25 -32.79 35.60
CA ASN A 558 0.05 -34.19 35.26
C ASN A 558 -1.41 -34.36 34.88
N ASN A 559 -1.71 -35.50 34.26
CA ASN A 559 -3.05 -35.79 33.77
C ASN A 559 -3.53 -34.69 32.85
N ALA A 560 -2.63 -34.21 32.00
CA ALA A 560 -2.96 -33.08 31.16
C ALA A 560 -4.05 -33.42 30.15
N PHE A 561 -4.04 -34.64 29.63
CA PHE A 561 -4.95 -35.00 28.55
C PHE A 561 -5.92 -36.09 28.97
N SER A 562 -6.09 -36.34 30.26
CA SER A 562 -6.90 -37.46 30.71
C SER A 562 -8.34 -37.31 30.24
N THR A 563 -9.03 -36.29 30.70
CA THR A 563 -10.41 -36.05 30.31
C THR A 563 -10.46 -35.02 29.20
N LEU A 564 -11.67 -34.63 28.82
CA LEU A 564 -11.81 -33.74 27.67
C LEU A 564 -11.76 -32.27 28.06
N PHE A 565 -12.40 -31.90 29.18
CA PHE A 565 -12.30 -30.53 29.65
C PHE A 565 -10.85 -30.16 29.94
N GLU A 566 -10.13 -31.04 30.60
CA GLU A 566 -8.72 -30.77 30.86
C GLU A 566 -7.95 -30.68 29.57
N THR A 567 -8.37 -31.42 28.54
CA THR A 567 -7.69 -31.30 27.25
C THR A 567 -7.92 -29.93 26.65
N LEU A 568 -9.14 -29.41 26.70
CA LEU A 568 -9.38 -28.07 26.19
C LEU A 568 -8.52 -27.07 26.92
N GLN A 569 -8.45 -27.18 28.25
CA GLN A 569 -7.61 -26.24 28.99
C GLN A 569 -6.15 -26.37 28.60
N SER A 570 -5.67 -27.60 28.44
CA SER A 570 -4.28 -27.83 28.08
C SER A 570 -3.95 -27.18 26.75
N LEU A 571 -4.83 -27.37 25.78
CA LEU A 571 -4.56 -26.84 24.45
C LEU A 571 -4.77 -25.34 24.38
N PHE A 572 -5.55 -24.76 25.27
CA PHE A 572 -5.66 -23.31 25.25
C PHE A 572 -4.47 -22.66 25.92
N TRP A 573 -3.95 -23.26 26.97
CA TRP A 573 -2.83 -22.64 27.67
C TRP A 573 -1.52 -22.82 26.97
N SER A 574 -1.49 -23.59 25.88
CA SER A 574 -0.25 -23.79 25.13
C SER A 574 0.07 -22.63 24.21
N ILE A 575 -0.88 -21.74 23.96
CA ILE A 575 -0.61 -20.62 23.08
C ILE A 575 0.41 -19.69 23.69
N PHE A 576 0.38 -19.52 25.00
CA PHE A 576 1.30 -18.64 25.69
C PHE A 576 2.49 -19.39 26.26
N GLY A 577 2.67 -20.64 25.89
CA GLY A 577 3.84 -21.39 26.33
C GLY A 577 3.89 -21.60 27.82
N LEU A 578 2.75 -21.88 28.43
CA LEU A 578 2.70 -22.11 29.86
C LEU A 578 2.56 -23.58 30.21
N ILE A 579 2.69 -24.47 29.25
CA ILE A 579 2.56 -25.91 29.47
C ILE A 579 3.91 -26.55 29.23
N SER A 580 4.45 -27.19 30.24
CA SER A 580 5.74 -27.83 30.11
C SER A 580 5.64 -29.02 29.17
N LEU A 581 6.78 -29.62 28.88
CA LEU A 581 6.83 -30.64 27.84
C LEU A 581 6.72 -32.06 28.37
N TYR A 582 6.83 -32.27 29.68
CA TYR A 582 6.77 -33.63 30.17
C TYR A 582 5.35 -34.12 30.34
N VAL A 583 4.34 -33.29 30.09
CA VAL A 583 2.97 -33.72 30.31
C VAL A 583 2.59 -34.88 29.43
N THR A 584 3.32 -35.10 28.35
CA THR A 584 3.00 -36.20 27.42
C THR A 584 3.79 -37.46 27.73
N ASN A 585 3.72 -37.93 28.98
CA ASN A 585 4.36 -39.18 29.36
C ASN A 585 3.40 -40.06 30.12
N VAL A 586 3.77 -41.34 30.19
CA VAL A 586 3.05 -42.34 30.94
C VAL A 586 4.06 -43.14 31.75
N LYS A 587 3.56 -43.85 32.76
CA LYS A 587 4.44 -44.62 33.62
C LYS A 587 5.19 -45.69 32.83
N ALA A 588 4.48 -46.42 31.99
CA ALA A 588 5.14 -47.38 31.12
C ALA A 588 5.97 -46.65 30.07
N ASP A 589 6.88 -47.39 29.45
CA ASP A 589 7.68 -46.84 28.35
C ASP A 589 7.08 -47.26 27.01
N HIS A 590 5.87 -46.79 26.75
CA HIS A 590 5.21 -47.05 25.48
C HIS A 590 5.63 -45.98 24.48
N LYS A 591 6.90 -46.05 24.10
CA LYS A 591 7.52 -44.96 23.35
C LYS A 591 6.75 -44.62 22.08
N PHE A 592 6.06 -45.59 21.49
CA PHE A 592 5.32 -45.29 20.27
C PHE A 592 4.16 -44.34 20.55
N THR A 593 3.36 -44.64 21.57
CA THR A 593 2.25 -43.75 21.89
C THR A 593 2.75 -42.39 22.34
N GLU A 594 3.82 -42.36 23.13
CA GLU A 594 4.37 -41.08 23.56
C GLU A 594 4.84 -40.27 22.38
N PHE A 595 5.49 -40.90 21.41
CA PHE A 595 5.95 -40.17 20.25
C PHE A 595 4.79 -39.63 19.43
N VAL A 596 3.73 -40.43 19.26
CA VAL A 596 2.60 -39.94 18.48
C VAL A 596 1.91 -38.80 19.20
N GLY A 597 1.77 -38.90 20.53
CA GLY A 597 1.18 -37.80 21.26
C GLY A 597 1.99 -36.53 21.12
N ALA A 598 3.31 -36.63 21.25
CA ALA A 598 4.15 -35.46 21.10
C ALA A 598 4.03 -34.88 19.70
N THR A 599 3.88 -35.74 18.70
CA THR A 599 3.76 -35.24 17.33
C THR A 599 2.45 -34.50 17.11
N MET A 600 1.34 -35.01 17.65
CA MET A 600 0.09 -34.26 17.56
C MET A 600 0.24 -32.91 18.23
N PHE A 601 0.84 -32.89 19.42
CA PHE A 601 1.01 -31.64 20.13
C PHE A 601 1.83 -30.66 19.31
N GLY A 602 2.93 -31.11 18.75
CA GLY A 602 3.77 -30.23 17.97
C GLY A 602 3.06 -29.68 16.75
N THR A 603 2.31 -30.54 16.06
CA THR A 603 1.58 -30.06 14.89
C THR A 603 0.58 -29.00 15.28
N TYR A 604 -0.12 -29.22 16.39
CA TYR A 604 -1.08 -28.20 16.81
C TYR A 604 -0.38 -26.89 17.08
N ASN A 605 0.77 -26.93 17.75
CA ASN A 605 1.48 -25.71 18.06
C ASN A 605 1.93 -25.00 16.79
N VAL A 606 2.45 -25.74 15.82
CA VAL A 606 2.88 -25.10 14.58
C VAL A 606 1.71 -24.42 13.91
N ILE A 607 0.62 -25.17 13.71
CA ILE A 607 -0.54 -24.60 13.03
C ILE A 607 -0.97 -23.32 13.71
N SER A 608 -1.29 -23.39 14.99
CA SER A 608 -1.75 -22.18 15.66
C SER A 608 -0.74 -21.06 15.57
N LEU A 609 0.40 -21.19 16.24
CA LEU A 609 1.28 -20.07 16.48
C LEU A 609 2.12 -19.69 15.27
N VAL A 610 1.94 -20.32 14.12
CA VAL A 610 2.66 -19.88 12.93
C VAL A 610 1.77 -19.65 11.73
N VAL A 611 0.60 -20.27 11.63
CA VAL A 611 -0.27 -20.06 10.49
C VAL A 611 -1.54 -19.33 10.88
N LEU A 612 -2.02 -19.47 12.11
CA LEU A 612 -3.22 -18.76 12.51
C LEU A 612 -2.94 -17.53 13.34
N LEU A 613 -1.67 -17.16 13.49
CA LEU A 613 -1.37 -15.91 14.15
C LEU A 613 -0.68 -14.92 13.23
N ASN A 614 -0.15 -15.36 12.11
CA ASN A 614 0.36 -14.44 11.11
C ASN A 614 -0.68 -14.13 10.05
N MET A 615 -1.56 -15.07 9.75
CA MET A 615 -2.70 -14.76 8.90
C MET A 615 -3.70 -13.87 9.61
N LEU A 616 -3.50 -13.57 10.88
CA LEU A 616 -4.33 -12.60 11.55
C LEU A 616 -3.79 -11.19 11.35
N ILE A 617 -2.49 -11.00 11.53
CA ILE A 617 -1.89 -9.70 11.25
C ILE A 617 -2.03 -9.36 9.78
N ALA A 618 -1.74 -10.33 8.91
CA ALA A 618 -1.81 -10.07 7.49
C ALA A 618 -3.21 -9.70 7.05
N MET A 619 -4.22 -10.01 7.85
CA MET A 619 -5.57 -9.60 7.54
C MET A 619 -5.92 -8.27 8.18
N MET A 620 -5.44 -8.04 9.40
CA MET A 620 -5.71 -6.78 10.08
C MET A 620 -5.15 -5.62 9.29
N ASN A 621 -3.97 -5.77 8.69
CA ASN A 621 -3.38 -4.63 7.97
C ASN A 621 -4.28 -4.17 6.83
N ASN A 622 -4.66 -5.09 5.96
CA ASN A 622 -5.49 -4.70 4.82
C ASN A 622 -6.88 -4.31 5.25
N SER A 623 -7.40 -4.86 6.34
CA SER A 623 -8.70 -4.39 6.81
C SER A 623 -8.60 -3.02 7.46
N TYR A 624 -7.43 -2.63 7.93
CA TYR A 624 -7.23 -1.32 8.53
C TYR A 624 -6.93 -0.26 7.50
N GLN A 625 -6.42 -0.63 6.33
CA GLN A 625 -6.15 0.37 5.30
C GLN A 625 -7.40 1.18 4.99
N HIS A 626 -8.52 0.51 4.79
CA HIS A 626 -9.76 1.17 4.43
C HIS A 626 -10.51 1.71 5.63
N ILE A 627 -9.83 1.88 6.76
CA ILE A 627 -10.45 2.48 7.93
C ILE A 627 -9.94 3.89 8.18
N ALA A 628 -8.68 4.17 7.90
CA ALA A 628 -8.12 5.49 8.14
C ALA A 628 -8.56 6.52 7.10
N ASP A 629 -9.40 6.15 6.15
CA ASP A 629 -9.93 7.09 5.16
C ASP A 629 -11.26 7.68 5.58
N HIS A 630 -11.81 7.26 6.72
CA HIS A 630 -13.06 7.81 7.23
C HIS A 630 -12.99 8.01 8.72
N ALA A 631 -11.80 8.35 9.24
CA ALA A 631 -11.63 8.42 10.69
C ALA A 631 -12.34 9.64 11.26
N ASP A 632 -12.04 10.83 10.75
CA ASP A 632 -12.62 12.04 11.32
C ASP A 632 -14.13 12.03 11.23
N ILE A 633 -14.68 11.58 10.11
CA ILE A 633 -16.13 11.57 9.96
C ILE A 633 -16.77 10.76 11.06
N GLU A 634 -16.29 9.53 11.26
CA GLU A 634 -16.93 8.65 12.24
C GLU A 634 -16.70 9.15 13.64
N TRP A 635 -15.50 9.63 13.94
CA TRP A 635 -15.24 10.13 15.29
C TRP A 635 -16.12 11.32 15.61
N LYS A 636 -16.27 12.24 14.67
CA LYS A 636 -17.09 13.41 14.93
C LYS A 636 -18.54 13.02 15.07
N PHE A 637 -19.01 12.05 14.29
CA PHE A 637 -20.37 11.58 14.45
C PHE A 637 -20.60 11.02 15.83
N ALA A 638 -19.66 10.19 16.31
CA ALA A 638 -19.81 9.61 17.64
C ALA A 638 -19.77 10.69 18.72
N ARG A 639 -18.88 11.67 18.56
CA ARG A 639 -18.81 12.74 19.54
C ARG A 639 -20.10 13.52 19.58
N THR A 640 -20.70 13.79 18.43
CA THR A 640 -21.96 14.50 18.42
C THR A 640 -23.06 13.69 19.08
N LYS A 641 -23.10 12.39 18.81
CA LYS A 641 -24.08 11.55 19.49
C LYS A 641 -23.92 11.66 21.00
N LEU A 642 -22.67 11.69 21.48
CA LEU A 642 -22.45 11.85 22.91
C LEU A 642 -22.94 13.22 23.39
N TRP A 643 -22.59 14.27 22.65
CA TRP A 643 -22.89 15.63 23.09
C TRP A 643 -24.38 15.85 23.23
N MET A 644 -25.15 15.41 22.24
CA MET A 644 -26.57 15.71 22.25
C MET A 644 -27.29 15.12 23.46
N SER A 645 -26.71 14.12 24.10
CA SER A 645 -27.34 13.53 25.27
C SER A 645 -27.29 14.43 26.49
N TYR A 646 -26.47 15.47 26.47
CA TYR A 646 -26.32 16.36 27.62
C TYR A 646 -26.92 17.73 27.32
N PHE A 647 -28.04 17.75 26.62
CA PHE A 647 -28.68 19.00 26.23
C PHE A 647 -30.06 19.16 26.85
N GLU A 648 -30.89 18.14 26.75
CA GLU A 648 -32.23 18.21 27.31
C GLU A 648 -32.19 18.13 28.83
N GLU A 649 -33.26 18.60 29.45
CA GLU A 649 -33.39 18.53 30.90
C GLU A 649 -33.89 17.17 31.34
N GLY A 650 -33.23 16.11 30.90
CA GLY A 650 -33.69 14.76 31.19
C GLY A 650 -33.36 14.28 32.59
N GLY A 651 -32.07 14.12 32.88
CA GLY A 651 -31.67 13.67 34.20
C GLY A 651 -31.08 14.76 35.06
N THR A 652 -30.16 15.54 34.48
CA THR A 652 -29.60 16.73 35.10
C THR A 652 -29.01 16.47 36.48
N LEU A 653 -28.79 15.20 36.83
CA LEU A 653 -28.35 14.92 38.18
C LEU A 653 -27.41 13.72 38.22
N PRO A 654 -26.31 13.80 38.95
CA PRO A 654 -25.43 12.66 39.09
C PRO A 654 -26.14 11.51 39.79
N PRO A 655 -25.63 10.29 39.65
CA PRO A 655 -26.36 9.11 40.13
C PRO A 655 -26.70 9.17 41.60
N PRO A 656 -25.74 9.43 42.51
CA PRO A 656 -26.05 9.22 43.94
C PRO A 656 -27.27 9.98 44.41
N PHE A 657 -27.48 11.19 43.90
CA PHE A 657 -28.62 12.01 44.32
C PHE A 657 -29.79 11.82 43.36
N ASN A 658 -30.30 10.60 43.32
CA ASN A 658 -31.42 10.29 42.42
C ASN A 658 -32.62 9.78 43.20
N ILE A 659 -32.97 10.47 44.28
CA ILE A 659 -34.15 10.13 45.08
C ILE A 659 -35.17 11.25 45.05
N ALA A 696 -49.18 31.26 12.38
CA ALA A 696 -48.49 32.06 13.38
C ALA A 696 -47.18 31.41 13.79
N GLU A 697 -47.28 30.29 14.51
CA GLU A 697 -46.12 29.59 15.04
C GLU A 697 -45.75 28.38 14.19
N ASN A 698 -46.68 27.45 13.98
CA ASN A 698 -46.40 26.27 13.19
C ASN A 698 -47.00 26.35 11.80
N VAL A 699 -47.91 27.29 11.56
CA VAL A 699 -48.53 27.44 10.26
C VAL A 699 -47.76 28.47 9.46
N ARG A 700 -47.17 29.43 10.15
CA ARG A 700 -46.49 30.54 9.48
C ARG A 700 -45.01 30.24 9.22
N LEU A 701 -44.31 29.64 10.19
CA LEU A 701 -42.86 29.52 10.10
C LEU A 701 -42.42 28.69 8.90
N ASN A 702 -43.32 27.92 8.30
CA ASN A 702 -42.96 27.23 7.07
C ASN A 702 -42.56 28.22 5.98
N HIS A 703 -43.01 29.46 6.06
CA HIS A 703 -42.75 30.44 5.02
C HIS A 703 -41.25 30.72 4.90
N GLN A 704 -40.62 31.05 6.02
CA GLN A 704 -39.19 31.38 5.99
C GLN A 704 -38.38 30.19 5.51
N TYR A 705 -38.69 29.00 6.01
CA TYR A 705 -37.94 27.81 5.60
C TYR A 705 -38.14 27.51 4.13
N GLN A 706 -39.35 27.76 3.61
CA GLN A 706 -39.59 27.63 2.18
C GLN A 706 -38.70 28.59 1.40
N GLU A 707 -38.61 29.83 1.86
CA GLU A 707 -37.76 30.80 1.18
C GLU A 707 -36.31 30.34 1.19
N VAL A 708 -35.86 29.82 2.32
CA VAL A 708 -34.47 29.38 2.44
C VAL A 708 -34.21 28.21 1.49
N LEU A 709 -35.14 27.27 1.41
CA LEU A 709 -34.97 26.18 0.45
C LEU A 709 -34.86 26.71 -0.97
N ARG A 710 -35.71 27.67 -1.32
CA ARG A 710 -35.64 28.21 -2.67
C ARG A 710 -34.25 28.76 -2.95
N ASN A 711 -33.73 29.56 -2.01
CA ASN A 711 -32.43 30.17 -2.22
C ASN A 711 -31.33 29.13 -2.28
N LEU A 712 -31.37 28.14 -1.40
CA LEU A 712 -30.32 27.13 -1.38
C LEU A 712 -30.32 26.30 -2.66
N VAL A 713 -31.50 25.90 -3.13
CA VAL A 713 -31.56 25.14 -4.37
C VAL A 713 -31.04 25.97 -5.53
N LYS A 714 -31.38 27.26 -5.54
CA LYS A 714 -30.84 28.13 -6.58
C LYS A 714 -29.32 28.13 -6.57
N ARG A 715 -28.72 28.37 -5.41
CA ARG A 715 -27.26 28.41 -5.31
C ARG A 715 -26.65 27.09 -5.76
N TYR A 716 -27.21 25.98 -5.28
CA TYR A 716 -26.64 24.68 -5.61
C TYR A 716 -26.71 24.41 -7.09
N VAL A 717 -27.90 24.56 -7.69
CA VAL A 717 -28.03 24.20 -9.09
C VAL A 717 -27.18 25.10 -9.95
N ALA A 718 -26.96 26.34 -9.52
CA ALA A 718 -26.09 27.22 -10.29
C ALA A 718 -24.64 26.77 -10.19
N ALA A 719 -24.16 26.52 -8.98
CA ALA A 719 -22.73 26.41 -8.75
C ALA A 719 -22.25 24.97 -8.66
N MET A 720 -23.09 23.99 -8.95
CA MET A 720 -22.63 22.62 -8.78
C MET A 720 -22.87 21.77 -10.01
N ILE A 721 -23.91 22.07 -10.78
CA ILE A 721 -24.17 21.27 -11.96
C ILE A 721 -24.25 22.17 -13.18
N ARG A 722 -23.69 23.36 -13.08
CA ARG A 722 -23.51 24.21 -14.25
C ARG A 722 -22.07 24.65 -14.42
N ASP A 723 -21.35 24.89 -13.33
CA ASP A 723 -19.96 25.27 -13.40
C ASP A 723 -19.01 24.13 -13.07
N ALA A 724 -19.52 23.00 -12.65
CA ALA A 724 -18.72 21.79 -12.51
C ALA A 724 -18.94 20.82 -13.65
N LYS A 725 -19.82 21.14 -14.60
CA LYS A 725 -19.98 20.37 -15.81
C LYS A 725 -19.06 20.85 -16.92
N THR A 726 -18.16 21.78 -16.62
CA THR A 726 -17.24 22.32 -17.61
C THR A 726 -15.83 21.79 -17.49
N GLU A 727 -15.40 21.39 -16.30
CA GLU A 727 -14.05 20.86 -16.10
C GLU A 727 -14.12 19.34 -16.05
N GLU A 728 -14.30 18.72 -17.21
CA GLU A 728 -14.38 17.26 -17.30
C GLU A 728 -13.25 16.66 -18.12
N GLY A 729 -13.08 17.06 -19.38
CA GLY A 729 -12.10 16.44 -20.26
C GLY A 729 -12.59 16.26 -21.67
N LEU A 730 -11.70 15.93 -22.60
CA LEU A 730 -12.04 15.79 -24.01
C LEU A 730 -11.84 14.36 -24.46
N THR A 731 -12.69 13.93 -25.40
CA THR A 731 -12.61 12.60 -26.00
C THR A 731 -12.81 12.75 -27.50
N GLU A 732 -12.95 11.63 -28.20
CA GLU A 732 -13.13 11.67 -29.65
C GLU A 732 -14.51 12.20 -30.04
N GLU A 733 -15.49 12.06 -29.16
CA GLU A 733 -16.82 12.59 -29.44
C GLU A 733 -16.80 14.10 -29.64
N ASN A 734 -15.77 14.77 -29.15
CA ASN A 734 -15.62 16.20 -29.37
C ASN A 734 -14.83 16.48 -30.65
N PHE A 735 -13.77 15.71 -30.86
CA PHE A 735 -12.93 15.90 -32.02
C PHE A 735 -13.70 15.70 -33.32
N LYS A 736 -14.59 14.69 -33.34
CA LYS A 736 -15.34 14.42 -34.56
C LYS A 736 -16.22 15.61 -34.93
N GLU A 737 -16.95 16.16 -33.96
CA GLU A 737 -17.79 17.32 -34.24
C GLU A 737 -16.95 18.50 -34.68
N LEU A 738 -15.84 18.75 -34.00
CA LEU A 738 -15.03 19.91 -34.34
C LEU A 738 -14.45 19.79 -35.74
N LYS A 739 -14.14 18.57 -36.18
CA LYS A 739 -13.63 18.39 -37.53
C LYS A 739 -14.74 18.56 -38.56
N GLN A 740 -15.89 17.94 -38.31
CA GLN A 740 -16.95 17.99 -39.32
C GLN A 740 -17.48 19.40 -39.49
N ASP A 741 -17.44 20.22 -38.44
CA ASP A 741 -17.88 21.60 -38.60
C ASP A 741 -17.02 22.34 -39.61
N ILE A 742 -15.69 22.17 -39.51
CA ILE A 742 -14.79 22.78 -40.48
C ILE A 742 -15.08 22.26 -41.87
N SER A 743 -15.28 20.95 -42.00
CA SER A 743 -15.55 20.38 -43.31
C SER A 743 -16.82 20.97 -43.92
N SER A 744 -17.88 21.09 -43.13
CA SER A 744 -19.13 21.64 -43.64
C SER A 744 -18.96 23.10 -44.04
N PHE A 745 -18.23 23.87 -43.24
CA PHE A 745 -17.96 25.26 -43.61
C PHE A 745 -17.24 25.33 -44.94
N ARG A 746 -16.28 24.43 -45.15
CA ARG A 746 -15.54 24.42 -46.41
C ARG A 746 -16.45 24.13 -47.58
N TYR A 747 -17.31 23.11 -47.44
CA TYR A 747 -18.26 22.81 -48.51
C TYR A 747 -19.15 23.99 -48.82
N GLU A 748 -19.66 24.64 -47.79
CA GLU A 748 -20.55 25.78 -48.01
C GLU A 748 -19.85 26.87 -48.80
N VAL A 749 -18.68 27.27 -48.35
CA VAL A 749 -17.99 28.37 -49.02
C VAL A 749 -17.61 27.99 -50.44
N ILE A 750 -17.06 26.79 -50.64
CA ILE A 750 -16.61 26.39 -51.97
C ILE A 750 -17.78 26.31 -52.94
N GLY A 751 -18.88 25.69 -52.50
CA GLY A 751 -20.04 25.60 -53.37
C GLY A 751 -20.68 26.93 -53.67
N MET A 752 -20.69 27.84 -52.69
CA MET A 752 -21.39 29.10 -52.90
C MET A 752 -20.64 30.02 -53.86
N MET A 753 -19.34 29.79 -54.06
CA MET A 753 -18.54 30.64 -54.94
C MET A 753 -18.48 30.11 -56.37
N LYS A 754 -19.39 29.21 -56.74
CA LYS A 754 -19.42 28.68 -58.10
C LYS A 754 -20.75 28.02 -58.39
N LEU B 29 17.95 14.87 -52.09
CA LEU B 29 17.36 15.89 -51.25
C LEU B 29 17.62 17.28 -51.81
N SER B 30 17.23 17.49 -53.06
CA SER B 30 17.39 18.78 -53.69
C SER B 30 16.25 19.71 -53.28
N THR B 31 16.49 21.02 -53.45
CA THR B 31 15.55 22.00 -52.94
C THR B 31 14.15 21.84 -53.54
N GLN B 32 14.08 21.37 -54.79
CA GLN B 32 12.76 21.10 -55.37
C GLN B 32 12.06 19.98 -54.62
N GLU B 33 12.79 18.91 -54.29
CA GLU B 33 12.20 17.82 -53.53
C GLU B 33 11.76 18.27 -52.16
N LYS B 34 12.58 19.07 -51.48
CA LYS B 34 12.21 19.57 -50.17
C LYS B 34 10.95 20.43 -50.26
N SER B 35 10.89 21.31 -51.26
CA SER B 35 9.70 22.14 -51.44
C SER B 35 8.48 21.28 -51.70
N TYR B 36 8.62 20.25 -52.53
CA TYR B 36 7.49 19.39 -52.84
C TYR B 36 7.01 18.63 -51.62
N LEU B 37 7.93 18.11 -50.82
CA LEU B 37 7.54 17.43 -49.58
C LEU B 37 6.83 18.39 -48.63
N SER B 38 7.33 19.62 -48.51
CA SER B 38 6.64 20.58 -47.66
C SER B 38 5.24 20.87 -48.19
N ALA B 39 5.10 20.94 -49.50
CA ALA B 39 3.77 21.17 -50.08
C ALA B 39 2.83 20.02 -49.75
N VAL B 40 3.31 18.79 -49.84
CA VAL B 40 2.47 17.65 -49.48
C VAL B 40 2.10 17.69 -48.01
N GLU B 41 3.07 18.00 -47.15
CA GLU B 41 2.81 17.97 -45.73
C GLU B 41 1.80 19.04 -45.32
N LYS B 42 1.97 20.25 -45.82
CA LYS B 42 1.06 21.32 -45.43
C LYS B 42 -0.34 21.07 -45.98
N GLY B 43 -0.44 20.52 -47.18
CA GLY B 43 -1.74 20.19 -47.71
C GLY B 43 -2.12 20.99 -48.94
N ASP B 44 -1.18 21.78 -49.46
CA ASP B 44 -1.44 22.49 -50.70
C ASP B 44 -1.68 21.50 -51.84
N TYR B 45 -2.64 21.83 -52.70
CA TYR B 45 -3.05 20.92 -53.75
C TYR B 45 -2.52 21.32 -55.12
N ALA B 46 -2.68 22.57 -55.51
CA ALA B 46 -2.20 23.00 -56.80
C ALA B 46 -0.69 22.81 -56.92
N SER B 47 0.03 23.10 -55.84
CA SER B 47 1.48 22.99 -55.88
C SER B 47 1.91 21.56 -56.16
N VAL B 48 1.37 20.60 -55.42
CA VAL B 48 1.75 19.21 -55.62
C VAL B 48 1.31 18.72 -56.98
N LYS B 49 0.14 19.18 -57.45
CA LYS B 49 -0.33 18.76 -58.76
C LYS B 49 0.63 19.19 -59.86
N LEU B 50 0.98 20.48 -59.89
CA LEU B 50 1.90 20.96 -60.91
C LEU B 50 3.29 20.38 -60.71
N ALA B 51 3.67 20.08 -59.47
CA ALA B 51 4.97 19.46 -59.26
C ALA B 51 5.03 18.07 -59.87
N LEU B 52 3.98 17.27 -59.69
CA LEU B 52 3.94 15.98 -60.34
C LEU B 52 3.88 16.11 -61.85
N GLU B 53 3.20 17.14 -62.34
CA GLU B 53 3.21 17.39 -63.78
C GLU B 53 4.63 17.63 -64.28
N GLU B 54 5.29 18.64 -63.73
CA GLU B 54 6.60 19.09 -64.20
C GLU B 54 7.74 18.17 -63.77
N ALA B 55 7.49 17.17 -62.93
CA ALA B 55 8.56 16.27 -62.55
C ALA B 55 8.90 15.29 -63.67
N GLU B 56 7.89 14.75 -64.34
CA GLU B 56 8.14 13.73 -65.35
C GLU B 56 8.91 14.28 -66.54
N ILE B 57 8.55 15.49 -66.98
CA ILE B 57 9.08 16.02 -68.23
C ILE B 57 10.58 16.21 -68.17
N TYR B 58 11.13 16.47 -66.99
CA TYR B 58 12.53 16.82 -66.86
C TYR B 58 13.36 15.79 -66.11
N PHE B 59 12.72 14.92 -65.32
CA PHE B 59 13.41 13.93 -64.49
C PHE B 59 14.43 14.56 -63.56
N LYS B 60 14.28 15.86 -63.28
CA LYS B 60 15.19 16.55 -62.39
C LYS B 60 14.91 16.23 -60.92
N ILE B 61 13.70 15.80 -60.58
CA ILE B 61 13.36 15.43 -59.22
C ILE B 61 12.76 14.04 -59.22
N ASN B 62 12.69 13.45 -58.03
CA ASN B 62 12.11 12.13 -57.85
C ASN B 62 10.87 12.23 -56.97
N ILE B 63 9.80 11.57 -57.41
CA ILE B 63 8.61 11.50 -56.57
C ILE B 63 8.80 10.51 -55.42
N ASN B 64 9.72 9.58 -55.55
CA ASN B 64 9.95 8.55 -54.53
C ASN B 64 11.15 8.86 -53.65
N CYS B 65 11.40 10.13 -53.37
CA CYS B 65 12.45 10.46 -52.43
C CYS B 65 12.06 10.02 -51.02
N ILE B 66 13.03 10.03 -50.12
CA ILE B 66 12.85 9.56 -48.75
C ILE B 66 13.28 10.66 -47.80
N ASP B 67 12.42 10.97 -46.84
CA ASP B 67 12.75 11.95 -45.81
C ASP B 67 13.89 11.43 -44.95
N PRO B 68 14.63 12.34 -44.30
CA PRO B 68 15.59 11.91 -43.28
C PRO B 68 15.00 10.98 -42.23
N LEU B 69 13.69 11.08 -41.96
CA LEU B 69 13.05 10.17 -41.02
C LEU B 69 12.41 8.97 -41.71
N GLY B 70 12.59 8.82 -43.01
CA GLY B 70 12.04 7.69 -43.72
C GLY B 70 10.55 7.78 -43.98
N ARG B 71 10.11 8.89 -44.55
CA ARG B 71 8.70 9.15 -44.80
C ARG B 71 8.55 9.73 -46.20
N THR B 72 8.18 8.89 -47.17
CA THR B 72 7.94 9.40 -48.51
C THR B 72 6.62 10.16 -48.52
N ALA B 73 6.21 10.62 -49.71
CA ALA B 73 5.01 11.43 -49.81
C ALA B 73 3.77 10.64 -49.44
N LEU B 74 3.69 9.40 -49.89
CA LEU B 74 2.49 8.61 -49.64
C LEU B 74 2.29 8.39 -48.14
N LEU B 75 3.36 8.14 -47.41
CA LEU B 75 3.24 7.92 -45.97
C LEU B 75 2.67 9.14 -45.27
N ILE B 76 3.24 10.32 -45.51
CA ILE B 76 2.77 11.50 -44.80
C ILE B 76 1.35 11.85 -45.24
N ALA B 77 1.04 11.64 -46.51
CA ALA B 77 -0.33 11.87 -46.96
C ALA B 77 -1.29 10.95 -46.22
N ILE B 78 -0.92 9.68 -46.05
CA ILE B 78 -1.77 8.75 -45.32
C ILE B 78 -1.91 9.21 -43.88
N GLU B 79 -0.82 9.64 -43.27
CA GLU B 79 -0.85 10.05 -41.87
C GLU B 79 -1.80 11.22 -41.66
N ASN B 80 -1.78 12.20 -42.56
CA ASN B 80 -2.67 13.34 -42.39
C ASN B 80 -4.08 13.09 -42.91
N GLU B 81 -4.31 11.96 -43.58
CA GLU B 81 -5.64 11.59 -44.08
C GLU B 81 -6.17 12.62 -45.07
N ASN B 82 -5.45 12.78 -46.17
CA ASN B 82 -5.85 13.65 -47.27
C ASN B 82 -6.23 12.73 -48.43
N LEU B 83 -7.51 12.37 -48.49
CA LEU B 83 -7.95 11.38 -49.47
C LEU B 83 -7.76 11.87 -50.90
N GLU B 84 -8.04 13.14 -51.15
CA GLU B 84 -7.84 13.67 -52.49
C GLU B 84 -6.37 13.63 -52.88
N ILE B 85 -5.48 14.00 -51.97
CA ILE B 85 -4.05 13.92 -52.25
C ILE B 85 -3.65 12.48 -52.48
N ILE B 86 -4.18 11.57 -51.67
CA ILE B 86 -3.82 10.17 -51.79
C ILE B 86 -4.22 9.63 -53.16
N GLU B 87 -5.44 9.93 -53.59
CA GLU B 87 -5.88 9.47 -54.89
C GLU B 87 -5.05 10.10 -56.00
N LEU B 88 -4.73 11.38 -55.87
CA LEU B 88 -3.92 12.03 -56.89
C LEU B 88 -2.57 11.35 -57.02
N LEU B 89 -1.94 11.06 -55.88
CA LEU B 89 -0.66 10.38 -55.90
C LEU B 89 -0.80 9.00 -56.53
N LEU B 90 -1.83 8.27 -56.14
CA LEU B 90 -2.02 6.92 -56.67
C LEU B 90 -2.16 6.93 -58.18
N SER B 91 -2.90 7.91 -58.71
CA SER B 91 -3.14 7.94 -60.15
C SER B 91 -1.85 8.08 -60.93
N PHE B 92 -0.84 8.75 -60.37
CA PHE B 92 0.44 8.91 -61.05
C PHE B 92 1.41 7.76 -60.77
N ASN B 93 0.92 6.65 -60.24
CA ASN B 93 1.70 5.41 -60.13
C ASN B 93 2.94 5.61 -59.28
N VAL B 94 2.73 5.91 -58.01
CA VAL B 94 3.81 5.99 -57.04
C VAL B 94 3.99 4.61 -56.42
N TYR B 95 5.21 4.30 -55.99
CA TYR B 95 5.47 3.02 -55.34
C TYR B 95 4.73 2.93 -54.02
N VAL B 96 4.14 1.77 -53.75
CA VAL B 96 3.26 1.59 -52.61
C VAL B 96 4.00 1.05 -51.39
N GLY B 97 4.64 -0.12 -51.54
CA GLY B 97 5.30 -0.71 -50.39
C GLY B 97 4.31 -1.02 -49.28
N ASP B 98 4.79 -0.90 -48.04
CA ASP B 98 3.91 -1.18 -46.91
C ASP B 98 3.08 0.05 -46.59
N ALA B 99 2.43 0.62 -47.60
CA ALA B 99 1.48 1.69 -47.34
C ALA B 99 0.17 1.12 -46.83
N LEU B 100 -0.23 -0.03 -47.35
CA LEU B 100 -1.44 -0.68 -46.89
C LEU B 100 -1.35 -0.98 -45.40
N LEU B 101 -0.22 -1.56 -44.98
CA LEU B 101 -0.04 -1.88 -43.57
C LEU B 101 0.04 -0.61 -42.74
N HIS B 102 0.67 0.43 -43.26
CA HIS B 102 0.76 1.67 -42.51
C HIS B 102 -0.62 2.27 -42.29
N ALA B 103 -1.48 2.22 -43.31
CA ALA B 103 -2.83 2.72 -43.16
C ALA B 103 -3.63 1.86 -42.19
N ILE B 104 -3.43 0.55 -42.24
CA ILE B 104 -4.14 -0.32 -41.31
C ILE B 104 -3.73 -0.01 -39.88
N ARG B 105 -2.43 0.17 -39.64
CA ARG B 105 -1.93 0.40 -38.30
C ARG B 105 -2.47 1.69 -37.70
N LYS B 106 -2.90 2.64 -38.52
CA LYS B 106 -3.40 3.92 -38.04
C LYS B 106 -4.90 4.07 -38.27
N GLU B 107 -5.61 2.94 -38.32
CA GLU B 107 -7.08 2.88 -38.33
C GLU B 107 -7.73 3.79 -39.37
N VAL B 108 -7.01 4.21 -40.39
CA VAL B 108 -7.63 5.01 -41.45
C VAL B 108 -8.51 4.09 -42.29
N VAL B 109 -9.74 4.53 -42.58
CA VAL B 109 -10.72 3.63 -43.15
C VAL B 109 -10.77 3.75 -44.67
N GLY B 110 -11.12 4.94 -45.17
CA GLY B 110 -11.26 5.11 -46.60
C GLY B 110 -9.98 4.83 -47.36
N ALA B 111 -8.83 5.17 -46.76
CA ALA B 111 -7.56 4.89 -47.40
C ALA B 111 -7.41 3.42 -47.69
N VAL B 112 -7.93 2.55 -46.82
CA VAL B 112 -7.86 1.11 -47.07
C VAL B 112 -8.63 0.77 -48.34
N GLU B 113 -9.83 1.33 -48.48
CA GLU B 113 -10.62 1.08 -49.68
C GLU B 113 -9.87 1.52 -50.92
N LEU B 114 -9.25 2.69 -50.87
CA LEU B 114 -8.49 3.14 -52.02
C LEU B 114 -7.31 2.23 -52.31
N LEU B 115 -6.60 1.81 -51.27
CA LEU B 115 -5.34 1.10 -51.45
C LEU B 115 -5.56 -0.33 -51.90
N LEU B 116 -6.67 -0.95 -51.53
CA LEU B 116 -6.96 -2.29 -52.05
C LEU B 116 -7.23 -2.25 -53.54
N ASN B 117 -8.21 -1.45 -53.95
CA ASN B 117 -8.60 -1.42 -55.35
C ASN B 117 -7.57 -0.66 -56.17
N HIS B 118 -6.56 -1.38 -56.66
CA HIS B 118 -5.51 -0.78 -57.45
C HIS B 118 -4.71 -1.83 -58.21
N GLN B 135 14.16 -1.72 -49.74
CA GLN B 135 13.72 -2.98 -49.15
C GLN B 135 13.73 -2.88 -47.64
N PHE B 136 13.80 -1.65 -47.13
CA PHE B 136 13.75 -1.40 -45.70
C PHE B 136 12.31 -1.50 -45.25
N SER B 137 11.92 -2.67 -44.79
CA SER B 137 10.57 -2.86 -44.28
C SER B 137 10.41 -2.16 -42.94
N ASP B 138 9.23 -2.28 -42.36
CA ASP B 138 9.00 -1.75 -41.02
C ASP B 138 8.44 -2.84 -40.13
N PHE B 139 7.65 -3.73 -40.71
CA PHE B 139 7.07 -4.84 -39.99
C PHE B 139 7.81 -6.13 -40.31
N THR B 140 7.77 -7.06 -39.38
CA THR B 140 8.45 -8.32 -39.57
C THR B 140 7.87 -9.04 -40.78
N PRO B 141 8.68 -9.78 -41.51
CA PRO B 141 8.22 -10.37 -42.77
C PRO B 141 7.12 -11.41 -42.60
N ASP B 142 6.63 -11.56 -41.37
CA ASP B 142 5.65 -12.58 -41.04
C ASP B 142 4.25 -12.02 -40.83
N ILE B 143 4.02 -10.75 -41.17
CA ILE B 143 2.73 -10.11 -40.95
C ILE B 143 2.01 -9.97 -42.28
N THR B 144 0.78 -10.48 -42.32
CA THR B 144 -0.15 -10.31 -43.42
C THR B 144 -1.25 -9.34 -43.02
N PRO B 145 -1.90 -8.69 -43.98
CA PRO B 145 -2.82 -7.60 -43.63
C PRO B 145 -3.90 -7.99 -42.64
N ILE B 146 -4.47 -9.19 -42.77
CA ILE B 146 -5.53 -9.59 -41.86
C ILE B 146 -5.00 -9.70 -40.44
N ILE B 147 -3.78 -10.20 -40.28
CA ILE B 147 -3.22 -10.35 -38.94
C ILE B 147 -3.08 -9.01 -38.26
N LEU B 148 -2.45 -8.06 -38.94
CA LEU B 148 -2.24 -6.76 -38.34
C LEU B 148 -3.55 -6.04 -38.11
N ALA B 149 -4.54 -6.25 -39.00
CA ALA B 149 -5.86 -5.69 -38.75
C ALA B 149 -6.46 -6.27 -37.48
N ALA B 150 -6.31 -7.57 -37.28
CA ALA B 150 -6.89 -8.20 -36.10
C ALA B 150 -6.20 -7.73 -34.82
N HIS B 151 -4.90 -7.42 -34.91
CA HIS B 151 -4.19 -6.97 -33.71
C HIS B 151 -4.85 -5.75 -33.10
N THR B 152 -5.51 -4.93 -33.92
CA THR B 152 -6.15 -3.69 -33.49
C THR B 152 -7.61 -3.78 -33.85
N ASN B 153 -8.46 -4.02 -32.85
CA ASN B 153 -9.89 -4.20 -33.09
C ASN B 153 -10.44 -3.09 -33.98
N ASN B 154 -10.98 -3.50 -35.12
CA ASN B 154 -11.62 -2.56 -36.03
C ASN B 154 -12.62 -3.37 -36.85
N TYR B 155 -13.89 -3.28 -36.47
CA TYR B 155 -14.91 -4.08 -37.13
C TYR B 155 -15.00 -3.75 -38.61
N GLU B 156 -14.92 -2.47 -38.95
CA GLU B 156 -15.06 -2.07 -40.35
C GLU B 156 -13.96 -2.66 -41.21
N ILE B 157 -12.71 -2.46 -40.81
CA ILE B 157 -11.59 -2.92 -41.61
C ILE B 157 -11.60 -4.44 -41.72
N ILE B 158 -11.87 -5.12 -40.60
CA ILE B 158 -11.89 -6.57 -40.63
C ILE B 158 -12.98 -7.06 -41.58
N LYS B 159 -14.17 -6.46 -41.49
CA LYS B 159 -15.24 -6.88 -42.36
C LYS B 159 -14.95 -6.56 -43.81
N MET B 160 -14.15 -5.53 -44.05
CA MET B 160 -13.78 -5.22 -45.43
C MET B 160 -12.77 -6.22 -45.98
N LEU B 161 -11.81 -6.63 -45.16
CA LEU B 161 -10.83 -7.61 -45.61
C LEU B 161 -11.46 -8.98 -45.79
N VAL B 162 -12.38 -9.38 -44.92
CA VAL B 162 -12.85 -10.75 -44.97
C VAL B 162 -13.60 -11.03 -46.26
N GLN B 163 -14.37 -10.06 -46.73
CA GLN B 163 -15.18 -10.29 -47.94
C GLN B 163 -14.30 -10.52 -49.15
N LYS B 164 -13.12 -9.90 -49.20
CA LYS B 164 -12.19 -10.17 -50.27
C LYS B 164 -11.67 -11.60 -50.20
N GLY B 165 -11.57 -12.16 -49.01
CA GLY B 165 -11.22 -13.56 -48.87
C GLY B 165 -9.78 -13.79 -48.51
N VAL B 166 -9.50 -14.05 -47.23
CA VAL B 166 -8.17 -14.35 -46.73
C VAL B 166 -8.30 -15.45 -45.69
N SER B 167 -7.16 -16.00 -45.29
CA SER B 167 -7.12 -17.01 -44.25
C SER B 167 -5.91 -16.77 -43.36
N VAL B 168 -6.01 -17.27 -42.13
CA VAL B 168 -4.96 -17.15 -41.13
C VAL B 168 -4.45 -18.56 -40.82
N PRO B 169 -3.14 -18.80 -40.82
CA PRO B 169 -2.64 -20.14 -40.54
C PRO B 169 -3.03 -20.59 -39.15
N GLN B 170 -3.31 -21.88 -39.03
CA GLN B 170 -3.53 -22.47 -37.71
C GLN B 170 -2.23 -23.14 -37.29
N PRO B 171 -1.56 -22.67 -36.26
CA PRO B 171 -0.25 -23.24 -35.89
C PRO B 171 -0.38 -24.67 -35.41
N HIS B 172 0.69 -25.44 -35.62
CA HIS B 172 0.72 -26.81 -35.15
C HIS B 172 0.62 -26.85 -33.62
N GLU B 173 -0.19 -27.78 -33.12
CA GLU B 173 -0.51 -27.85 -31.70
C GLU B 173 0.50 -28.71 -30.97
N VAL B 174 0.96 -28.22 -29.82
CA VAL B 174 1.82 -29.00 -28.94
C VAL B 174 1.20 -29.04 -27.55
N VAL B 187 14.71 -24.16 -37.11
CA VAL B 187 16.09 -23.70 -37.26
C VAL B 187 16.22 -22.30 -36.70
N ASP B 188 15.34 -21.41 -37.13
CA ASP B 188 15.31 -20.04 -36.63
C ASP B 188 14.27 -19.99 -35.50
N SER B 189 14.76 -20.19 -34.28
CA SER B 189 13.86 -20.23 -33.13
C SER B 189 13.18 -18.89 -32.92
N LEU B 190 13.93 -17.80 -33.03
CA LEU B 190 13.38 -16.49 -32.73
C LEU B 190 12.21 -16.15 -33.64
N ARG B 191 12.42 -16.27 -34.95
CA ARG B 191 11.38 -15.93 -35.90
C ARG B 191 10.17 -16.83 -35.71
N HIS B 192 10.40 -18.13 -35.51
CA HIS B 192 9.31 -19.07 -35.38
C HIS B 192 8.46 -18.76 -34.15
N SER B 193 9.11 -18.54 -33.01
CA SER B 193 8.36 -18.26 -31.80
C SER B 193 7.58 -16.95 -31.91
N ARG B 194 8.22 -15.92 -32.45
CA ARG B 194 7.52 -14.65 -32.60
C ARG B 194 6.32 -14.78 -33.52
N SER B 195 6.44 -15.59 -34.57
CA SER B 195 5.32 -15.80 -35.47
C SER B 195 4.18 -16.49 -34.75
N ARG B 196 4.47 -17.50 -33.94
CA ARG B 196 3.41 -18.16 -33.20
C ARG B 196 2.72 -17.18 -32.27
N LEU B 197 3.51 -16.33 -31.61
CA LEU B 197 2.90 -15.35 -30.72
C LEU B 197 1.99 -14.41 -31.49
N ASN B 198 2.42 -13.97 -32.67
CA ASN B 198 1.59 -13.07 -33.45
C ASN B 198 0.29 -13.72 -33.84
N ILE B 199 0.34 -14.99 -34.24
CA ILE B 199 -0.89 -15.67 -34.66
C ILE B 199 -1.87 -15.77 -33.50
N TYR B 200 -1.41 -16.26 -32.35
CA TYR B 200 -2.32 -16.34 -31.21
C TYR B 200 -2.83 -14.98 -30.80
N LYS B 201 -1.96 -13.96 -30.78
CA LYS B 201 -2.41 -12.63 -30.42
C LYS B 201 -3.48 -12.14 -31.38
N ALA B 202 -3.45 -12.64 -32.62
CA ALA B 202 -4.48 -12.27 -33.58
C ALA B 202 -5.80 -12.96 -33.28
N LEU B 203 -5.78 -14.29 -33.20
CA LEU B 203 -7.05 -15.02 -33.10
C LEU B 203 -7.82 -14.70 -31.82
N ALA B 204 -7.19 -14.11 -30.82
CA ALA B 204 -7.91 -13.75 -29.60
C ALA B 204 -8.42 -12.31 -29.64
N SER B 205 -9.11 -11.95 -30.72
CA SER B 205 -9.63 -10.60 -30.87
C SER B 205 -11.14 -10.65 -30.95
N PRO B 206 -11.85 -9.94 -30.08
CA PRO B 206 -13.31 -10.05 -30.06
C PRO B 206 -13.97 -9.79 -31.39
N SER B 207 -13.40 -8.89 -32.20
CA SER B 207 -14.00 -8.60 -33.49
C SER B 207 -13.94 -9.80 -34.42
N LEU B 208 -12.74 -10.38 -34.57
CA LEU B 208 -12.60 -11.52 -35.46
C LEU B 208 -13.44 -12.70 -34.99
N ILE B 209 -13.49 -12.92 -33.68
CA ILE B 209 -14.32 -13.99 -33.15
C ILE B 209 -15.78 -13.73 -33.48
N ALA B 210 -16.22 -12.49 -33.32
CA ALA B 210 -17.60 -12.17 -33.67
C ALA B 210 -17.88 -12.43 -35.14
N LEU B 211 -16.90 -12.20 -36.01
CA LEU B 211 -17.15 -12.38 -37.44
C LEU B 211 -17.04 -13.84 -37.86
N SER B 212 -15.85 -14.43 -37.71
CA SER B 212 -15.58 -15.76 -38.25
C SER B 212 -15.59 -16.79 -37.13
N SER B 213 -16.79 -17.15 -36.67
CA SER B 213 -16.89 -18.20 -35.67
C SER B 213 -18.27 -18.82 -35.73
N GLU B 214 -18.33 -20.15 -35.74
CA GLU B 214 -19.60 -20.83 -35.68
C GLU B 214 -20.26 -20.66 -34.32
N ASP B 215 -19.49 -20.85 -33.24
CA ASP B 215 -20.03 -20.72 -31.91
C ASP B 215 -19.04 -19.98 -31.02
N PRO B 216 -19.30 -18.71 -30.71
CA PRO B 216 -18.29 -17.91 -30.00
C PRO B 216 -17.87 -18.49 -28.66
N PHE B 217 -18.82 -19.04 -27.90
CA PHE B 217 -18.50 -19.48 -26.55
C PHE B 217 -17.48 -20.61 -26.56
N LEU B 218 -17.68 -21.59 -27.43
CA LEU B 218 -16.72 -22.69 -27.50
C LEU B 218 -15.37 -22.20 -27.93
N THR B 219 -15.32 -21.24 -28.85
CA THR B 219 -14.04 -20.69 -29.27
C THR B 219 -13.33 -20.03 -28.11
N ALA B 220 -14.06 -19.24 -27.31
CA ALA B 220 -13.44 -18.59 -26.17
C ALA B 220 -12.89 -19.62 -25.19
N PHE B 221 -13.67 -20.66 -24.90
CA PHE B 221 -13.21 -21.65 -23.93
C PHE B 221 -11.97 -22.37 -24.44
N GLN B 222 -12.02 -22.89 -25.68
CA GLN B 222 -10.89 -23.62 -26.22
C GLN B 222 -9.65 -22.75 -26.29
N LEU B 223 -9.81 -21.51 -26.74
CA LEU B 223 -8.66 -20.64 -26.89
C LEU B 223 -8.04 -20.30 -25.54
N SER B 224 -8.89 -20.06 -24.53
CA SER B 224 -8.34 -19.79 -23.20
C SER B 224 -7.56 -20.98 -22.67
N TRP B 225 -8.11 -22.18 -22.85
CA TRP B 225 -7.40 -23.38 -22.38
C TRP B 225 -6.07 -23.55 -23.11
N GLU B 226 -6.07 -23.40 -24.43
CA GLU B 226 -4.83 -23.59 -25.18
C GLU B 226 -3.77 -22.57 -24.78
N LEU B 227 -4.17 -21.32 -24.62
CA LEU B 227 -3.22 -20.29 -24.22
C LEU B 227 -2.69 -20.54 -22.82
N GLN B 228 -3.58 -20.92 -21.89
CA GLN B 228 -3.13 -21.21 -20.54
C GLN B 228 -2.12 -22.35 -20.53
N GLU B 229 -2.37 -23.38 -21.33
CA GLU B 229 -1.43 -24.49 -21.38
C GLU B 229 -0.09 -24.06 -21.98
N LEU B 230 -0.12 -23.28 -23.05
CA LEU B 230 1.15 -22.84 -23.61
C LEU B 230 1.87 -21.86 -22.70
N SER B 231 1.19 -21.27 -21.72
CA SER B 231 1.87 -20.37 -20.81
C SER B 231 2.97 -21.05 -20.02
N LYS B 232 2.96 -22.39 -19.93
CA LYS B 232 3.89 -23.13 -19.09
C LYS B 232 5.06 -23.72 -19.86
N VAL B 233 4.94 -23.90 -21.17
CA VAL B 233 6.00 -24.49 -21.96
C VAL B 233 6.83 -23.42 -22.67
N GLU B 234 6.19 -22.39 -23.20
CA GLU B 234 6.89 -21.25 -23.79
C GLU B 234 7.08 -20.19 -22.71
N ASN B 235 7.82 -20.58 -21.67
CA ASN B 235 7.86 -19.79 -20.45
C ASN B 235 8.63 -18.50 -20.60
N GLU B 236 9.58 -18.40 -21.54
CA GLU B 236 10.29 -17.15 -21.68
C GLU B 236 9.35 -16.01 -22.04
N PHE B 237 8.38 -16.27 -22.92
CA PHE B 237 7.27 -15.36 -23.15
C PHE B 237 6.10 -15.81 -22.28
N LYS B 238 6.13 -15.39 -21.02
CA LYS B 238 5.14 -15.86 -20.06
C LYS B 238 4.05 -14.86 -19.79
N ALA B 239 4.36 -13.57 -19.78
CA ALA B 239 3.35 -12.58 -19.43
C ALA B 239 2.29 -12.44 -20.52
N GLU B 240 2.71 -12.49 -21.78
CA GLU B 240 1.79 -12.26 -22.88
C GLU B 240 0.66 -13.28 -22.87
N TYR B 241 1.00 -14.57 -22.77
CA TYR B 241 -0.04 -15.59 -22.78
C TYR B 241 -0.92 -15.50 -21.54
N GLU B 242 -0.33 -15.28 -20.38
CA GLU B 242 -1.14 -15.13 -19.18
C GLU B 242 -2.05 -13.93 -19.24
N GLU B 243 -1.78 -12.99 -20.14
CA GLU B 243 -2.71 -11.89 -20.30
C GLU B 243 -3.75 -12.17 -21.39
N LEU B 244 -3.36 -12.89 -22.43
CA LEU B 244 -4.33 -13.25 -23.46
C LEU B 244 -5.42 -14.15 -22.90
N SER B 245 -5.06 -15.02 -21.97
CA SER B 245 -6.09 -15.85 -21.33
C SER B 245 -7.10 -14.98 -20.62
N HIS B 246 -6.63 -13.97 -19.89
CA HIS B 246 -7.53 -13.06 -19.20
C HIS B 246 -8.43 -12.36 -20.20
N GLN B 247 -7.86 -11.94 -21.33
CA GLN B 247 -8.65 -11.25 -22.33
C GLN B 247 -9.78 -12.12 -22.85
N CYS B 248 -9.47 -13.37 -23.15
CA CYS B 248 -10.51 -14.28 -23.64
C CYS B 248 -11.60 -14.47 -22.61
N LYS B 249 -11.23 -14.66 -21.35
CA LYS B 249 -12.25 -14.89 -20.33
C LYS B 249 -13.16 -13.68 -20.18
N HIS B 250 -12.58 -12.49 -20.15
CA HIS B 250 -13.41 -11.29 -20.04
C HIS B 250 -14.36 -11.18 -21.22
N PHE B 251 -13.89 -11.45 -22.43
CA PHE B 251 -14.78 -11.38 -23.58
C PHE B 251 -15.92 -12.37 -23.45
N ALA B 252 -15.63 -13.58 -23.00
CA ALA B 252 -16.69 -14.56 -22.83
C ALA B 252 -17.73 -14.08 -21.84
N LYS B 253 -17.32 -13.38 -20.78
CA LYS B 253 -18.31 -12.89 -19.84
C LYS B 253 -19.16 -11.80 -20.46
N ASP B 254 -18.51 -10.83 -21.12
CA ASP B 254 -19.25 -9.71 -21.69
C ASP B 254 -20.23 -10.17 -22.75
N LEU B 255 -19.93 -11.25 -23.46
CA LEU B 255 -20.87 -11.71 -24.47
C LEU B 255 -22.21 -12.09 -23.84
N LEU B 256 -22.18 -12.93 -22.82
CA LEU B 256 -23.42 -13.32 -22.14
C LEU B 256 -24.02 -12.17 -21.36
N ASP B 257 -23.24 -11.12 -21.07
CA ASP B 257 -23.78 -10.00 -20.32
C ASP B 257 -25.10 -9.51 -20.92
N GLN B 258 -25.10 -9.17 -22.21
CA GLN B 258 -26.20 -8.43 -22.81
C GLN B 258 -27.37 -9.33 -23.20
N THR B 259 -27.92 -10.03 -22.22
CA THR B 259 -29.19 -10.70 -22.39
C THR B 259 -30.28 -9.86 -21.75
N ARG B 260 -31.54 -10.19 -22.07
CA ARG B 260 -32.64 -9.36 -21.62
C ARG B 260 -33.83 -10.11 -21.03
N SER B 261 -33.98 -11.40 -21.31
CA SER B 261 -35.12 -12.13 -20.78
C SER B 261 -34.66 -13.49 -20.28
N SER B 262 -35.29 -13.96 -19.21
CA SER B 262 -34.84 -15.17 -18.55
C SER B 262 -34.88 -16.37 -19.48
N ARG B 263 -35.84 -16.41 -20.40
CA ARG B 263 -35.90 -17.54 -21.32
C ARG B 263 -34.66 -17.60 -22.20
N GLU B 264 -34.18 -16.44 -22.68
CA GLU B 264 -32.96 -16.43 -23.45
C GLU B 264 -31.81 -17.04 -22.67
N LEU B 265 -31.65 -16.62 -21.41
CA LEU B 265 -30.57 -17.14 -20.59
C LEU B 265 -30.71 -18.64 -20.40
N GLU B 266 -31.93 -19.10 -20.16
CA GLU B 266 -32.15 -20.51 -19.89
C GLU B 266 -31.93 -21.37 -21.12
N LEU B 267 -32.21 -20.84 -22.31
CA LEU B 267 -31.82 -21.56 -23.52
C LEU B 267 -30.31 -21.54 -23.73
N ILE B 268 -29.64 -20.47 -23.33
CA ILE B 268 -28.19 -20.48 -23.46
C ILE B 268 -27.57 -21.53 -22.57
N LEU B 269 -28.03 -21.61 -21.32
CA LEU B 269 -27.36 -22.50 -20.38
C LEU B 269 -27.71 -23.96 -20.60
N ASN B 270 -28.90 -24.25 -21.11
CA ASN B 270 -29.35 -25.63 -21.29
C ASN B 270 -29.10 -26.10 -22.72
N PHE B 271 -27.83 -26.14 -23.11
CA PHE B 271 -27.47 -26.49 -24.48
C PHE B 271 -26.46 -27.62 -24.48
N ARG B 272 -26.40 -28.33 -25.60
CA ARG B 272 -25.46 -29.44 -25.76
C ARG B 272 -25.29 -29.80 -27.23
N ASN B 284 -30.82 -34.05 -19.07
CA ASN B 284 -30.03 -33.30 -18.10
C ASN B 284 -30.26 -31.80 -18.27
N GLU B 285 -29.60 -31.00 -17.43
CA GLU B 285 -29.75 -29.55 -17.48
C GLU B 285 -28.40 -28.89 -17.24
N LEU B 286 -28.27 -27.67 -17.75
CA LEU B 286 -27.12 -26.82 -17.48
C LEU B 286 -25.82 -27.42 -17.99
N ALA B 287 -25.88 -28.14 -19.11
CA ALA B 287 -24.66 -28.71 -19.68
C ALA B 287 -23.65 -27.64 -20.01
N ARG B 288 -24.11 -26.47 -20.46
CA ARG B 288 -23.21 -25.35 -20.68
C ARG B 288 -22.53 -24.95 -19.39
N LEU B 289 -23.27 -24.94 -18.28
CA LEU B 289 -22.66 -24.56 -17.02
C LEU B 289 -21.64 -25.59 -16.58
N LYS B 290 -21.94 -26.87 -16.78
CA LYS B 290 -20.95 -27.90 -16.49
C LYS B 290 -19.68 -27.66 -17.28
N LEU B 291 -19.83 -27.34 -18.56
CA LEU B 291 -18.65 -27.09 -19.38
C LEU B 291 -17.87 -25.88 -18.87
N ALA B 292 -18.58 -24.81 -18.52
CA ALA B 292 -17.91 -23.62 -18.03
C ALA B 292 -17.10 -23.93 -16.79
N ILE B 293 -17.69 -24.66 -15.85
CA ILE B 293 -16.97 -25.07 -14.65
C ILE B 293 -15.74 -25.89 -15.03
N LYS B 294 -15.93 -26.84 -15.96
CA LYS B 294 -14.82 -27.68 -16.37
C LYS B 294 -13.71 -26.88 -17.03
N TYR B 295 -14.00 -25.70 -17.55
CA TYR B 295 -13.00 -24.88 -18.20
C TYR B 295 -12.58 -23.69 -17.34
N ARG B 296 -12.92 -23.69 -16.05
CA ARG B 296 -12.41 -22.74 -15.07
C ARG B 296 -12.73 -21.30 -15.44
N GLN B 297 -13.87 -21.07 -16.10
CA GLN B 297 -14.28 -19.71 -16.45
C GLN B 297 -14.82 -19.03 -15.20
N LYS B 298 -13.89 -18.56 -14.36
CA LYS B 298 -14.29 -17.97 -13.09
C LYS B 298 -15.14 -16.73 -13.30
N GLU B 299 -14.71 -15.83 -14.20
CA GLU B 299 -15.46 -14.61 -14.40
C GLU B 299 -16.80 -14.84 -15.09
N PHE B 300 -17.04 -16.03 -15.63
CA PHE B 300 -18.27 -16.32 -16.34
C PHE B 300 -19.34 -16.85 -15.40
N VAL B 301 -18.97 -17.73 -14.48
CA VAL B 301 -19.95 -18.30 -13.57
C VAL B 301 -20.42 -17.26 -12.56
N ALA B 302 -19.50 -16.45 -12.06
CA ALA B 302 -19.88 -15.46 -11.05
C ALA B 302 -20.44 -14.22 -11.70
N GLN B 303 -21.45 -14.38 -12.54
CA GLN B 303 -22.01 -13.25 -13.22
C GLN B 303 -23.40 -12.98 -12.67
N PRO B 304 -23.71 -11.74 -12.29
CA PRO B 304 -24.90 -11.48 -11.47
C PRO B 304 -26.22 -11.99 -12.00
N ASN B 305 -26.25 -12.56 -13.20
CA ASN B 305 -27.47 -13.20 -13.66
C ASN B 305 -27.45 -14.71 -13.49
N CYS B 306 -26.30 -15.36 -13.65
CA CYS B 306 -26.23 -16.77 -13.38
C CYS B 306 -26.57 -17.07 -11.93
N GLN B 307 -26.06 -16.24 -11.02
CA GLN B 307 -26.29 -16.48 -9.59
C GLN B 307 -27.76 -16.41 -9.25
N GLN B 308 -28.50 -15.51 -9.89
CA GLN B 308 -29.93 -15.41 -9.61
C GLN B 308 -30.64 -16.70 -9.98
N LEU B 309 -30.39 -17.20 -11.19
CA LEU B 309 -31.04 -18.44 -11.61
C LEU B 309 -30.64 -19.60 -10.73
N LEU B 310 -29.36 -19.70 -10.40
CA LEU B 310 -28.91 -20.81 -9.59
C LEU B 310 -29.54 -20.77 -8.21
N ALA B 311 -29.58 -19.60 -7.59
CA ALA B 311 -30.21 -19.50 -6.28
C ALA B 311 -31.68 -19.84 -6.37
N SER B 312 -32.36 -19.38 -7.42
CA SER B 312 -33.78 -19.67 -7.55
C SER B 312 -34.04 -21.15 -7.70
N ARG B 313 -33.17 -21.86 -8.40
CA ARG B 313 -33.39 -23.29 -8.54
C ARG B 313 -32.84 -24.08 -7.36
N TRP B 314 -32.04 -23.44 -6.51
CA TRP B 314 -31.59 -24.01 -5.25
C TRP B 314 -32.69 -23.99 -4.19
N TYR B 315 -33.12 -22.80 -3.80
CA TYR B 315 -33.99 -22.68 -2.64
C TYR B 315 -35.34 -23.37 -2.89
N ASP B 316 -36.11 -22.86 -3.84
CA ASP B 316 -37.46 -23.31 -4.14
C ASP B 316 -38.42 -23.11 -2.97
N GLU B 317 -38.02 -22.30 -1.99
CA GLU B 317 -38.79 -22.09 -0.77
C GLU B 317 -39.14 -23.39 -0.07
N ARG B 324 -37.70 -13.61 8.93
CA ARG B 324 -36.76 -14.24 8.00
C ARG B 324 -35.50 -13.39 7.87
N HIS B 325 -34.95 -12.95 9.01
CA HIS B 325 -33.72 -12.17 9.01
C HIS B 325 -32.57 -12.92 9.67
N TRP B 326 -32.71 -13.30 10.92
CA TRP B 326 -31.67 -14.05 11.60
C TRP B 326 -32.23 -15.29 12.29
N ALA B 327 -33.44 -15.20 12.85
CA ALA B 327 -34.08 -16.33 13.49
C ALA B 327 -35.22 -16.91 12.67
N GLY B 328 -35.66 -16.21 11.62
CA GLY B 328 -36.70 -16.75 10.76
C GLY B 328 -36.27 -18.00 10.02
N LYS B 329 -34.97 -18.22 9.88
CA LYS B 329 -34.41 -19.39 9.23
C LYS B 329 -33.58 -20.26 10.17
N LEU B 330 -33.02 -19.67 11.23
CA LEU B 330 -32.05 -20.38 12.05
C LEU B 330 -32.70 -21.49 12.87
N ILE B 331 -33.96 -21.34 13.23
CA ILE B 331 -34.67 -22.41 13.93
C ILE B 331 -35.25 -23.40 12.95
N THR B 332 -35.75 -22.93 11.81
CA THR B 332 -36.28 -23.83 10.79
C THR B 332 -35.23 -24.84 10.37
N CYS B 333 -34.01 -24.37 10.09
CA CYS B 333 -32.98 -25.26 9.58
C CYS B 333 -32.62 -26.33 10.61
N VAL B 334 -32.36 -25.92 11.85
CA VAL B 334 -31.98 -26.92 12.85
C VAL B 334 -33.12 -27.90 13.09
N PHE B 335 -34.36 -27.39 13.16
CA PHE B 335 -35.48 -28.28 13.43
C PHE B 335 -35.62 -29.32 12.33
N ILE B 336 -35.52 -28.90 11.07
CA ILE B 336 -35.60 -29.89 10.00
C ILE B 336 -34.35 -30.75 9.97
N GLY B 337 -33.29 -30.31 10.64
CA GLY B 337 -32.10 -31.14 10.73
C GLY B 337 -32.20 -32.25 11.76
N LEU B 338 -32.92 -32.02 12.85
CA LEU B 338 -33.05 -33.08 13.85
C LEU B 338 -33.75 -34.31 13.28
N MET B 339 -35.01 -34.17 12.90
CA MET B 339 -35.80 -35.35 12.51
C MET B 339 -35.57 -35.73 11.06
N PHE B 340 -34.31 -35.92 10.69
CA PHE B 340 -33.96 -36.31 9.33
C PHE B 340 -34.17 -37.79 9.01
N PRO B 341 -33.89 -38.73 9.92
CA PRO B 341 -33.97 -40.14 9.51
C PRO B 341 -35.36 -40.57 9.11
N LEU B 342 -36.39 -39.92 9.65
CA LEU B 342 -37.74 -40.21 9.21
C LEU B 342 -37.89 -39.93 7.72
N LEU B 343 -37.40 -38.76 7.28
CA LEU B 343 -37.43 -38.44 5.87
C LEU B 343 -36.62 -39.43 5.06
N SER B 344 -35.44 -39.80 5.58
CA SER B 344 -34.60 -40.75 4.87
C SER B 344 -35.33 -42.06 4.63
N LEU B 345 -35.89 -42.65 5.69
CA LEU B 345 -36.57 -43.94 5.54
C LEU B 345 -37.81 -43.81 4.66
N CYS B 346 -38.55 -42.71 4.80
CA CYS B 346 -39.76 -42.53 3.99
C CYS B 346 -39.43 -42.51 2.51
N TYR B 347 -38.41 -41.74 2.13
CA TYR B 347 -37.99 -41.77 0.73
C TYR B 347 -37.40 -43.13 0.37
N LEU B 348 -36.83 -43.84 1.35
CA LEU B 348 -36.19 -45.11 1.06
C LEU B 348 -37.22 -46.16 0.64
N VAL B 349 -38.15 -46.48 1.54
CA VAL B 349 -39.04 -47.61 1.27
C VAL B 349 -40.18 -47.20 0.36
N ALA B 350 -40.65 -45.96 0.48
CA ALA B 350 -41.78 -45.46 -0.31
C ALA B 350 -41.34 -44.21 -1.05
N PRO B 351 -40.61 -44.37 -2.15
CA PRO B 351 -40.20 -43.20 -2.93
C PRO B 351 -41.39 -42.59 -3.65
N LYS B 352 -42.39 -42.21 -2.88
CA LYS B 352 -43.68 -41.79 -3.40
C LYS B 352 -43.81 -40.28 -3.27
N SER B 353 -44.99 -39.78 -3.63
CA SER B 353 -45.26 -38.35 -3.61
C SER B 353 -45.46 -37.81 -2.20
N ARG B 354 -45.52 -38.68 -1.19
CA ARG B 354 -45.83 -38.25 0.16
C ARG B 354 -44.79 -37.28 0.68
N TYR B 355 -43.57 -37.77 0.89
CA TYR B 355 -42.49 -36.96 1.42
C TYR B 355 -41.19 -37.13 0.68
N GLY B 356 -41.08 -38.11 -0.23
CA GLY B 356 -39.89 -38.22 -1.04
C GLY B 356 -39.66 -37.00 -1.89
N LEU B 357 -40.74 -36.36 -2.33
CA LEU B 357 -40.61 -35.09 -3.03
C LEU B 357 -40.19 -33.96 -2.11
N PHE B 358 -40.05 -34.21 -0.82
CA PHE B 358 -39.52 -33.22 0.09
C PHE B 358 -38.05 -33.44 0.41
N ILE B 359 -37.42 -34.42 -0.23
CA ILE B 359 -35.97 -34.58 -0.14
C ILE B 359 -35.33 -34.02 -1.41
N ARG B 360 -36.01 -34.20 -2.54
CA ARG B 360 -35.41 -33.84 -3.81
C ARG B 360 -35.05 -32.37 -3.90
N LYS B 361 -35.70 -31.51 -3.12
CA LYS B 361 -35.31 -30.12 -3.06
C LYS B 361 -33.90 -30.04 -2.50
N PRO B 362 -32.94 -29.48 -3.23
CA PRO B 362 -31.53 -29.59 -2.81
C PRO B 362 -31.24 -28.97 -1.46
N PHE B 363 -31.90 -27.86 -1.11
CA PHE B 363 -31.65 -27.26 0.17
C PHE B 363 -32.03 -28.15 1.34
N ILE B 364 -32.78 -29.21 1.08
CA ILE B 364 -33.12 -30.15 2.13
C ILE B 364 -32.13 -31.31 2.16
N LYS B 365 -31.73 -31.78 0.98
CA LYS B 365 -30.70 -32.81 0.92
C LYS B 365 -29.42 -32.33 1.58
N PHE B 366 -29.06 -31.07 1.37
CA PHE B 366 -27.85 -30.54 2.00
C PHE B 366 -27.97 -30.57 3.51
N ILE B 367 -29.11 -30.14 4.04
CA ILE B 367 -29.28 -30.11 5.48
C ILE B 367 -29.22 -31.52 6.04
N CYS B 368 -29.87 -32.48 5.38
CA CYS B 368 -29.82 -33.85 5.86
C CYS B 368 -28.39 -34.37 5.90
N HIS B 369 -27.63 -34.12 4.83
CA HIS B 369 -26.27 -34.62 4.78
C HIS B 369 -25.41 -34.01 5.90
N THR B 370 -25.52 -32.71 6.10
CA THR B 370 -24.70 -32.10 7.13
C THR B 370 -25.14 -32.53 8.53
N ALA B 371 -26.42 -32.82 8.72
CA ALA B 371 -26.85 -33.34 10.01
C ALA B 371 -26.26 -34.72 10.27
N SER B 372 -26.21 -35.55 9.24
CA SER B 372 -25.55 -36.85 9.40
C SER B 372 -24.09 -36.67 9.78
N TYR B 373 -23.42 -35.72 9.14
CA TYR B 373 -22.01 -35.49 9.47
C TYR B 373 -21.84 -35.05 10.92
N LEU B 374 -22.70 -34.14 11.38
CA LEU B 374 -22.61 -33.69 12.76
C LEU B 374 -22.87 -34.83 13.73
N THR B 375 -23.80 -35.72 13.40
CA THR B 375 -24.02 -36.89 14.26
C THR B 375 -22.77 -37.76 14.31
N PHE B 376 -22.13 -37.99 13.18
CA PHE B 376 -20.89 -38.75 13.17
C PHE B 376 -19.88 -38.13 14.12
N LEU B 377 -19.72 -36.81 14.04
CA LEU B 377 -18.77 -36.13 14.91
C LEU B 377 -19.14 -36.30 16.37
N PHE B 378 -20.42 -36.22 16.69
CA PHE B 378 -20.83 -36.38 18.09
C PHE B 378 -20.50 -37.77 18.60
N LEU B 379 -20.74 -38.79 17.79
CA LEU B 379 -20.40 -40.15 18.20
C LEU B 379 -18.91 -40.30 18.41
N LEU B 380 -18.10 -39.74 17.52
CA LEU B 380 -16.67 -39.80 17.71
C LEU B 380 -16.26 -39.10 19.00
N LEU B 381 -16.93 -37.99 19.33
CA LEU B 381 -16.59 -37.28 20.55
C LEU B 381 -16.90 -38.11 21.78
N LEU B 382 -18.05 -38.77 21.82
CA LEU B 382 -18.36 -39.56 23.00
C LEU B 382 -17.71 -40.93 22.98
N ALA B 383 -17.04 -41.30 21.89
CA ALA B 383 -16.41 -42.62 21.82
C ALA B 383 -15.31 -42.78 22.86
N SER B 384 -14.83 -41.70 23.45
CA SER B 384 -13.75 -41.76 24.43
C SER B 384 -14.23 -41.53 25.85
N GLN B 385 -15.53 -41.45 26.07
CA GLN B 385 -16.03 -41.26 27.43
C GLN B 385 -15.75 -42.48 28.28
N HIS B 386 -15.62 -42.26 29.57
CA HIS B 386 -15.36 -43.36 30.49
C HIS B 386 -16.63 -44.12 30.87
N ILE B 387 -17.79 -43.54 30.59
CA ILE B 387 -19.05 -44.19 30.93
C ILE B 387 -19.24 -45.47 30.13
N VAL B 388 -18.97 -45.41 28.83
CA VAL B 388 -19.21 -46.54 27.96
C VAL B 388 -18.30 -47.71 28.33
N ASN B 391 -14.16 -48.64 30.33
CA ASN B 391 -14.21 -50.09 30.44
C ASN B 391 -12.87 -50.64 30.94
N PRO B 392 -12.85 -51.90 31.41
CA PRO B 392 -11.58 -52.49 31.83
C PRO B 392 -10.66 -52.73 30.65
N ASP B 393 -9.56 -51.98 30.57
CA ASP B 393 -8.61 -52.18 29.50
C ASP B 393 -7.91 -53.53 29.65
N ARG B 394 -7.92 -54.31 28.58
CA ARG B 394 -7.34 -55.64 28.55
C ARG B 394 -6.75 -55.85 27.16
N GLN B 395 -6.44 -57.10 26.83
CA GLN B 395 -5.74 -57.42 25.60
C GLN B 395 -6.75 -57.89 24.54
N GLY B 396 -6.72 -57.23 23.38
CA GLY B 396 -7.55 -57.60 22.27
C GLY B 396 -9.03 -57.72 22.59
N PRO B 397 -9.66 -56.61 22.96
CA PRO B 397 -11.08 -56.66 23.32
C PRO B 397 -11.96 -56.75 22.09
N LYS B 398 -13.17 -57.25 22.32
CA LYS B 398 -14.18 -57.25 21.27
C LYS B 398 -14.70 -55.83 21.06
N PRO B 399 -15.16 -55.52 19.85
CA PRO B 399 -15.60 -54.16 19.56
C PRO B 399 -16.66 -53.69 20.54
N THR B 400 -16.52 -52.44 20.98
CA THR B 400 -17.39 -51.91 22.01
C THR B 400 -18.78 -51.64 21.44
N THR B 401 -19.64 -51.06 22.27
CA THR B 401 -21.02 -50.83 21.87
C THR B 401 -21.15 -49.76 20.79
N VAL B 402 -20.18 -48.86 20.69
CA VAL B 402 -20.27 -47.77 19.71
C VAL B 402 -19.50 -48.06 18.42
N GLU B 403 -18.52 -48.97 18.46
CA GLU B 403 -17.83 -49.32 17.23
C GLU B 403 -18.79 -49.91 16.21
N TRP B 404 -19.67 -50.80 16.69
CA TRP B 404 -20.75 -51.28 15.84
C TRP B 404 -21.67 -50.16 15.42
N MET B 405 -21.65 -49.03 16.13
CA MET B 405 -22.51 -47.92 15.77
C MET B 405 -21.86 -47.03 14.71
N ILE B 406 -20.54 -46.90 14.72
CA ILE B 406 -19.88 -46.03 13.77
C ILE B 406 -19.46 -46.76 12.50
N LEU B 407 -19.44 -48.09 12.50
CA LEU B 407 -19.10 -48.82 11.28
C LEU B 407 -19.92 -48.40 10.05
N PRO B 408 -21.23 -48.19 10.13
CA PRO B 408 -21.96 -47.76 8.93
C PRO B 408 -21.47 -46.45 8.35
N TRP B 409 -21.14 -45.46 9.17
CA TRP B 409 -20.60 -44.21 8.61
C TRP B 409 -19.33 -44.44 7.81
N VAL B 410 -18.38 -45.19 8.35
CA VAL B 410 -17.13 -45.35 7.61
C VAL B 410 -17.38 -46.13 6.33
N LEU B 411 -18.23 -47.15 6.38
CA LEU B 411 -18.50 -47.91 5.18
C LEU B 411 -19.20 -47.06 4.12
N GLY B 412 -20.18 -46.26 4.53
CA GLY B 412 -20.88 -45.43 3.58
C GLY B 412 -19.99 -44.38 2.96
N PHE B 413 -19.12 -43.78 3.77
CA PHE B 413 -18.18 -42.80 3.23
C PHE B 413 -17.26 -43.42 2.20
N ILE B 414 -16.73 -44.60 2.49
CA ILE B 414 -15.81 -45.18 1.53
C ILE B 414 -16.55 -45.61 0.26
N TRP B 415 -17.80 -46.06 0.40
CA TRP B 415 -18.60 -46.36 -0.78
C TRP B 415 -18.77 -45.13 -1.66
N THR B 416 -19.17 -44.02 -1.05
CA THR B 416 -19.33 -42.78 -1.82
C THR B 416 -18.03 -42.37 -2.47
N GLU B 417 -16.92 -42.52 -1.75
CA GLU B 417 -15.62 -42.13 -2.29
C GLU B 417 -15.28 -42.92 -3.54
N ILE B 418 -15.36 -44.25 -3.45
CA ILE B 418 -15.02 -45.06 -4.62
C ILE B 418 -15.98 -44.78 -5.76
N LYS B 419 -17.26 -44.58 -5.43
CA LYS B 419 -18.26 -44.30 -6.46
C LYS B 419 -17.89 -43.06 -7.26
N GLN B 420 -17.57 -41.97 -6.54
CA GLN B 420 -17.21 -40.72 -7.19
C GLN B 420 -15.84 -40.79 -7.87
N MET B 421 -14.95 -41.62 -7.34
CA MET B 421 -13.62 -41.75 -7.89
C MET B 421 -13.66 -42.47 -9.23
N TRP B 422 -14.66 -43.31 -9.44
CA TRP B 422 -14.81 -44.06 -10.69
C TRP B 422 -14.56 -43.23 -11.95
N ASP B 423 -14.92 -41.95 -11.92
CA ASP B 423 -14.77 -41.11 -13.10
C ASP B 423 -13.34 -40.59 -13.26
N GLY B 424 -12.86 -39.83 -12.28
CA GLY B 424 -11.56 -39.19 -12.42
C GLY B 424 -10.42 -40.19 -12.48
N GLY B 425 -10.49 -41.24 -11.67
CA GLY B 425 -9.50 -42.29 -11.71
C GLY B 425 -8.11 -41.82 -11.37
N PHE B 426 -7.99 -41.04 -10.29
CA PHE B 426 -6.72 -40.49 -9.80
C PHE B 426 -6.09 -39.52 -10.78
N GLN B 427 -6.77 -39.17 -11.87
CA GLN B 427 -6.26 -38.21 -12.83
C GLN B 427 -7.30 -37.12 -13.00
N ASP B 428 -6.85 -35.87 -12.95
CA ASP B 428 -7.75 -34.71 -12.93
C ASP B 428 -8.79 -34.86 -11.83
N TYR B 429 -8.43 -35.62 -10.79
CA TYR B 429 -9.33 -35.91 -9.69
C TYR B 429 -8.63 -35.80 -8.35
N ILE B 430 -7.30 -35.76 -8.33
CA ILE B 430 -6.53 -35.60 -7.10
C ILE B 430 -6.12 -34.16 -6.88
N HIS B 431 -6.23 -33.31 -7.90
CA HIS B 431 -5.70 -31.95 -7.82
C HIS B 431 -6.28 -31.21 -6.62
N ASP B 432 -7.59 -31.34 -6.40
CA ASP B 432 -8.20 -30.75 -5.21
C ASP B 432 -7.58 -31.34 -3.95
N TRP B 433 -7.19 -30.46 -3.03
CA TRP B 433 -6.56 -30.93 -1.80
C TRP B 433 -7.58 -31.53 -0.84
N TRP B 434 -8.83 -31.06 -0.89
CA TRP B 434 -9.82 -31.55 0.05
C TRP B 434 -10.12 -33.03 -0.13
N ASN B 435 -9.71 -33.61 -1.25
CA ASN B 435 -10.05 -35.00 -1.55
C ASN B 435 -8.94 -35.96 -1.15
N LEU B 436 -7.70 -35.50 -1.20
CA LEU B 436 -6.59 -36.33 -0.75
C LEU B 436 -6.74 -36.67 0.73
N MET B 437 -7.24 -35.72 1.53
CA MET B 437 -7.53 -36.01 2.92
C MET B 437 -8.57 -37.12 3.05
N ASP B 438 -9.60 -37.08 2.21
CA ASP B 438 -10.60 -38.14 2.26
C ASP B 438 -9.97 -39.49 1.99
N PHE B 439 -9.10 -39.54 0.99
CA PHE B 439 -8.41 -40.78 0.67
C PHE B 439 -7.63 -41.29 1.86
N VAL B 440 -6.82 -40.42 2.48
CA VAL B 440 -5.96 -40.89 3.55
C VAL B 440 -6.78 -41.30 4.77
N MET B 441 -7.84 -40.57 5.09
CA MET B 441 -8.67 -40.94 6.23
C MET B 441 -9.26 -42.32 6.02
N ASN B 442 -9.77 -42.56 4.82
CA ASN B 442 -10.43 -43.83 4.58
C ASN B 442 -9.43 -44.98 4.66
N SER B 443 -8.23 -44.77 4.13
CA SER B 443 -7.20 -45.81 4.26
C SER B 443 -6.89 -46.07 5.72
N LEU B 444 -6.79 -45.02 6.52
CA LEU B 444 -6.48 -45.20 7.94
C LEU B 444 -7.58 -45.96 8.66
N TYR B 445 -8.83 -45.69 8.31
CA TYR B 445 -9.94 -46.42 8.95
C TYR B 445 -9.91 -47.90 8.59
N LEU B 446 -9.65 -48.20 7.32
CA LEU B 446 -9.50 -49.61 6.95
C LEU B 446 -8.36 -50.26 7.72
N ALA B 447 -7.25 -49.53 7.87
CA ALA B 447 -6.13 -50.07 8.62
C ALA B 447 -6.52 -50.38 10.06
N THR B 448 -7.27 -49.47 10.69
CA THR B 448 -7.73 -49.72 12.05
C THR B 448 -8.57 -50.97 12.11
N ILE B 449 -9.50 -51.12 11.16
CA ILE B 449 -10.33 -52.32 11.15
C ILE B 449 -9.45 -53.56 11.09
N SER B 450 -8.47 -53.56 10.19
CA SER B 450 -7.64 -54.75 9.99
C SER B 450 -6.82 -55.07 11.23
N LEU B 451 -6.20 -54.05 11.83
CA LEU B 451 -5.39 -54.29 13.02
C LEU B 451 -6.25 -54.81 14.17
N LYS B 452 -7.43 -54.24 14.37
CA LYS B 452 -8.28 -54.73 15.44
C LYS B 452 -8.68 -56.18 15.19
N ILE B 453 -9.00 -56.51 13.94
CA ILE B 453 -9.30 -57.90 13.60
C ILE B 453 -8.14 -58.80 13.99
N VAL B 454 -6.96 -58.55 13.42
CA VAL B 454 -5.85 -59.47 13.60
C VAL B 454 -5.41 -59.53 15.05
N ALA B 455 -5.65 -58.48 15.82
CA ALA B 455 -5.34 -58.54 17.25
C ALA B 455 -6.36 -59.35 18.01
N TYR B 456 -7.62 -59.33 17.61
CA TYR B 456 -8.64 -60.02 18.38
C TYR B 456 -8.40 -61.53 18.41
N VAL B 457 -7.77 -62.08 17.38
CA VAL B 457 -7.65 -63.53 17.27
C VAL B 457 -6.26 -64.05 17.62
N LYS B 458 -5.30 -63.17 17.88
CA LYS B 458 -3.97 -63.62 18.26
C LYS B 458 -3.79 -63.68 19.77
N TYR B 459 -3.95 -62.54 20.44
CA TYR B 459 -3.81 -62.46 21.89
C TYR B 459 -5.21 -62.39 22.49
N SER B 460 -5.83 -63.55 22.61
CA SER B 460 -7.19 -63.62 23.13
C SER B 460 -7.16 -63.95 24.62
N GLY B 461 -6.71 -62.98 25.40
CA GLY B 461 -6.53 -63.15 26.84
C GLY B 461 -6.69 -61.86 27.58
N CYS B 462 -5.91 -61.70 28.66
CA CYS B 462 -6.04 -60.55 29.53
C CYS B 462 -4.81 -60.44 30.44
N LYS B 463 -4.22 -59.26 30.52
CA LYS B 463 -3.13 -58.99 31.45
C LYS B 463 -3.02 -57.48 31.63
N PRO B 464 -2.42 -57.01 32.72
CA PRO B 464 -2.39 -55.57 32.98
C PRO B 464 -1.74 -54.80 31.83
N ARG B 465 -2.31 -53.64 31.53
CA ARG B 465 -1.86 -52.86 30.39
C ARG B 465 -0.41 -52.40 30.57
N ASP B 466 -0.01 -52.13 31.80
CA ASP B 466 1.33 -51.62 32.05
C ASP B 466 2.40 -52.58 31.54
N THR B 467 2.18 -53.88 31.72
CA THR B 467 3.17 -54.88 31.34
C THR B 467 2.99 -55.36 29.91
N TRP B 468 2.88 -54.43 28.98
CA TRP B 468 2.85 -54.74 27.57
C TRP B 468 4.16 -54.29 26.96
N GLU B 469 4.24 -54.36 25.64
CA GLU B 469 5.42 -53.88 24.94
C GLU B 469 4.97 -53.09 23.73
N MET B 470 5.86 -52.23 23.24
CA MET B 470 5.56 -51.48 22.04
C MET B 470 5.31 -52.43 20.88
N TRP B 471 4.75 -51.89 19.80
CA TRP B 471 4.39 -52.64 18.62
C TRP B 471 3.36 -53.72 18.92
N HIS B 472 2.73 -53.66 20.09
CA HIS B 472 1.57 -54.50 20.34
C HIS B 472 0.41 -54.03 19.47
N PRO B 473 -0.34 -54.96 18.88
CA PRO B 473 -1.37 -54.56 17.91
C PRO B 473 -2.41 -53.60 18.45
N THR B 474 -2.81 -53.71 19.71
CA THR B 474 -3.86 -52.84 20.23
C THR B 474 -3.42 -51.39 20.24
N LEU B 475 -2.18 -51.12 20.64
CA LEU B 475 -1.71 -49.74 20.68
C LEU B 475 -1.69 -49.13 19.29
N VAL B 476 -1.22 -49.88 18.30
CA VAL B 476 -1.22 -49.37 16.94
C VAL B 476 -2.64 -49.22 16.44
N ALA B 477 -3.57 -50.02 16.95
CA ALA B 477 -4.96 -49.86 16.56
C ALA B 477 -5.60 -48.64 17.20
N GLU B 478 -5.08 -48.20 18.33
CA GLU B 478 -5.64 -46.99 18.95
C GLU B 478 -5.06 -45.73 18.33
N ALA B 479 -3.76 -45.74 18.04
CA ALA B 479 -3.10 -44.52 17.55
C ALA B 479 -3.71 -44.06 16.24
N VAL B 480 -3.81 -44.95 15.26
CA VAL B 480 -4.32 -44.54 13.97
C VAL B 480 -5.77 -44.11 14.07
N PHE B 481 -6.54 -44.74 14.96
CA PHE B 481 -7.90 -44.28 15.16
C PHE B 481 -7.91 -42.84 15.64
N ALA B 482 -7.00 -42.49 16.56
CA ALA B 482 -6.93 -41.11 17.01
C ALA B 482 -6.60 -40.17 15.85
N ILE B 483 -5.63 -40.55 15.03
CA ILE B 483 -5.25 -39.68 13.91
C ILE B 483 -6.43 -39.49 12.97
N ALA B 484 -7.18 -40.56 12.70
CA ALA B 484 -8.33 -40.45 11.82
C ALA B 484 -9.38 -39.50 12.41
N ASN B 485 -9.58 -39.55 13.73
CA ASN B 485 -10.48 -38.59 14.35
C ASN B 485 -10.03 -37.17 14.09
N ILE B 486 -8.73 -36.92 14.25
CA ILE B 486 -8.21 -35.58 13.99
C ILE B 486 -8.56 -35.16 12.58
N PHE B 487 -8.33 -36.04 11.62
CA PHE B 487 -8.50 -35.65 10.23
C PHE B 487 -9.94 -35.39 9.87
N SER B 488 -10.87 -36.20 10.39
CA SER B 488 -12.28 -35.95 10.12
C SER B 488 -12.72 -34.61 10.70
N SER B 489 -12.38 -34.37 11.97
CA SER B 489 -12.79 -33.11 12.55
C SER B 489 -12.16 -31.92 11.86
N LEU B 490 -11.00 -32.10 11.23
CA LEU B 490 -10.47 -31.01 10.42
C LEU B 490 -11.24 -30.86 9.11
N ARG B 491 -11.63 -31.97 8.50
CA ARG B 491 -12.38 -31.93 7.26
C ARG B 491 -13.71 -31.21 7.46
N LEU B 492 -14.14 -31.07 8.69
CA LEU B 492 -15.36 -30.29 8.96
C LEU B 492 -15.36 -28.92 8.29
N ILE B 493 -14.22 -28.25 8.26
CA ILE B 493 -14.15 -26.86 7.78
C ILE B 493 -14.63 -26.70 6.35
N SER B 494 -14.68 -27.79 5.58
CA SER B 494 -14.93 -27.69 4.15
C SER B 494 -16.27 -27.10 3.79
N LEU B 495 -17.22 -27.02 4.72
CA LEU B 495 -18.53 -26.51 4.38
C LEU B 495 -18.70 -25.04 4.72
N PHE B 496 -17.66 -24.37 5.21
CA PHE B 496 -17.77 -22.94 5.40
C PHE B 496 -17.91 -22.17 4.12
N THR B 497 -17.58 -22.77 2.97
CA THR B 497 -17.74 -22.06 1.72
C THR B 497 -19.19 -21.76 1.41
N ALA B 498 -20.12 -22.45 2.07
CA ALA B 498 -21.53 -22.22 1.81
C ALA B 498 -22.08 -20.99 2.53
N ASN B 499 -21.37 -20.47 3.52
CA ASN B 499 -21.82 -19.28 4.22
C ASN B 499 -21.45 -18.05 3.40
N SER B 500 -21.57 -16.87 3.99
CA SER B 500 -21.28 -15.64 3.28
C SER B 500 -20.28 -14.76 4.01
N HIS B 501 -20.27 -14.84 5.34
CA HIS B 501 -19.30 -14.06 6.11
C HIS B 501 -17.98 -14.80 6.30
N LEU B 502 -18.03 -16.13 6.34
CA LEU B 502 -16.82 -16.92 6.47
C LEU B 502 -16.26 -17.39 5.15
N GLY B 503 -17.11 -17.68 4.17
CA GLY B 503 -16.69 -18.17 2.87
C GLY B 503 -15.50 -17.46 2.25
N PRO B 504 -15.64 -16.16 1.98
CA PRO B 504 -14.55 -15.44 1.33
C PRO B 504 -13.27 -15.52 2.12
N LEU B 505 -13.37 -15.40 3.43
CA LEU B 505 -12.19 -15.45 4.28
C LEU B 505 -11.54 -16.83 4.22
N GLN B 506 -12.35 -17.88 4.25
CA GLN B 506 -11.81 -19.22 4.18
C GLN B 506 -11.06 -19.45 2.88
N ILE B 507 -11.64 -19.02 1.76
CA ILE B 507 -10.96 -19.20 0.48
C ILE B 507 -9.67 -18.40 0.45
N SER B 508 -9.71 -17.16 0.94
CA SER B 508 -8.52 -16.32 0.95
C SER B 508 -7.40 -16.98 1.74
N LEU B 509 -7.73 -17.52 2.91
CA LEU B 509 -6.72 -18.21 3.70
C LEU B 509 -6.24 -19.47 2.99
N GLY B 510 -7.12 -20.15 2.28
CA GLY B 510 -6.72 -21.37 1.60
C GLY B 510 -5.72 -21.11 0.51
N ARG B 511 -5.89 -20.03 -0.25
CA ARG B 511 -4.94 -19.81 -1.35
C ARG B 511 -3.60 -19.32 -0.86
N MET B 512 -3.54 -18.68 0.31
CA MET B 512 -2.28 -18.21 0.85
C MET B 512 -1.63 -19.29 1.72
N LEU B 513 -1.54 -20.49 1.17
CA LEU B 513 -0.80 -21.58 1.78
C LEU B 513 0.36 -22.03 0.92
N LEU B 514 0.16 -22.10 -0.39
CA LEU B 514 1.28 -22.42 -1.26
C LEU B 514 2.37 -21.37 -1.19
N ASP B 515 2.06 -20.19 -0.66
CA ASP B 515 3.10 -19.22 -0.38
C ASP B 515 3.94 -19.60 0.83
N ILE B 516 3.41 -20.42 1.72
CA ILE B 516 4.12 -20.75 2.95
C ILE B 516 5.05 -21.93 2.78
N LEU B 517 4.65 -22.95 2.01
CA LEU B 517 5.46 -24.15 1.92
C LEU B 517 6.88 -23.84 1.48
N LYS B 518 7.07 -22.78 0.70
CA LYS B 518 8.43 -22.39 0.34
C LYS B 518 9.24 -22.04 1.57
N PHE B 519 8.64 -21.35 2.53
CA PHE B 519 9.39 -21.05 3.74
C PHE B 519 9.57 -22.29 4.60
N LEU B 520 8.56 -23.13 4.68
CA LEU B 520 8.78 -24.37 5.42
C LEU B 520 9.63 -25.31 4.69
N PHE B 521 10.19 -24.89 3.55
CA PHE B 521 11.25 -25.64 2.91
C PHE B 521 12.61 -24.98 3.05
N ILE B 522 12.67 -23.65 3.06
CA ILE B 522 13.94 -23.00 3.38
C ILE B 522 14.33 -23.29 4.82
N TYR B 523 13.35 -23.34 5.72
CA TYR B 523 13.66 -23.50 7.13
C TYR B 523 14.32 -24.84 7.42
N CYS B 524 13.92 -25.88 6.69
CA CYS B 524 14.46 -27.21 6.94
C CYS B 524 15.97 -27.23 6.74
N LEU B 525 16.47 -26.49 5.77
CA LEU B 525 17.91 -26.48 5.52
C LEU B 525 18.67 -25.91 6.71
N VAL B 526 18.19 -24.78 7.24
CA VAL B 526 18.81 -24.19 8.42
C VAL B 526 18.79 -25.17 9.57
N LEU B 527 17.65 -25.82 9.76
CA LEU B 527 17.52 -26.76 10.87
C LEU B 527 18.54 -27.88 10.73
N LEU B 528 18.70 -28.42 9.52
CA LEU B 528 19.69 -29.47 9.32
C LEU B 528 21.11 -28.98 9.58
N ALA B 529 21.43 -27.77 9.13
CA ALA B 529 22.79 -27.27 9.34
C ALA B 529 23.12 -27.22 10.81
N PHE B 530 22.26 -26.59 11.59
CA PHE B 530 22.60 -26.45 13.01
C PHE B 530 22.53 -27.79 13.73
N ALA B 531 21.61 -28.68 13.33
CA ALA B 531 21.59 -30.01 13.93
C ALA B 531 22.89 -30.73 13.70
N ASN B 532 23.37 -30.73 12.45
CA ASN B 532 24.65 -31.31 12.13
C ASN B 532 25.73 -30.78 13.03
N GLY B 533 25.84 -29.46 13.13
CA GLY B 533 26.89 -28.88 13.94
C GLY B 533 26.85 -29.32 15.38
N LEU B 534 25.70 -29.11 16.02
CA LEU B 534 25.61 -29.40 17.45
C LEU B 534 25.82 -30.88 17.74
N ASN B 535 25.25 -31.75 16.91
CA ASN B 535 25.42 -33.17 17.14
C ASN B 535 26.87 -33.56 17.01
N GLN B 536 27.57 -33.03 16.01
CA GLN B 536 28.99 -33.32 15.89
C GLN B 536 29.74 -32.88 17.13
N LEU B 537 29.36 -31.75 17.70
CA LEU B 537 30.10 -31.24 18.86
C LEU B 537 29.86 -32.09 20.11
N TYR B 538 28.61 -32.41 20.41
CA TYR B 538 28.25 -32.95 21.71
C TYR B 538 28.23 -34.48 21.78
N PHE B 539 28.50 -35.18 20.71
CA PHE B 539 28.16 -36.61 20.82
C PHE B 539 29.10 -37.38 21.68
N TYR B 540 30.01 -36.76 22.41
CA TYR B 540 30.96 -37.47 23.23
C TYR B 540 30.47 -37.71 24.65
N TYR B 541 29.30 -37.22 25.01
CA TYR B 541 28.90 -37.18 26.41
C TYR B 541 27.56 -37.85 26.63
N GLU B 542 27.34 -38.98 25.97
CA GLU B 542 26.08 -39.72 26.13
C GLU B 542 26.11 -40.40 27.49
N ASN B 543 25.84 -39.62 28.54
CA ASN B 543 25.98 -40.18 29.88
C ASN B 543 25.01 -41.33 30.12
N SER B 544 23.73 -41.02 30.23
CA SER B 544 22.67 -42.02 30.42
C SER B 544 23.02 -43.05 31.51
N GLU B 545 23.67 -42.59 32.58
CA GLU B 545 23.98 -43.45 33.72
C GLU B 545 23.22 -42.95 34.93
N GLY B 546 22.37 -43.79 35.51
CA GLY B 546 21.62 -43.42 36.68
C GLY B 546 20.37 -42.60 36.40
N MET B 547 20.11 -42.26 35.14
CA MET B 547 18.92 -41.52 34.76
C MET B 547 17.88 -42.49 34.24
N THR B 548 16.70 -42.48 34.87
CA THR B 548 15.64 -43.38 34.47
C THR B 548 15.11 -43.03 33.08
N CYS B 549 14.81 -41.76 32.87
CA CYS B 549 14.27 -41.28 31.60
C CYS B 549 15.27 -40.32 30.96
N LYS B 550 15.62 -40.60 29.72
CA LYS B 550 16.53 -39.75 28.96
C LYS B 550 15.73 -38.95 27.93
N GLY B 551 16.37 -37.93 27.40
CA GLY B 551 15.77 -37.12 26.35
C GLY B 551 15.36 -35.76 26.87
N ILE B 552 14.70 -35.01 25.98
CA ILE B 552 14.26 -33.66 26.30
C ILE B 552 12.82 -33.64 26.78
N ARG B 553 12.23 -34.79 27.07
CA ARG B 553 10.84 -34.84 27.45
C ARG B 553 10.60 -35.10 28.92
N CYS B 554 11.57 -35.66 29.64
CA CYS B 554 11.35 -35.97 31.04
C CYS B 554 11.34 -34.68 31.86
N GLU B 555 11.14 -34.83 33.18
CA GLU B 555 11.04 -33.66 34.04
C GLU B 555 12.33 -32.85 34.02
N ARG B 556 13.46 -33.51 34.10
CA ARG B 556 14.77 -32.87 34.15
C ARG B 556 15.48 -33.18 32.84
N GLN B 557 15.38 -32.28 31.87
CA GLN B 557 15.86 -32.56 30.53
C GLN B 557 17.37 -32.78 30.53
N ASN B 558 17.80 -33.77 29.76
CA ASN B 558 19.21 -34.10 29.67
C ASN B 558 19.43 -34.87 28.38
N ASN B 559 20.69 -35.00 28.00
CA ASN B 559 21.06 -35.66 26.75
C ASN B 559 20.34 -35.02 25.58
N ALA B 560 20.25 -33.70 25.60
CA ALA B 560 19.48 -33.01 24.59
C ALA B 560 20.09 -33.17 23.21
N PHE B 561 21.42 -33.17 23.13
CA PHE B 561 22.09 -33.17 21.83
C PHE B 561 22.91 -34.43 21.61
N SER B 562 22.66 -35.49 22.37
CA SER B 562 23.50 -36.68 22.28
C SER B 562 23.45 -37.28 20.89
N THR B 563 22.29 -37.75 20.48
CA THR B 563 22.13 -38.34 19.15
C THR B 563 21.56 -37.32 18.19
N LEU B 564 21.27 -37.75 16.97
CA LEU B 564 20.85 -36.81 15.95
C LEU B 564 19.34 -36.60 15.93
N PHE B 565 18.56 -37.67 16.10
CA PHE B 565 17.12 -37.51 16.21
C PHE B 565 16.75 -36.62 17.38
N GLU B 566 17.38 -36.84 18.53
CA GLU B 566 17.11 -35.99 19.67
C GLU B 566 17.54 -34.57 19.40
N THR B 567 18.57 -34.38 18.58
CA THR B 567 18.95 -33.02 18.22
C THR B 567 17.88 -32.35 17.39
N LEU B 568 17.31 -33.05 16.41
CA LEU B 568 16.23 -32.46 15.64
C LEU B 568 15.08 -32.08 16.54
N GLN B 569 14.71 -32.96 17.47
CA GLN B 569 13.62 -32.62 18.37
C GLN B 569 13.97 -31.41 19.22
N SER B 570 15.20 -31.35 19.72
CA SER B 570 15.61 -30.24 20.57
C SER B 570 15.51 -28.93 19.82
N LEU B 571 15.98 -28.91 18.59
CA LEU B 571 15.98 -27.68 17.83
C LEU B 571 14.60 -27.32 17.32
N PHE B 572 13.69 -28.28 17.19
CA PHE B 572 12.35 -27.89 16.81
C PHE B 572 11.56 -27.35 17.98
N TRP B 573 11.77 -27.90 19.17
CA TRP B 573 11.01 -27.43 20.32
C TRP B 573 11.50 -26.12 20.87
N SER B 574 12.61 -25.60 20.35
CA SER B 574 13.13 -24.32 20.82
C SER B 574 12.40 -23.13 20.23
N ILE B 575 11.60 -23.34 19.19
CA ILE B 575 10.90 -22.22 18.59
C ILE B 575 9.87 -21.67 19.55
N PHE B 576 9.24 -22.52 20.33
CA PHE B 576 8.22 -22.11 21.28
C PHE B 576 8.78 -21.92 22.68
N GLY B 577 10.10 -21.92 22.82
CA GLY B 577 10.70 -21.66 24.12
C GLY B 577 10.36 -22.69 25.16
N LEU B 578 10.34 -23.96 24.77
CA LEU B 578 10.04 -25.03 25.70
C LEU B 578 11.27 -25.80 26.12
N ILE B 579 12.46 -25.34 25.78
CA ILE B 579 13.71 -26.01 26.12
C ILE B 579 14.47 -25.12 27.09
N SER B 580 14.74 -25.64 28.27
CA SER B 580 15.45 -24.88 29.27
C SER B 580 16.88 -24.67 28.83
N LEU B 581 17.62 -23.88 29.61
CA LEU B 581 18.94 -23.45 29.18
C LEU B 581 20.07 -24.31 29.73
N TYR B 582 19.80 -25.18 30.70
CA TYR B 582 20.89 -25.97 31.25
C TYR B 582 21.21 -27.19 30.41
N VAL B 583 20.47 -27.45 29.33
CA VAL B 583 20.71 -28.64 28.55
C VAL B 583 22.09 -28.66 27.94
N THR B 584 22.72 -27.50 27.83
CA THR B 584 24.06 -27.41 27.22
C THR B 584 25.17 -27.48 28.26
N ASN B 585 25.15 -28.51 29.10
CA ASN B 585 26.21 -28.71 30.07
C ASN B 585 26.71 -30.13 30.04
N VAL B 586 27.90 -30.32 30.61
CA VAL B 586 28.52 -31.61 30.76
C VAL B 586 29.03 -31.72 32.19
N LYS B 587 29.30 -32.95 32.62
CA LYS B 587 29.76 -33.17 33.98
C LYS B 587 31.07 -32.45 34.25
N ALA B 588 32.03 -32.58 33.33
CA ALA B 588 33.27 -31.84 33.45
C ALA B 588 33.01 -30.36 33.24
N ASP B 589 33.97 -29.54 33.66
CA ASP B 589 33.90 -28.10 33.44
C ASP B 589 34.74 -27.72 32.21
N HIS B 590 34.33 -28.22 31.06
CA HIS B 590 34.99 -27.88 29.81
C HIS B 590 34.38 -26.60 29.26
N LYS B 591 34.65 -25.51 29.96
CA LYS B 591 33.94 -24.26 29.71
C LYS B 591 34.04 -23.82 28.27
N PHE B 592 35.11 -24.18 27.57
CA PHE B 592 35.22 -23.76 26.18
C PHE B 592 34.18 -24.44 25.31
N THR B 593 34.04 -25.76 25.43
CA THR B 593 33.04 -26.45 24.65
C THR B 593 31.64 -26.01 25.02
N GLU B 594 31.38 -25.81 26.32
CA GLU B 594 30.07 -25.36 26.74
C GLU B 594 29.76 -24.00 26.15
N PHE B 595 30.74 -23.10 26.15
CA PHE B 595 30.49 -21.77 25.59
C PHE B 595 30.22 -21.85 24.10
N VAL B 596 30.96 -22.68 23.37
CA VAL B 596 30.73 -22.77 21.93
C VAL B 596 29.38 -23.38 21.65
N GLY B 597 28.97 -24.39 22.43
CA GLY B 597 27.66 -24.96 22.24
C GLY B 597 26.57 -23.93 22.49
N ALA B 598 26.70 -23.17 23.56
CA ALA B 598 25.70 -22.15 23.85
C ALA B 598 25.66 -21.10 22.74
N THR B 599 26.81 -20.79 22.16
CA THR B 599 26.82 -19.79 21.09
C THR B 599 26.14 -20.30 19.83
N MET B 600 26.37 -21.56 19.47
CA MET B 600 25.63 -22.12 18.33
C MET B 600 24.14 -22.07 18.60
N PHE B 601 23.73 -22.46 19.81
CA PHE B 601 22.32 -22.45 20.13
C PHE B 601 21.74 -21.05 20.01
N GLY B 602 22.43 -20.07 20.55
CA GLY B 602 21.93 -18.71 20.49
C GLY B 602 21.82 -18.20 19.07
N THR B 603 22.83 -18.49 18.25
CA THR B 603 22.76 -18.05 16.86
C THR B 603 21.58 -18.67 16.15
N TYR B 604 21.34 -19.95 16.39
CA TYR B 604 20.18 -20.58 15.75
C TYR B 604 18.90 -19.90 16.18
N ASN B 605 18.77 -19.59 17.46
CA ASN B 605 17.56 -18.95 17.94
C ASN B 605 17.37 -17.58 17.31
N VAL B 606 18.44 -16.79 17.23
CA VAL B 606 18.32 -15.48 16.61
C VAL B 606 17.86 -15.61 15.18
N ILE B 607 18.57 -16.43 14.40
CA ILE B 607 18.22 -16.58 12.98
C ILE B 607 16.76 -16.94 12.85
N SER B 608 16.34 -18.04 13.45
CA SER B 608 14.95 -18.45 13.30
C SER B 608 13.99 -17.36 13.76
N LEU B 609 13.94 -17.09 15.05
CA LEU B 609 12.86 -16.32 15.63
C LEU B 609 12.98 -14.82 15.39
N VAL B 610 13.98 -14.35 14.65
CA VAL B 610 14.03 -12.94 14.33
C VAL B 610 14.20 -12.66 12.85
N VAL B 611 14.75 -13.56 12.04
CA VAL B 611 14.91 -13.31 10.63
C VAL B 611 14.02 -14.21 9.79
N LEU B 612 13.69 -15.41 10.26
CA LEU B 612 12.82 -16.28 9.48
C LEU B 612 11.38 -16.27 9.98
N LEU B 613 11.06 -15.41 10.94
CA LEU B 613 9.67 -15.28 11.34
C LEU B 613 9.11 -13.90 11.05
N ASN B 614 9.96 -12.91 10.81
CA ASN B 614 9.48 -11.62 10.35
C ASN B 614 9.52 -11.50 8.83
N MET B 615 10.47 -12.18 8.18
CA MET B 615 10.41 -12.27 6.74
C MET B 615 9.27 -13.16 6.27
N LEU B 616 8.55 -13.80 7.18
CA LEU B 616 7.35 -14.51 6.79
C LEU B 616 6.14 -13.59 6.78
N ILE B 617 5.98 -12.78 7.82
CA ILE B 617 4.89 -11.80 7.81
C ILE B 617 5.10 -10.79 6.70
N ALA B 618 6.33 -10.31 6.55
CA ALA B 618 6.60 -9.32 5.52
C ALA B 618 6.32 -9.85 4.14
N MET B 619 6.28 -11.16 3.97
CA MET B 619 5.93 -11.74 2.69
C MET B 619 4.43 -11.99 2.58
N MET B 620 3.82 -12.44 3.67
CA MET B 620 2.38 -12.70 3.65
C MET B 620 1.61 -11.44 3.32
N ASN B 621 2.03 -10.28 3.83
CA ASN B 621 1.27 -9.07 3.58
C ASN B 621 1.19 -8.75 2.09
N ASN B 622 2.34 -8.69 1.43
CA ASN B 622 2.35 -8.37 0.00
C ASN B 622 1.74 -9.47 -0.83
N SER B 623 1.84 -10.73 -0.39
CA SER B 623 1.16 -11.78 -1.14
C SER B 623 -0.35 -11.74 -0.94
N TYR B 624 -0.80 -11.15 0.15
CA TYR B 624 -2.24 -11.03 0.42
C TYR B 624 -2.84 -9.81 -0.24
N GLN B 625 -2.04 -8.79 -0.54
CA GLN B 625 -2.59 -7.61 -1.20
C GLN B 625 -3.31 -8.00 -2.49
N HIS B 626 -2.67 -8.82 -3.31
CA HIS B 626 -3.23 -9.21 -4.59
C HIS B 626 -4.20 -10.36 -4.48
N ILE B 627 -4.73 -10.62 -3.29
CA ILE B 627 -5.74 -11.65 -3.11
C ILE B 627 -7.12 -11.05 -2.87
N ALA B 628 -7.21 -9.93 -2.17
CA ALA B 628 -8.49 -9.31 -1.88
C ALA B 628 -9.10 -8.59 -3.08
N ASP B 629 -8.46 -8.63 -4.24
CA ASP B 629 -9.01 -8.03 -5.45
C ASP B 629 -9.79 -9.03 -6.29
N HIS B 630 -9.84 -10.30 -5.87
CA HIS B 630 -10.60 -11.31 -6.57
C HIS B 630 -11.32 -12.22 -5.60
N ALA B 631 -11.75 -11.68 -4.46
CA ALA B 631 -12.33 -12.52 -3.42
C ALA B 631 -13.72 -13.01 -3.82
N ASP B 632 -14.62 -12.11 -4.17
CA ASP B 632 -15.98 -12.52 -4.48
C ASP B 632 -16.03 -13.48 -5.66
N ILE B 633 -15.24 -13.22 -6.69
CA ILE B 633 -15.25 -14.10 -7.85
C ILE B 633 -14.93 -15.52 -7.45
N GLU B 634 -13.83 -15.70 -6.72
CA GLU B 634 -13.40 -17.05 -6.38
C GLU B 634 -14.36 -17.70 -5.41
N TRP B 635 -14.84 -16.95 -4.43
CA TRP B 635 -15.77 -17.54 -3.47
C TRP B 635 -17.05 -17.99 -4.16
N LYS B 636 -17.58 -17.18 -5.06
CA LYS B 636 -18.81 -17.56 -5.74
C LYS B 636 -18.57 -18.75 -6.64
N PHE B 637 -17.42 -18.82 -7.29
CA PHE B 637 -17.12 -19.98 -8.10
C PHE B 637 -17.10 -21.24 -7.26
N ALA B 638 -16.45 -21.19 -6.09
CA ALA B 638 -16.40 -22.36 -5.23
C ALA B 638 -17.78 -22.73 -4.72
N ARG B 639 -18.59 -21.74 -4.37
CA ARG B 639 -19.93 -22.03 -3.91
C ARG B 639 -20.75 -22.69 -4.99
N THR B 640 -20.62 -22.24 -6.23
CA THR B 640 -21.35 -22.86 -7.31
C THR B 640 -20.89 -24.29 -7.53
N LYS B 641 -19.58 -24.53 -7.46
CA LYS B 641 -19.11 -25.90 -7.58
C LYS B 641 -19.73 -26.78 -6.52
N LEU B 642 -19.86 -26.26 -5.30
CA LEU B 642 -20.52 -27.03 -4.25
C LEU B 642 -21.99 -27.27 -4.58
N TRP B 643 -22.69 -26.21 -5.01
CA TRP B 643 -24.13 -26.30 -5.22
C TRP B 643 -24.47 -27.34 -6.27
N MET B 644 -23.74 -27.32 -7.39
CA MET B 644 -24.11 -28.19 -8.50
C MET B 644 -24.03 -29.67 -8.12
N SER B 645 -23.29 -30.01 -7.08
CA SER B 645 -23.20 -31.41 -6.68
C SER B 645 -24.47 -31.93 -6.04
N TYR B 646 -25.39 -31.05 -5.66
CA TYR B 646 -26.62 -31.46 -4.99
C TYR B 646 -27.83 -31.25 -5.90
N PHE B 647 -27.66 -31.52 -7.18
CA PHE B 647 -28.72 -31.31 -8.16
C PHE B 647 -29.17 -32.60 -8.80
N GLU B 648 -28.23 -33.41 -9.28
CA GLU B 648 -28.57 -34.66 -9.92
C GLU B 648 -29.04 -35.68 -8.90
N GLU B 649 -29.76 -36.68 -9.39
CA GLU B 649 -30.22 -37.77 -8.53
C GLU B 649 -29.14 -38.83 -8.35
N GLY B 650 -27.95 -38.40 -7.92
CA GLY B 650 -26.84 -39.31 -7.80
C GLY B 650 -26.87 -40.17 -6.56
N GLY B 651 -26.74 -39.56 -5.39
CA GLY B 651 -26.77 -40.31 -4.15
C GLY B 651 -28.07 -40.17 -3.39
N THR B 652 -28.54 -38.92 -3.25
CA THR B 652 -29.84 -38.61 -2.67
C THR B 652 -30.05 -39.22 -1.30
N LEU B 653 -28.99 -39.69 -0.65
CA LEU B 653 -29.18 -40.39 0.60
C LEU B 653 -28.03 -40.15 1.56
N PRO B 654 -28.31 -39.88 2.82
CA PRO B 654 -27.24 -39.73 3.80
C PRO B 654 -26.46 -41.03 3.97
N PRO B 655 -25.24 -40.96 4.49
CA PRO B 655 -24.36 -42.12 4.51
C PRO B 655 -24.96 -43.33 5.19
N PRO B 656 -25.47 -43.22 6.43
CA PRO B 656 -25.81 -44.46 7.16
C PRO B 656 -26.76 -45.37 6.41
N PHE B 657 -27.72 -44.81 5.68
CA PHE B 657 -28.69 -45.61 4.95
C PHE B 657 -28.24 -45.80 3.50
N ASN B 658 -27.11 -46.49 3.34
CA ASN B 658 -26.57 -46.72 2.02
C ASN B 658 -26.44 -48.21 1.72
N ILE B 659 -27.49 -48.97 2.02
CA ILE B 659 -27.52 -50.40 1.73
C ILE B 659 -28.61 -50.73 0.73
N ALA B 696 -36.32 -32.04 -34.69
CA ALA B 696 -37.38 -32.01 -33.71
C ALA B 696 -36.85 -31.60 -32.35
N GLU B 697 -36.07 -32.50 -31.73
CA GLU B 697 -35.54 -32.28 -30.39
C GLU B 697 -34.09 -31.82 -30.41
N ASN B 698 -33.21 -32.58 -31.04
CA ASN B 698 -31.80 -32.22 -31.10
C ASN B 698 -31.42 -31.65 -32.46
N VAL B 699 -32.26 -31.82 -33.47
CA VAL B 699 -31.96 -31.32 -34.80
C VAL B 699 -32.59 -29.94 -34.96
N ARG B 700 -33.71 -29.73 -34.27
CA ARG B 700 -34.46 -28.48 -34.42
C ARG B 700 -34.00 -27.40 -33.44
N LEU B 701 -33.75 -27.77 -32.18
CA LEU B 701 -33.53 -26.77 -31.14
C LEU B 701 -32.30 -25.91 -31.42
N ASN B 702 -31.41 -26.34 -32.31
CA ASN B 702 -30.31 -25.47 -32.70
C ASN B 702 -30.81 -24.17 -33.31
N HIS B 703 -32.03 -24.16 -33.84
CA HIS B 703 -32.55 -22.98 -34.51
C HIS B 703 -32.69 -21.81 -33.55
N GLN B 704 -33.37 -22.04 -32.42
CA GLN B 704 -33.57 -20.96 -31.46
C GLN B 704 -32.25 -20.45 -30.93
N TYR B 705 -31.34 -21.35 -30.59
CA TYR B 705 -30.05 -20.93 -30.06
C TYR B 705 -29.25 -20.16 -31.09
N GLN B 706 -29.36 -20.55 -32.37
CA GLN B 706 -28.74 -19.78 -33.44
C GLN B 706 -29.30 -18.37 -33.48
N GLU B 707 -30.62 -18.25 -33.37
CA GLU B 707 -31.23 -16.93 -33.38
C GLU B 707 -30.73 -16.09 -32.21
N VAL B 708 -30.63 -16.71 -31.04
CA VAL B 708 -30.17 -15.99 -29.85
C VAL B 708 -28.74 -15.53 -30.03
N LEU B 709 -27.88 -16.38 -30.58
CA LEU B 709 -26.51 -15.95 -30.85
C LEU B 709 -26.49 -14.75 -31.78
N ARG B 710 -27.30 -14.79 -32.83
CA ARG B 710 -27.32 -13.67 -33.77
C ARG B 710 -27.65 -12.39 -33.03
N ASN B 711 -28.70 -12.43 -32.21
CA ASN B 711 -29.13 -11.23 -31.50
C ASN B 711 -28.07 -10.76 -30.52
N LEU B 712 -27.47 -11.68 -29.78
CA LEU B 712 -26.47 -11.30 -28.79
C LEU B 712 -25.24 -10.68 -29.44
N VAL B 713 -24.77 -11.27 -30.53
CA VAL B 713 -23.62 -10.70 -31.22
C VAL B 713 -23.95 -9.32 -31.75
N LYS B 714 -25.17 -9.15 -32.27
CA LYS B 714 -25.57 -7.83 -32.71
C LYS B 714 -25.49 -6.81 -31.59
N ARG B 715 -26.10 -7.13 -30.45
CA ARG B 715 -26.09 -6.19 -29.31
C ARG B 715 -24.67 -5.88 -28.88
N TYR B 716 -23.83 -6.92 -28.77
CA TYR B 716 -22.47 -6.70 -28.30
C TYR B 716 -21.69 -5.82 -29.25
N VAL B 717 -21.68 -6.17 -30.54
CA VAL B 717 -20.85 -5.42 -31.46
C VAL B 717 -21.34 -4.00 -31.57
N ALA B 718 -22.64 -3.77 -31.38
CA ALA B 718 -23.13 -2.39 -31.41
C ALA B 718 -22.67 -1.62 -30.19
N ALA B 719 -22.84 -2.19 -29.01
CA ALA B 719 -22.74 -1.43 -27.78
C ALA B 719 -21.40 -1.59 -27.07
N MET B 720 -20.43 -2.26 -27.68
CA MET B 720 -19.19 -2.48 -26.95
C MET B 720 -17.97 -2.06 -27.75
N ILE B 721 -18.03 -2.15 -29.07
CA ILE B 721 -16.88 -1.76 -29.86
C ILE B 721 -17.28 -0.72 -30.89
N ARG B 722 -18.39 -0.05 -30.65
CA ARG B 722 -18.76 1.11 -31.44
C ARG B 722 -19.02 2.33 -30.58
N ASP B 723 -19.60 2.15 -29.40
CA ASP B 723 -19.86 3.24 -28.49
C ASP B 723 -18.86 3.32 -27.34
N ALA B 724 -17.97 2.34 -27.23
CA ALA B 724 -16.86 2.43 -26.30
C ALA B 724 -15.56 2.76 -26.99
N LYS B 725 -15.57 2.91 -28.32
CA LYS B 725 -14.42 3.39 -29.06
C LYS B 725 -14.42 4.90 -29.20
N THR B 726 -15.35 5.59 -28.53
CA THR B 726 -15.44 7.03 -28.60
C THR B 726 -14.91 7.74 -27.37
N GLU B 727 -14.94 7.10 -26.20
CA GLU B 727 -14.45 7.71 -24.97
C GLU B 727 -13.05 7.17 -24.68
N GLU B 728 -12.07 7.66 -25.44
CA GLU B 728 -10.68 7.22 -25.26
C GLU B 728 -9.77 8.36 -24.82
N GLY B 729 -9.67 9.44 -25.60
CA GLY B 729 -8.72 10.51 -25.31
C GLY B 729 -8.08 11.08 -26.54
N LEU B 730 -7.39 12.21 -26.42
CA LEU B 730 -6.78 12.89 -27.55
C LEU B 730 -5.26 12.90 -27.40
N THR B 731 -4.58 12.84 -28.54
CA THR B 731 -3.12 12.90 -28.60
C THR B 731 -2.73 13.82 -29.75
N GLU B 732 -1.44 13.86 -30.06
CA GLU B 732 -0.97 14.73 -31.14
C GLU B 732 -1.40 14.23 -32.52
N GLU B 733 -1.64 12.93 -32.65
CA GLU B 733 -2.11 12.39 -33.92
C GLU B 733 -3.44 12.99 -34.34
N ASN B 734 -4.19 13.56 -33.40
CA ASN B 734 -5.43 14.23 -33.72
C ASN B 734 -5.19 15.71 -34.01
N PHE B 735 -4.33 16.34 -33.21
CA PHE B 735 -4.05 17.75 -33.38
C PHE B 735 -3.44 18.05 -34.74
N LYS B 736 -2.54 17.16 -35.20
CA LYS B 736 -1.89 17.40 -36.49
C LYS B 736 -2.92 17.42 -37.62
N GLU B 737 -3.82 16.43 -37.64
CA GLU B 737 -4.84 16.41 -38.68
C GLU B 737 -5.75 17.63 -38.59
N LEU B 738 -6.16 17.98 -37.38
CA LEU B 738 -7.07 19.11 -37.24
C LEU B 738 -6.42 20.41 -37.68
N LYS B 739 -5.12 20.55 -37.48
CA LYS B 739 -4.43 21.75 -37.95
C LYS B 739 -4.28 21.75 -39.47
N GLN B 740 -3.86 20.62 -40.03
CA GLN B 740 -3.60 20.61 -41.47
C GLN B 740 -4.88 20.79 -42.25
N ASP B 741 -6.02 20.36 -41.71
CA ASP B 741 -7.28 20.58 -42.42
C ASP B 741 -7.55 22.07 -42.58
N ILE B 742 -7.36 22.84 -41.51
CA ILE B 742 -7.53 24.29 -41.59
C ILE B 742 -6.56 24.87 -42.60
N SER B 743 -5.30 24.43 -42.56
CA SER B 743 -4.32 24.97 -43.48
C SER B 743 -4.72 24.70 -44.93
N SER B 744 -5.17 23.49 -45.23
CA SER B 744 -5.57 23.17 -46.59
C SER B 744 -6.78 23.99 -47.03
N PHE B 745 -7.75 24.16 -46.13
CA PHE B 745 -8.89 25.01 -46.45
C PHE B 745 -8.44 26.42 -46.79
N ARG B 746 -7.48 26.94 -46.03
CA ARG B 746 -6.97 28.29 -46.29
C ARG B 746 -6.33 28.38 -47.66
N TYR B 747 -5.48 27.40 -47.99
CA TYR B 747 -4.86 27.40 -49.32
C TYR B 747 -5.91 27.36 -50.42
N GLU B 748 -6.91 26.51 -50.27
CA GLU B 748 -7.94 26.41 -51.30
C GLU B 748 -8.64 27.74 -51.51
N VAL B 749 -9.11 28.35 -50.44
CA VAL B 749 -9.85 29.60 -50.58
C VAL B 749 -8.97 30.70 -51.14
N ILE B 750 -7.75 30.84 -50.62
CA ILE B 750 -6.87 31.92 -51.06
C ILE B 750 -6.51 31.77 -52.53
N GLY B 751 -6.16 30.55 -52.93
CA GLY B 751 -5.82 30.32 -54.33
C GLY B 751 -7.00 30.50 -55.26
N MET B 752 -8.19 30.10 -54.83
CA MET B 752 -9.33 30.16 -55.73
C MET B 752 -9.80 31.58 -55.99
N MET B 753 -9.45 32.52 -55.11
CA MET B 753 -9.87 33.91 -55.26
C MET B 753 -8.86 34.75 -56.03
N LYS B 754 -7.95 34.13 -56.75
CA LYS B 754 -6.97 34.88 -57.54
C LYS B 754 -6.31 33.97 -58.58
N LEU C 29 5.84 51.77 -23.28
CA LEU C 29 4.55 51.12 -23.39
C LEU C 29 3.48 52.08 -23.84
N SER C 30 3.71 52.73 -24.97
CA SER C 30 2.73 53.66 -25.53
C SER C 30 1.66 52.89 -26.28
N THR C 31 0.52 53.56 -26.49
CA THR C 31 -0.64 52.88 -27.06
C THR C 31 -0.35 52.30 -28.44
N GLN C 32 0.54 52.95 -29.20
CA GLN C 32 0.92 52.38 -30.49
C GLN C 32 1.66 51.07 -30.30
N GLU C 33 2.57 51.01 -29.33
CA GLU C 33 3.29 49.77 -29.06
C GLU C 33 2.35 48.68 -28.59
N LYS C 34 1.41 49.02 -27.71
CA LYS C 34 0.44 48.03 -27.24
C LYS C 34 -0.39 47.50 -28.41
N SER C 35 -0.85 48.40 -29.27
CA SER C 35 -1.63 47.97 -30.43
C SER C 35 -0.81 47.07 -31.33
N TYR C 36 0.46 47.41 -31.55
CA TYR C 36 1.31 46.60 -32.41
C TYR C 36 1.56 45.23 -31.83
N LEU C 37 1.80 45.15 -30.52
CA LEU C 37 1.97 43.85 -29.88
C LEU C 37 0.70 43.01 -29.98
N SER C 38 -0.46 43.64 -29.79
CA SER C 38 -1.71 42.89 -29.94
C SER C 38 -1.86 42.39 -31.38
N ALA C 39 -1.47 43.21 -32.34
CA ALA C 39 -1.54 42.77 -33.74
C ALA C 39 -0.65 41.57 -33.99
N VAL C 40 0.56 41.59 -33.44
CA VAL C 40 1.45 40.44 -33.60
C VAL C 40 0.86 39.21 -32.93
N GLU C 41 0.32 39.37 -31.73
CA GLU C 41 -0.18 38.22 -31.00
C GLU C 41 -1.37 37.59 -31.70
N LYS C 42 -2.32 38.41 -32.14
CA LYS C 42 -3.51 37.86 -32.78
C LYS C 42 -3.15 37.21 -34.12
N GLY C 43 -2.22 37.78 -34.85
CA GLY C 43 -1.79 37.17 -36.09
C GLY C 43 -2.12 37.99 -37.32
N ASP C 44 -2.61 39.21 -37.12
CA ASP C 44 -2.85 40.09 -38.26
C ASP C 44 -1.53 40.40 -38.96
N TYR C 45 -1.58 40.44 -40.29
CA TYR C 45 -0.38 40.59 -41.09
C TYR C 45 -0.23 42.00 -41.65
N ALA C 46 -1.27 42.53 -42.28
CA ALA C 46 -1.17 43.86 -42.84
C ALA C 46 -0.87 44.89 -41.76
N SER C 47 -1.49 44.74 -40.59
CA SER C 47 -1.28 45.71 -39.52
C SER C 47 0.16 45.75 -39.10
N VAL C 48 0.76 44.60 -38.83
CA VAL C 48 2.15 44.58 -38.40
C VAL C 48 3.07 45.05 -39.50
N LYS C 49 2.75 44.72 -40.75
CA LYS C 49 3.59 45.16 -41.86
C LYS C 49 3.63 46.69 -41.94
N LEU C 50 2.46 47.32 -41.97
CA LEU C 50 2.44 48.77 -42.05
C LEU C 50 2.97 49.41 -40.77
N ALA C 51 2.84 48.73 -39.63
CA ALA C 51 3.40 49.27 -38.41
C ALA C 51 4.92 49.31 -38.48
N LEU C 52 5.54 48.24 -38.97
CA LEU C 52 6.98 48.27 -39.16
C LEU C 52 7.39 49.28 -40.20
N GLU C 53 6.57 49.47 -41.23
CA GLU C 53 6.86 50.53 -42.20
C GLU C 53 6.90 51.90 -41.52
N GLU C 54 5.79 52.27 -40.88
CA GLU C 54 5.62 53.60 -40.30
C GLU C 54 6.39 53.81 -39.00
N ALA C 55 7.00 52.77 -38.45
CA ALA C 55 7.77 52.94 -37.24
C ALA C 55 9.09 53.64 -37.50
N GLU C 56 9.78 53.26 -38.57
CA GLU C 56 11.11 53.80 -38.82
C GLU C 56 11.06 55.29 -39.13
N ILE C 57 10.07 55.71 -39.93
CA ILE C 57 10.06 57.07 -40.45
C ILE C 57 9.94 58.10 -39.34
N TYR C 58 9.31 57.74 -38.22
CA TYR C 58 9.02 58.71 -37.18
C TYR C 58 9.75 58.44 -35.88
N PHE C 59 10.25 57.22 -35.67
CA PHE C 59 10.91 56.82 -34.42
C PHE C 59 10.04 57.07 -33.20
N LYS C 60 8.73 57.17 -33.40
CA LYS C 60 7.81 57.39 -32.29
C LYS C 60 7.57 56.11 -31.48
N ILE C 61 7.78 54.94 -32.07
CA ILE C 61 7.61 53.68 -31.38
C ILE C 61 8.88 52.86 -31.54
N ASN C 62 9.00 51.83 -30.71
CA ASN C 62 10.13 50.91 -30.74
C ASN C 62 9.65 49.52 -31.11
N ILE C 63 10.36 48.89 -32.05
CA ILE C 63 10.07 47.51 -32.38
C ILE C 63 10.58 46.56 -31.30
N ASN C 64 11.55 46.99 -30.50
CA ASN C 64 12.16 46.14 -29.48
C ASN C 64 11.62 46.45 -28.09
N CYS C 65 10.35 46.81 -27.98
CA CYS C 65 9.76 46.98 -26.67
C CYS C 65 9.65 45.63 -25.96
N ILE C 66 9.37 45.68 -24.66
CA ILE C 66 9.30 44.48 -23.82
C ILE C 66 7.96 44.47 -23.11
N ASP C 67 7.27 43.34 -23.19
CA ASP C 67 6.02 43.15 -22.49
C ASP C 67 6.25 43.18 -20.98
N PRO C 68 5.21 43.51 -20.21
CA PRO C 68 5.30 43.33 -18.76
C PRO C 68 5.76 41.95 -18.33
N LEU C 69 5.50 40.92 -19.14
CA LEU C 69 5.97 39.58 -18.82
C LEU C 69 7.30 39.25 -19.49
N GLY C 70 7.91 40.20 -20.17
CA GLY C 70 9.20 39.98 -20.80
C GLY C 70 9.12 39.18 -22.08
N ARG C 71 8.26 39.61 -23.00
CA ARG C 71 8.03 38.91 -24.26
C ARG C 71 7.99 39.93 -25.39
N THR C 72 9.09 40.08 -26.11
CA THR C 72 9.09 40.98 -27.26
C THR C 72 8.31 40.32 -28.40
N ALA C 73 8.29 40.99 -29.55
CA ALA C 73 7.50 40.49 -30.67
C ALA C 73 8.03 39.17 -31.18
N LEU C 74 9.35 39.05 -31.28
CA LEU C 74 9.93 37.83 -31.85
C LEU C 74 9.58 36.62 -30.99
N LEU C 75 9.61 36.78 -29.67
CA LEU C 75 9.30 35.65 -28.79
C LEU C 75 7.88 35.16 -29.01
N ILE C 76 6.90 36.06 -28.99
CA ILE C 76 5.51 35.62 -29.11
C ILE C 76 5.27 35.07 -30.51
N ALA C 77 5.90 35.66 -31.52
CA ALA C 77 5.77 35.11 -32.87
C ALA C 77 6.30 33.69 -32.92
N ILE C 78 7.45 33.44 -32.28
CA ILE C 78 8.00 32.10 -32.24
C ILE C 78 7.06 31.16 -31.51
N GLU C 79 6.49 31.62 -30.40
CA GLU C 79 5.61 30.77 -29.61
C GLU C 79 4.39 30.34 -30.41
N ASN C 80 3.80 31.25 -31.17
CA ASN C 80 2.63 30.89 -31.95
C ASN C 80 2.97 30.22 -33.28
N GLU C 81 4.25 30.18 -33.65
CA GLU C 81 4.70 29.51 -34.88
C GLU C 81 4.06 30.13 -36.12
N ASN C 82 4.36 31.41 -36.32
CA ASN C 82 3.92 32.15 -37.50
C ASN C 82 5.17 32.40 -38.34
N LEU C 83 5.45 31.47 -39.25
CA LEU C 83 6.70 31.54 -40.00
C LEU C 83 6.77 32.78 -40.88
N GLU C 84 5.66 33.14 -41.51
CA GLU C 84 5.65 34.35 -42.33
C GLU C 84 5.92 35.58 -41.49
N ILE C 85 5.30 35.68 -40.32
CA ILE C 85 5.55 36.80 -39.43
C ILE C 85 7.00 36.79 -38.99
N ILE C 86 7.53 35.62 -38.68
CA ILE C 86 8.89 35.51 -38.20
C ILE C 86 9.87 36.01 -39.27
N GLU C 87 9.67 35.57 -40.51
CA GLU C 87 10.54 36.02 -41.58
C GLU C 87 10.40 37.52 -41.80
N LEU C 88 9.18 38.03 -41.75
CA LEU C 88 8.98 39.46 -41.94
C LEU C 88 9.73 40.25 -40.89
N LEU C 89 9.63 39.82 -39.63
CA LEU C 89 10.35 40.49 -38.56
C LEU C 89 11.85 40.40 -38.78
N LEU C 90 12.34 39.22 -39.15
CA LEU C 90 13.77 39.05 -39.36
C LEU C 90 14.29 39.98 -40.43
N SER C 91 13.53 40.14 -41.52
CA SER C 91 14.01 40.96 -42.62
C SER C 91 14.23 42.40 -42.20
N PHE C 92 13.46 42.89 -41.23
CA PHE C 92 13.62 44.27 -40.76
C PHE C 92 14.65 44.38 -39.64
N ASN C 93 15.47 43.36 -39.43
CA ASN C 93 16.62 43.44 -38.53
C ASN C 93 16.20 43.76 -37.10
N VAL C 94 15.45 42.84 -36.51
CA VAL C 94 15.10 42.94 -35.10
C VAL C 94 16.17 42.22 -34.29
N TYR C 95 16.37 42.66 -33.05
CA TYR C 95 17.34 42.02 -32.18
C TYR C 95 16.91 40.59 -31.86
N VAL C 96 17.87 39.67 -31.88
CA VAL C 96 17.58 38.25 -31.76
C VAL C 96 17.69 37.76 -30.32
N GLY C 97 18.86 37.94 -29.71
CA GLY C 97 19.03 37.43 -28.36
C GLY C 97 18.87 35.92 -28.31
N ASP C 98 18.35 35.44 -27.19
CA ASP C 98 18.15 34.01 -27.05
C ASP C 98 16.84 33.59 -27.71
N ALA C 99 16.63 34.01 -28.95
CA ALA C 99 15.49 33.52 -29.71
C ALA C 99 15.77 32.12 -30.23
N LEU C 100 17.01 31.86 -30.62
CA LEU C 100 17.37 30.54 -31.09
C LEU C 100 17.13 29.50 -30.00
N LEU C 101 17.58 29.80 -28.79
CA LEU C 101 17.39 28.88 -27.67
C LEU C 101 15.91 28.75 -27.34
N HIS C 102 15.16 29.84 -27.42
CA HIS C 102 13.74 29.77 -27.13
C HIS C 102 13.02 28.87 -28.13
N ALA C 103 13.39 28.97 -29.40
CA ALA C 103 12.79 28.11 -30.40
C ALA C 103 13.20 26.65 -30.20
N ILE C 104 14.45 26.43 -29.82
CA ILE C 104 14.89 25.06 -29.56
C ILE C 104 14.11 24.46 -28.41
N ARG C 105 13.93 25.23 -27.33
CA ARG C 105 13.26 24.73 -26.14
C ARG C 105 11.81 24.34 -26.42
N LYS C 106 11.20 24.90 -27.46
CA LYS C 106 9.80 24.62 -27.78
C LYS C 106 9.66 23.81 -29.06
N GLU C 107 10.69 23.03 -29.39
CA GLU C 107 10.67 22.03 -30.47
C GLU C 107 10.17 22.57 -31.80
N VAL C 108 10.18 23.87 -32.01
CA VAL C 108 9.78 24.41 -33.32
C VAL C 108 10.88 24.11 -34.32
N VAL C 109 10.51 23.62 -35.49
CA VAL C 109 11.51 23.07 -36.41
C VAL C 109 11.93 24.10 -37.45
N GLY C 110 10.98 24.56 -38.27
CA GLY C 110 11.33 25.49 -39.33
C GLY C 110 11.93 26.78 -38.81
N ALA C 111 11.47 27.24 -37.65
CA ALA C 111 12.03 28.45 -37.06
C ALA C 111 13.51 28.30 -36.84
N VAL C 112 13.98 27.10 -36.49
CA VAL C 112 15.41 26.89 -36.31
C VAL C 112 16.14 27.13 -37.62
N GLU C 113 15.61 26.58 -38.71
CA GLU C 113 16.23 26.78 -40.01
C GLU C 113 16.30 28.26 -40.35
N LEU C 114 15.23 29.00 -40.10
CA LEU C 114 15.26 30.42 -40.37
C LEU C 114 16.28 31.13 -39.50
N LEU C 115 16.34 30.78 -38.22
CA LEU C 115 17.14 31.54 -37.27
C LEU C 115 18.62 31.26 -37.42
N LEU C 116 19.00 30.07 -37.89
CA LEU C 116 20.42 29.83 -38.15
C LEU C 116 20.90 30.67 -39.32
N ASN C 117 20.25 30.53 -40.47
CA ASN C 117 20.70 31.22 -41.66
C ASN C 117 20.34 32.70 -41.58
N HIS C 118 21.25 33.49 -41.01
CA HIS C 118 21.03 34.92 -40.86
C HIS C 118 22.33 35.65 -40.55
N GLN C 135 20.24 42.65 -21.20
CA GLN C 135 21.17 41.57 -20.88
C GLN C 135 20.54 40.59 -19.93
N PHE C 136 19.22 40.66 -19.80
CA PHE C 136 18.47 39.74 -18.96
C PHE C 136 18.32 38.43 -19.72
N SER C 137 19.22 37.50 -19.48
CA SER C 137 19.15 36.19 -20.10
C SER C 137 18.00 35.40 -19.50
N ASP C 138 17.84 34.18 -19.97
CA ASP C 138 16.86 33.27 -19.39
C ASP C 138 17.51 31.96 -19.01
N PHE C 139 18.51 31.55 -19.78
CA PHE C 139 19.25 30.34 -19.52
C PHE C 139 20.61 30.67 -18.92
N THR C 140 21.14 29.73 -18.16
CA THR C 140 22.42 29.94 -17.53
C THR C 140 23.49 30.15 -18.59
N PRO C 141 24.49 30.97 -18.31
CA PRO C 141 25.47 31.34 -19.34
C PRO C 141 26.31 30.17 -19.83
N ASP C 142 25.99 28.96 -19.37
CA ASP C 142 26.76 27.77 -19.67
C ASP C 142 26.08 26.86 -20.68
N ILE C 143 25.01 27.31 -21.33
CA ILE C 143 24.26 26.49 -22.27
C ILE C 143 24.57 26.94 -23.69
N THR C 144 24.99 26.00 -24.52
CA THR C 144 25.18 26.16 -25.95
C THR C 144 24.07 25.45 -26.70
N PRO C 145 23.77 25.86 -27.92
CA PRO C 145 22.57 25.33 -28.60
C PRO C 145 22.52 23.81 -28.69
N ILE C 146 23.66 23.16 -28.95
CA ILE C 146 23.65 21.71 -29.06
C ILE C 146 23.27 21.07 -27.73
N ILE C 147 23.74 21.63 -26.62
CA ILE C 147 23.44 21.06 -25.32
C ILE C 147 21.94 21.09 -25.06
N LEU C 148 21.35 22.26 -25.23
CA LEU C 148 19.92 22.39 -24.94
C LEU C 148 19.10 21.57 -25.91
N ALA C 149 19.56 21.45 -27.16
CA ALA C 149 18.88 20.56 -28.09
C ALA C 149 18.93 19.12 -27.61
N ALA C 150 20.07 18.70 -27.10
CA ALA C 150 20.20 17.32 -26.64
C ALA C 150 19.35 17.06 -25.40
N HIS C 151 19.16 18.08 -24.56
CA HIS C 151 18.35 17.88 -23.36
C HIS C 151 16.96 17.40 -23.71
N THR C 152 16.46 17.75 -24.89
CA THR C 152 15.11 17.40 -25.33
C THR C 152 15.24 16.64 -26.63
N ASN C 153 15.06 15.32 -26.56
CA ASN C 153 15.23 14.46 -27.73
C ASN C 153 14.49 15.03 -28.94
N ASN C 154 15.25 15.32 -29.98
CA ASN C 154 14.66 15.79 -31.24
C ASN C 154 15.66 15.42 -32.34
N TYR C 155 15.36 14.34 -33.04
CA TYR C 155 16.29 13.86 -34.06
C TYR C 155 16.51 14.89 -35.15
N GLU C 156 15.44 15.57 -35.57
CA GLU C 156 15.56 16.54 -36.66
C GLU C 156 16.48 17.69 -36.27
N ILE C 157 16.22 18.31 -35.13
CA ILE C 157 17.01 19.47 -34.73
C ILE C 157 18.46 19.08 -34.49
N ILE C 158 18.67 17.94 -33.84
CA ILE C 158 20.04 17.51 -33.58
C ILE C 158 20.77 17.27 -34.89
N LYS C 159 20.11 16.59 -35.84
CA LYS C 159 20.76 16.33 -37.10
C LYS C 159 20.99 17.61 -37.88
N MET C 160 20.17 18.62 -37.66
CA MET C 160 20.39 19.89 -38.34
C MET C 160 21.58 20.64 -37.74
N LEU C 161 21.72 20.60 -36.42
CA LEU C 161 22.85 21.27 -35.79
C LEU C 161 24.16 20.56 -36.10
N VAL C 162 24.16 19.24 -36.13
CA VAL C 162 25.43 18.54 -36.22
C VAL C 162 26.11 18.82 -37.55
N GLN C 163 25.34 18.92 -38.63
CA GLN C 163 25.93 19.12 -39.95
C GLN C 163 26.63 20.47 -40.03
N LYS C 164 26.14 21.48 -39.32
CA LYS C 164 26.84 22.75 -39.27
C LYS C 164 28.17 22.62 -38.55
N GLY C 165 28.27 21.71 -37.60
CA GLY C 165 29.54 21.43 -36.96
C GLY C 165 29.70 22.09 -35.61
N VAL C 166 29.50 21.33 -34.54
CA VAL C 166 29.68 21.80 -33.17
C VAL C 166 30.32 20.67 -32.38
N SER C 167 30.76 21.01 -31.16
CA SER C 167 31.33 20.02 -30.26
C SER C 167 30.85 20.31 -28.84
N VAL C 168 30.87 19.25 -28.02
CA VAL C 168 30.46 19.32 -26.63
C VAL C 168 31.68 19.03 -25.77
N PRO C 169 31.99 19.84 -24.75
CA PRO C 169 33.17 19.59 -23.93
C PRO C 169 33.06 18.25 -23.23
N GLN C 170 34.21 17.59 -23.10
CA GLN C 170 34.27 16.38 -22.28
C GLN C 170 34.81 16.76 -20.93
N PRO C 171 34.04 16.66 -19.86
CA PRO C 171 34.51 17.12 -18.55
C PRO C 171 35.67 16.27 -18.05
N HIS C 172 36.52 16.90 -17.23
CA HIS C 172 37.63 16.19 -16.63
C HIS C 172 37.12 15.08 -15.71
N GLU C 173 37.76 13.92 -15.80
CA GLU C 173 37.29 12.72 -15.11
C GLU C 173 37.89 12.64 -13.71
N VAL C 174 37.05 12.33 -12.74
CA VAL C 174 37.51 12.07 -11.38
C VAL C 174 37.01 10.71 -10.93
N VAL C 187 36.65 27.72 -8.10
CA VAL C 187 36.35 28.89 -7.28
C VAL C 187 34.85 29.03 -7.10
N ASP C 188 34.13 28.99 -8.21
CA ASP C 188 32.67 29.04 -8.19
C ASP C 188 32.16 27.60 -8.24
N SER C 189 31.94 27.04 -7.06
CA SER C 189 31.51 25.65 -6.97
C SER C 189 30.15 25.44 -7.61
N LEU C 190 29.22 26.36 -7.34
CA LEU C 190 27.85 26.18 -7.82
C LEU C 190 27.80 26.10 -9.34
N ARG C 191 28.38 27.10 -10.00
CA ARG C 191 28.36 27.14 -11.46
C ARG C 191 29.06 25.92 -12.04
N HIS C 192 30.21 25.57 -11.48
CA HIS C 192 30.98 24.45 -12.01
C HIS C 192 30.21 23.14 -11.91
N SER C 193 29.63 22.87 -10.74
CA SER C 193 28.89 21.64 -10.57
C SER C 193 27.67 21.58 -11.48
N ARG C 194 26.93 22.68 -11.57
CA ARG C 194 25.76 22.70 -12.44
C ARG C 194 26.15 22.48 -13.89
N SER C 195 27.29 23.02 -14.31
CA SER C 195 27.74 22.81 -15.68
C SER C 195 28.07 21.35 -15.91
N ARG C 196 28.73 20.70 -14.97
CA ARG C 196 29.02 19.28 -15.15
C ARG C 196 27.74 18.48 -15.26
N LEU C 197 26.76 18.82 -14.42
CA LEU C 197 25.48 18.11 -14.50
C LEU C 197 24.84 18.30 -15.86
N ASN C 198 24.87 19.52 -16.39
CA ASN C 198 24.27 19.76 -17.69
C ASN C 198 24.95 18.95 -18.78
N ILE C 199 26.27 18.88 -18.73
CA ILE C 199 26.99 18.13 -19.76
C ILE C 199 26.61 16.66 -19.72
N TYR C 200 26.68 16.04 -18.55
CA TYR C 200 26.29 14.64 -18.47
C TYR C 200 24.85 14.42 -18.85
N LYS C 201 23.95 15.30 -18.41
CA LYS C 201 22.55 15.16 -18.78
C LYS C 201 22.38 15.24 -20.29
N ALA C 202 23.29 15.94 -20.96
CA ALA C 202 23.23 16.01 -22.41
C ALA C 202 23.69 14.71 -23.05
N LEU C 203 24.90 14.26 -22.72
CA LEU C 203 25.47 13.13 -23.44
C LEU C 203 24.68 11.84 -23.25
N ALA C 204 23.80 11.77 -22.26
CA ALA C 204 22.99 10.57 -22.08
C ALA C 204 21.64 10.68 -22.78
N SER C 205 21.64 11.06 -24.06
CA SER C 205 20.41 11.22 -24.81
C SER C 205 20.40 10.23 -25.97
N PRO C 206 19.40 9.38 -26.08
CA PRO C 206 19.40 8.35 -27.12
C PRO C 206 19.60 8.90 -28.51
N SER C 207 19.09 10.09 -28.79
CA SER C 207 19.24 10.65 -30.13
C SER C 207 20.70 10.96 -30.44
N LEU C 208 21.37 11.69 -29.53
CA LEU C 208 22.75 12.05 -29.77
C LEU C 208 23.64 10.81 -29.84
N ILE C 209 23.37 9.82 -28.99
CA ILE C 209 24.12 8.58 -29.05
C ILE C 209 23.92 7.90 -30.39
N ALA C 210 22.68 7.87 -30.87
CA ALA C 210 22.43 7.28 -32.18
C ALA C 210 23.18 8.01 -33.27
N LEU C 211 23.35 9.32 -33.16
CA LEU C 211 24.01 10.07 -34.23
C LEU C 211 25.53 9.99 -34.12
N SER C 212 26.09 10.51 -33.03
CA SER C 212 27.53 10.66 -32.90
C SER C 212 28.09 9.58 -31.97
N SER C 213 28.19 8.35 -32.49
CA SER C 213 28.81 7.29 -31.71
C SER C 213 29.33 6.22 -32.64
N GLU C 214 30.57 5.79 -32.42
CA GLU C 214 31.11 4.68 -33.18
C GLU C 214 30.43 3.38 -32.83
N ASP C 215 30.27 3.11 -31.53
CA ASP C 215 29.63 1.88 -31.10
C ASP C 215 28.68 2.17 -29.95
N PRO C 216 27.37 2.17 -30.19
CA PRO C 216 26.43 2.61 -29.16
C PRO C 216 26.51 1.81 -27.87
N PHE C 217 26.69 0.50 -27.96
CA PHE C 217 26.64 -0.34 -26.77
C PHE C 217 27.75 0.01 -25.80
N LEU C 218 28.97 0.18 -26.30
CA LEU C 218 30.08 0.52 -25.42
C LEU C 218 29.85 1.88 -24.80
N THR C 219 29.29 2.82 -25.55
CA THR C 219 29.00 4.13 -24.98
C THR C 219 28.00 4.03 -23.85
N ALA C 220 26.94 3.23 -24.03
CA ALA C 220 25.96 3.07 -22.98
C ALA C 220 26.60 2.47 -21.73
N PHE C 221 27.42 1.44 -21.90
CA PHE C 221 28.02 0.79 -20.74
C PHE C 221 28.94 1.76 -20.01
N GLN C 222 29.86 2.40 -20.73
CA GLN C 222 30.81 3.31 -20.10
C GLN C 222 30.09 4.45 -19.41
N LEU C 223 29.08 5.02 -20.07
CA LEU C 223 28.39 6.16 -19.49
C LEU C 223 27.63 5.76 -18.24
N SER C 224 26.99 4.58 -18.26
CA SER C 224 26.30 4.13 -17.05
C SER C 224 27.26 3.94 -15.90
N TRP C 225 28.41 3.33 -16.17
CA TRP C 225 29.40 3.13 -15.11
C TRP C 225 29.89 4.47 -14.55
N GLU C 226 30.23 5.41 -15.43
CA GLU C 226 30.75 6.68 -14.96
C GLU C 226 29.71 7.43 -14.13
N LEU C 227 28.46 7.43 -14.58
CA LEU C 227 27.41 8.11 -13.83
C LEU C 227 27.18 7.45 -12.49
N GLN C 228 27.14 6.11 -12.47
CA GLN C 228 26.96 5.41 -11.21
C GLN C 228 28.07 5.74 -10.23
N GLU C 229 29.30 5.80 -10.72
CA GLU C 229 30.41 6.14 -9.83
C GLU C 229 30.30 7.56 -9.31
N LEU C 230 29.95 8.50 -10.18
CA LEU C 230 29.81 9.87 -9.69
C LEU C 230 28.62 10.04 -8.77
N SER C 231 27.68 9.09 -8.77
CA SER C 231 26.55 9.21 -7.86
C SER C 231 26.96 9.20 -6.40
N LYS C 232 28.17 8.73 -6.08
CA LYS C 232 28.62 8.57 -4.70
C LYS C 232 29.51 9.70 -4.22
N VAL C 233 30.14 10.45 -5.11
CA VAL C 233 31.04 11.53 -4.72
C VAL C 233 30.33 12.88 -4.78
N GLU C 234 29.53 13.12 -5.80
CA GLU C 234 28.72 14.33 -5.89
C GLU C 234 27.36 14.05 -5.27
N ASN C 235 27.39 13.72 -3.98
CA ASN C 235 26.22 13.16 -3.32
C ASN C 235 25.10 14.17 -3.12
N GLU C 236 25.41 15.47 -3.04
CA GLU C 236 24.33 16.43 -2.87
C GLU C 236 23.35 16.38 -4.02
N PHE C 237 23.85 16.24 -5.25
CA PHE C 237 23.02 15.92 -6.40
C PHE C 237 23.06 14.42 -6.61
N LYS C 238 22.23 13.71 -5.86
CA LYS C 238 22.27 12.25 -5.88
C LYS C 238 21.17 11.63 -6.72
N ALA C 239 19.98 12.23 -6.75
CA ALA C 239 18.88 11.60 -7.48
C ALA C 239 19.09 11.68 -8.98
N GLU C 240 19.61 12.80 -9.47
CA GLU C 240 19.73 12.99 -10.90
C GLU C 240 20.62 11.92 -11.52
N TYR C 241 21.80 11.69 -10.95
CA TYR C 241 22.70 10.69 -11.51
C TYR C 241 22.12 9.29 -11.39
N GLU C 242 21.53 8.97 -10.24
CA GLU C 242 20.92 7.66 -10.10
C GLU C 242 19.76 7.46 -11.06
N GLU C 243 19.23 8.52 -11.63
CA GLU C 243 18.21 8.33 -12.64
C GLU C 243 18.80 8.28 -14.05
N LEU C 244 19.87 9.03 -14.29
CA LEU C 244 20.52 8.97 -15.59
C LEU C 244 21.10 7.59 -15.85
N SER C 245 21.60 6.94 -14.81
CA SER C 245 22.08 5.57 -14.99
C SER C 245 20.95 4.66 -15.46
N HIS C 246 19.79 4.79 -14.84
CA HIS C 246 18.64 3.99 -15.25
C HIS C 246 18.29 4.27 -16.70
N GLN C 247 18.34 5.54 -17.09
CA GLN C 247 18.01 5.90 -18.46
C GLN C 247 18.95 5.23 -19.46
N CYS C 248 20.24 5.27 -19.17
CA CYS C 248 21.20 4.63 -20.06
C CYS C 248 20.95 3.14 -20.17
N LYS C 249 20.69 2.47 -19.04
CA LYS C 249 20.48 1.03 -19.09
C LYS C 249 19.25 0.69 -19.91
N HIS C 250 18.16 1.41 -19.70
CA HIS C 250 16.96 1.14 -20.49
C HIS C 250 17.23 1.33 -21.98
N PHE C 251 17.94 2.39 -22.35
CA PHE C 251 18.24 2.59 -23.76
C PHE C 251 19.05 1.44 -24.33
N ALA C 252 20.03 0.96 -23.57
CA ALA C 252 20.82 -0.16 -24.04
C ALA C 252 19.96 -1.39 -24.27
N LYS C 253 18.96 -1.61 -23.43
CA LYS C 253 18.11 -2.77 -23.66
C LYS C 253 17.26 -2.59 -24.90
N ASP C 254 16.63 -1.42 -25.04
CA ASP C 254 15.75 -1.19 -26.19
C ASP C 254 16.50 -1.27 -27.50
N LEU C 255 17.79 -0.92 -27.51
CA LEU C 255 18.52 -1.00 -28.77
C LEU C 255 18.58 -2.44 -29.27
N LEU C 256 18.99 -3.37 -28.42
CA LEU C 256 19.04 -4.77 -28.82
C LEU C 256 17.66 -5.37 -28.99
N ASP C 257 16.63 -4.72 -28.45
CA ASP C 257 15.28 -5.26 -28.59
C ASP C 257 14.96 -5.59 -30.04
N GLN C 258 15.11 -4.61 -30.94
CA GLN C 258 14.57 -4.73 -32.30
C GLN C 258 15.49 -5.52 -33.23
N THR C 259 15.76 -6.76 -32.86
CA THR C 259 16.37 -7.70 -33.78
C THR C 259 15.30 -8.62 -34.34
N ARG C 260 15.65 -9.34 -35.41
CA ARG C 260 14.65 -10.14 -36.10
C ARG C 260 15.08 -11.56 -36.44
N SER C 261 16.36 -11.86 -36.47
CA SER C 261 16.80 -13.21 -36.82
C SER C 261 17.91 -13.65 -35.89
N SER C 262 17.92 -14.94 -35.57
CA SER C 262 18.84 -15.44 -34.56
C SER C 262 20.29 -15.20 -34.95
N ARG C 263 20.61 -15.24 -36.24
CA ARG C 263 21.99 -15.00 -36.64
C ARG C 263 22.42 -13.58 -36.29
N GLU C 264 21.54 -12.59 -36.47
CA GLU C 264 21.88 -11.24 -36.07
C GLU C 264 22.23 -11.18 -34.59
N LEU C 265 21.40 -11.80 -33.76
CA LEU C 265 21.64 -11.79 -32.32
C LEU C 265 22.97 -12.46 -32.00
N GLU C 266 23.24 -13.58 -32.65
CA GLU C 266 24.45 -14.33 -32.35
C GLU C 266 25.70 -13.61 -32.80
N LEU C 267 25.62 -12.83 -33.89
CA LEU C 267 26.75 -11.97 -34.23
C LEU C 267 26.89 -10.81 -33.26
N ILE C 268 25.79 -10.31 -32.72
CA ILE C 268 25.92 -9.24 -31.73
C ILE C 268 26.62 -9.75 -30.49
N LEU C 269 26.22 -10.92 -30.01
CA LEU C 269 26.74 -11.38 -28.72
C LEU C 269 28.17 -11.90 -28.83
N ASN C 270 28.55 -12.45 -29.98
CA ASN C 270 29.88 -13.04 -30.14
C ASN C 270 30.84 -12.04 -30.79
N PHE C 271 31.09 -10.94 -30.09
CA PHE C 271 31.93 -9.88 -30.64
C PHE C 271 33.04 -9.54 -29.66
N ARG C 272 34.11 -8.96 -30.19
CA ARG C 272 35.24 -8.56 -29.38
C ARG C 272 36.11 -7.55 -30.11
N ASN C 284 36.84 -18.06 -28.08
CA ASN C 284 35.83 -17.96 -27.03
C ASN C 284 34.49 -17.56 -27.61
N GLU C 285 33.48 -17.44 -26.75
CA GLU C 285 32.14 -17.07 -27.19
C GLU C 285 31.52 -16.13 -26.18
N LEU C 286 30.57 -15.32 -26.65
CA LEU C 286 29.74 -14.48 -25.81
C LEU C 286 30.56 -13.44 -25.05
N ALA C 287 31.63 -12.94 -25.67
CA ALA C 287 32.43 -11.91 -25.02
C ALA C 287 31.60 -10.67 -24.70
N ARG C 288 30.66 -10.34 -25.58
CA ARG C 288 29.74 -9.25 -25.28
C ARG C 288 28.94 -9.54 -24.03
N LEU C 289 28.50 -10.79 -23.86
CA LEU C 289 27.72 -11.11 -22.68
C LEU C 289 28.58 -11.04 -21.43
N LYS C 290 29.83 -11.49 -21.52
CA LYS C 290 30.74 -11.33 -20.40
C LYS C 290 30.87 -9.87 -20.02
N LEU C 291 31.02 -9.00 -21.02
CA LEU C 291 31.15 -7.58 -20.72
C LEU C 291 29.88 -7.04 -20.06
N ALA C 292 28.72 -7.43 -20.58
CA ALA C 292 27.47 -6.95 -20.01
C ALA C 292 27.36 -7.34 -18.55
N ILE C 293 27.67 -8.59 -18.24
CA ILE C 293 27.67 -9.04 -16.85
C ILE C 293 28.64 -8.21 -16.02
N LYS C 294 29.84 -7.99 -16.56
CA LYS C 294 30.84 -7.22 -15.84
C LYS C 294 30.39 -5.78 -15.60
N TYR C 295 29.46 -5.27 -16.40
CA TYR C 295 28.98 -3.91 -16.24
C TYR C 295 27.59 -3.86 -15.62
N ARG C 296 27.11 -4.96 -15.04
CA ARG C 296 25.90 -4.99 -14.23
C ARG C 296 24.67 -4.52 -15.00
N GLN C 297 24.63 -4.78 -16.31
CA GLN C 297 23.47 -4.40 -17.12
C GLN C 297 22.36 -5.41 -16.85
N LYS C 298 21.68 -5.22 -15.72
CA LYS C 298 20.64 -6.16 -15.31
C LYS C 298 19.51 -6.21 -16.33
N GLU C 299 19.02 -5.05 -16.77
CA GLU C 299 17.91 -5.05 -17.71
C GLU C 299 18.30 -5.55 -19.09
N PHE C 300 19.59 -5.70 -19.37
CA PHE C 300 20.04 -6.15 -20.68
C PHE C 300 20.14 -7.66 -20.76
N VAL C 301 20.65 -8.30 -19.71
CA VAL C 301 20.80 -9.74 -19.73
C VAL C 301 19.44 -10.43 -19.64
N ALA C 302 18.56 -9.90 -18.80
CA ALA C 302 17.26 -10.54 -18.64
C ALA C 302 16.31 -10.11 -19.72
N GLN C 303 16.70 -10.26 -20.98
CA GLN C 303 15.86 -9.84 -22.06
C GLN C 303 15.33 -11.07 -22.78
N PRO C 304 14.03 -11.16 -23.02
CA PRO C 304 13.42 -12.43 -23.42
C PRO C 304 14.01 -13.12 -24.63
N ASN C 305 14.97 -12.51 -25.31
CA ASN C 305 15.67 -13.20 -26.38
C ASN C 305 17.01 -13.76 -25.95
N CYS C 306 17.73 -13.07 -25.07
CA CYS C 306 18.96 -13.63 -24.56
C CYS C 306 18.70 -14.93 -23.82
N GLN C 307 17.62 -14.96 -23.02
CA GLN C 307 17.32 -16.15 -22.23
C GLN C 307 17.05 -17.35 -23.10
N GLN C 308 16.40 -17.14 -24.25
CA GLN C 308 16.13 -18.26 -25.14
C GLN C 308 17.43 -18.87 -25.64
N LEU C 309 18.34 -18.04 -26.13
CA LEU C 309 19.61 -18.56 -26.63
C LEU C 309 20.40 -19.24 -25.53
N LEU C 310 20.44 -18.63 -24.36
CA LEU C 310 21.21 -19.21 -23.27
C LEU C 310 20.64 -20.55 -22.87
N ALA C 311 19.33 -20.65 -22.73
CA ALA C 311 18.73 -21.93 -22.37
C ALA C 311 19.00 -22.96 -23.44
N SER C 312 18.91 -22.57 -24.72
CA SER C 312 19.15 -23.53 -25.79
C SER C 312 20.57 -24.04 -25.78
N ARG C 313 21.53 -23.20 -25.44
CA ARG C 313 22.90 -23.68 -25.40
C ARG C 313 23.24 -24.34 -24.08
N TRP C 314 22.38 -24.19 -23.07
CA TRP C 314 22.49 -24.91 -21.81
C TRP C 314 22.03 -26.36 -21.94
N TYR C 315 20.76 -26.56 -22.25
CA TYR C 315 20.18 -27.89 -22.17
C TYR C 315 20.84 -28.84 -23.19
N ASP C 316 20.66 -28.56 -24.47
CA ASP C 316 21.11 -29.40 -25.57
C ASP C 316 20.45 -30.77 -25.57
N GLU C 317 19.36 -30.92 -24.80
CA GLU C 317 18.69 -32.21 -24.63
C GLU C 317 19.64 -33.30 -24.18
N ARG C 324 7.37 -35.48 -19.31
CA ARG C 324 8.33 -34.41 -19.08
C ARG C 324 7.67 -33.22 -18.41
N HIS C 325 6.88 -33.49 -17.36
CA HIS C 325 6.22 -32.43 -16.62
C HIS C 325 6.74 -32.32 -15.19
N TRP C 326 6.64 -33.38 -14.42
CA TRP C 326 7.16 -33.37 -13.05
C TRP C 326 8.03 -34.58 -12.77
N ALA C 327 7.68 -35.74 -13.32
CA ALA C 327 8.47 -36.94 -13.15
C ALA C 327 9.24 -37.33 -14.40
N GLY C 328 8.94 -36.71 -15.55
CA GLY C 328 9.69 -36.99 -16.76
C GLY C 328 11.15 -36.58 -16.66
N LYS C 329 11.47 -35.67 -15.75
CA LYS C 329 12.83 -35.22 -15.51
C LYS C 329 13.35 -35.55 -14.13
N LEU C 330 12.45 -35.71 -13.15
CA LEU C 330 12.88 -35.83 -11.76
C LEU C 330 13.58 -37.16 -11.49
N ILE C 331 13.23 -38.20 -12.21
CA ILE C 331 13.94 -39.47 -12.07
C ILE C 331 15.19 -39.50 -12.93
N THR C 332 15.12 -38.93 -14.12
CA THR C 332 16.30 -38.86 -14.99
C THR C 332 17.45 -38.17 -14.28
N CYS C 333 17.18 -37.02 -13.66
CA CYS C 333 18.26 -36.25 -13.05
C CYS C 333 18.90 -37.03 -11.90
N VAL C 334 18.09 -37.57 -10.99
CA VAL C 334 18.68 -38.29 -9.87
C VAL C 334 19.44 -39.52 -10.35
N PHE C 335 18.88 -40.24 -11.32
CA PHE C 335 19.55 -41.44 -11.79
C PHE C 335 20.90 -41.11 -12.39
N ILE C 336 20.97 -40.06 -13.22
CA ILE C 336 22.27 -39.69 -13.76
C ILE C 336 23.15 -39.09 -12.69
N GLY C 337 22.57 -38.69 -11.56
CA GLY C 337 23.37 -38.20 -10.45
C GLY C 337 24.03 -39.30 -9.64
N LEU C 338 23.39 -40.46 -9.52
CA LEU C 338 24.01 -41.55 -8.76
C LEU C 338 25.32 -41.99 -9.39
N MET C 339 25.25 -42.54 -10.60
CA MET C 339 26.45 -43.16 -11.18
C MET C 339 27.34 -42.15 -11.87
N PHE C 340 27.71 -41.10 -11.15
CA PHE C 340 28.59 -40.06 -11.68
C PHE C 340 30.07 -40.43 -11.73
N PRO C 341 30.63 -41.16 -10.75
CA PRO C 341 32.09 -41.35 -10.79
C PRO C 341 32.55 -42.14 -11.99
N LEU C 342 31.70 -43.00 -12.53
CA LEU C 342 32.06 -43.70 -13.75
C LEU C 342 32.32 -42.71 -14.87
N LEU C 343 31.41 -41.73 -15.04
CA LEU C 343 31.62 -40.70 -16.04
C LEU C 343 32.88 -39.90 -15.75
N SER C 344 33.11 -39.58 -14.48
CA SER C 344 34.29 -38.82 -14.12
C SER C 344 35.55 -39.54 -14.55
N LEU C 345 35.69 -40.81 -14.16
CA LEU C 345 36.90 -41.56 -14.49
C LEU C 345 37.03 -41.75 -16.00
N CYS C 346 35.91 -42.01 -16.68
CA CYS C 346 35.97 -42.22 -18.13
C CYS C 346 36.50 -40.99 -18.84
N TYR C 347 35.98 -39.82 -18.49
CA TYR C 347 36.53 -38.60 -19.07
C TYR C 347 37.97 -38.37 -18.60
N LEU C 348 38.30 -38.86 -17.40
CA LEU C 348 39.63 -38.62 -16.85
C LEU C 348 40.70 -39.34 -17.67
N VAL C 349 40.63 -40.68 -17.72
CA VAL C 349 41.72 -41.42 -18.31
C VAL C 349 41.60 -41.46 -19.83
N ALA C 350 40.38 -41.47 -20.35
CA ALA C 350 40.13 -41.56 -21.79
C ALA C 350 39.25 -40.38 -22.20
N PRO C 351 39.84 -39.19 -22.33
CA PRO C 351 39.05 -38.04 -22.77
C PRO C 351 38.67 -38.17 -24.23
N LYS C 352 37.99 -39.25 -24.56
CA LYS C 352 37.71 -39.64 -25.92
C LYS C 352 36.26 -39.36 -26.25
N SER C 353 35.85 -39.76 -27.45
CA SER C 353 34.50 -39.53 -27.93
C SER C 353 33.48 -40.45 -27.28
N ARG C 354 33.92 -41.44 -26.50
CA ARG C 354 33.02 -42.42 -25.95
C ARG C 354 31.99 -41.79 -25.03
N TYR C 355 32.44 -41.26 -23.90
CA TYR C 355 31.55 -40.65 -22.93
C TYR C 355 32.05 -39.32 -22.41
N GLY C 356 33.29 -38.93 -22.72
CA GLY C 356 33.75 -37.61 -22.34
C GLY C 356 32.94 -36.51 -22.96
N LEU C 357 32.43 -36.75 -24.17
CA LEU C 357 31.51 -35.81 -24.79
C LEU C 357 30.15 -35.81 -24.11
N PHE C 358 29.93 -36.66 -23.13
CA PHE C 358 28.71 -36.62 -22.35
C PHE C 358 28.88 -35.92 -21.02
N ILE C 359 30.06 -35.36 -20.76
CA ILE C 359 30.26 -34.48 -19.60
C ILE C 359 30.22 -33.03 -20.06
N ARG C 360 30.76 -32.78 -21.25
CA ARG C 360 30.91 -31.40 -21.70
C ARG C 360 29.59 -30.66 -21.79
N LYS C 361 28.48 -31.37 -21.95
CA LYS C 361 27.19 -30.73 -21.90
C LYS C 361 26.99 -30.14 -20.52
N PRO C 362 26.78 -28.83 -20.39
CA PRO C 362 26.82 -28.20 -19.06
C PRO C 362 25.77 -28.72 -18.10
N PHE C 363 24.58 -29.08 -18.60
CA PHE C 363 23.56 -29.59 -17.70
C PHE C 363 23.96 -30.90 -17.05
N ILE C 364 24.99 -31.56 -17.56
CA ILE C 364 25.48 -32.78 -16.94
C ILE C 364 26.60 -32.48 -15.96
N LYS C 365 27.48 -31.56 -16.32
CA LYS C 365 28.52 -31.14 -15.39
C LYS C 365 27.91 -30.58 -14.12
N PHE C 366 26.84 -29.81 -14.25
CA PHE C 366 26.18 -29.26 -13.06
C PHE C 366 25.66 -30.37 -12.17
N ILE C 367 25.00 -31.37 -12.76
CA ILE C 367 24.45 -32.45 -11.96
C ILE C 367 25.57 -33.21 -11.27
N CYS C 368 26.66 -33.49 -11.98
CA CYS C 368 27.77 -34.19 -11.35
C CYS C 368 28.32 -33.41 -10.17
N HIS C 369 28.51 -32.11 -10.35
CA HIS C 369 29.08 -31.31 -9.27
C HIS C 369 28.16 -31.30 -8.04
N THR C 370 26.86 -31.12 -8.26
CA THR C 370 25.97 -31.09 -7.11
C THR C 370 25.84 -32.45 -6.45
N ALA C 371 25.97 -33.54 -7.22
CA ALA C 371 25.97 -34.85 -6.60
C ALA C 371 27.19 -35.05 -5.72
N SER C 372 28.35 -34.57 -6.16
CA SER C 372 29.53 -34.62 -5.32
C SER C 372 29.31 -33.84 -4.03
N TYR C 373 28.69 -32.67 -4.14
CA TYR C 373 28.43 -31.88 -2.93
C TYR C 373 27.52 -32.61 -1.97
N LEU C 374 26.45 -33.23 -2.49
CA LEU C 374 25.55 -33.97 -1.63
C LEU C 374 26.25 -35.14 -0.96
N THR C 375 27.14 -35.81 -1.68
CA THR C 375 27.91 -36.88 -1.05
C THR C 375 28.77 -36.35 0.08
N PHE C 376 29.43 -35.22 -0.13
CA PHE C 376 30.21 -34.61 0.94
C PHE C 376 29.35 -34.38 2.17
N LEU C 377 28.16 -33.83 1.96
CA LEU C 377 27.27 -33.57 3.09
C LEU C 377 26.88 -34.86 3.79
N PHE C 378 26.62 -35.91 3.04
CA PHE C 378 26.24 -37.18 3.66
C PHE C 378 27.37 -37.72 4.52
N LEU C 379 28.60 -37.64 4.02
CA LEU C 379 29.74 -38.10 4.82
C LEU C 379 29.88 -37.29 6.08
N LEU C 380 29.73 -35.97 5.99
CA LEU C 380 29.80 -35.16 7.19
C LEU C 380 28.70 -35.54 8.17
N LEU C 381 27.52 -35.88 7.67
CA LEU C 381 26.43 -36.27 8.56
C LEU C 381 26.75 -37.55 9.29
N LEU C 382 27.29 -38.56 8.60
CA LEU C 382 27.58 -39.80 9.30
C LEU C 382 28.90 -39.76 10.04
N ALA C 383 29.68 -38.68 9.90
CA ALA C 383 30.96 -38.61 10.60
C ALA C 383 30.81 -38.62 12.11
N SER C 384 29.61 -38.38 12.62
CA SER C 384 29.37 -38.33 14.06
C SER C 384 28.63 -39.54 14.57
N GLN C 385 28.40 -40.55 13.74
CA GLN C 385 27.71 -41.74 14.20
C GLN C 385 28.56 -42.50 15.21
N HIS C 386 27.90 -43.22 16.09
CA HIS C 386 28.60 -44.00 17.10
C HIS C 386 29.11 -45.33 16.56
N ILE C 387 28.60 -45.75 15.40
CA ILE C 387 29.01 -47.02 14.83
C ILE C 387 30.48 -46.99 14.43
N VAL C 388 30.90 -45.92 13.78
CA VAL C 388 32.26 -45.82 13.27
C VAL C 388 33.26 -45.83 14.42
N ASN C 391 33.64 -44.67 18.96
CA ASN C 391 34.95 -45.21 19.28
C ASN C 391 35.36 -44.81 20.71
N PRO C 392 36.37 -45.49 21.28
CA PRO C 392 36.84 -45.10 22.61
C PRO C 392 37.54 -43.76 22.58
N ASP C 393 36.93 -42.74 23.18
CA ASP C 393 37.55 -41.44 23.24
C ASP C 393 38.80 -41.47 24.12
N ARG C 394 39.91 -40.99 23.59
CA ARG C 394 41.19 -40.97 24.27
C ARG C 394 41.91 -39.71 23.85
N GLN C 395 43.21 -39.65 24.13
CA GLN C 395 44.00 -38.45 23.91
C GLN C 395 44.75 -38.55 22.58
N GLY C 396 44.56 -37.55 21.73
CA GLY C 396 45.26 -37.46 20.47
C GLY C 396 45.17 -38.71 19.61
N PRO C 397 43.97 -39.05 19.16
CA PRO C 397 43.81 -40.26 18.35
C PRO C 397 44.28 -40.05 16.93
N LYS C 398 44.59 -41.17 16.28
CA LYS C 398 44.92 -41.14 14.86
C LYS C 398 43.65 -40.92 14.05
N PRO C 399 43.77 -40.31 12.87
CA PRO C 399 42.58 -40.01 12.09
C PRO C 399 41.73 -41.24 11.84
N THR C 400 40.41 -41.07 11.98
CA THR C 400 39.50 -42.19 11.88
C THR C 400 39.37 -42.66 10.44
N THR C 401 38.49 -43.63 10.22
CA THR C 401 38.34 -44.21 8.89
C THR C 401 37.72 -43.25 7.89
N VAL C 402 36.97 -42.25 8.35
CA VAL C 402 36.31 -41.33 7.44
C VAL C 402 37.07 -40.02 7.24
N GLU C 403 37.97 -39.67 8.17
CA GLU C 403 38.77 -38.48 7.96
C GLU C 403 39.64 -38.62 6.71
N TRP C 404 40.25 -39.80 6.55
CA TRP C 404 40.93 -40.09 5.31
C TRP C 404 40.00 -40.09 4.13
N MET C 405 38.69 -40.21 4.37
CA MET C 405 37.74 -40.21 3.28
C MET C 405 37.32 -38.80 2.90
N ILE C 406 37.27 -37.88 3.85
CA ILE C 406 36.84 -36.52 3.55
C ILE C 406 38.00 -35.60 3.19
N LEU C 407 39.24 -35.99 3.48
CA LEU C 407 40.37 -35.16 3.09
C LEU C 407 40.37 -34.75 1.61
N PRO C 408 40.08 -35.63 0.65
CA PRO C 408 40.07 -35.18 -0.75
C PRO C 408 39.09 -34.06 -1.03
N TRP C 409 37.88 -34.09 -0.46
CA TRP C 409 36.95 -32.98 -0.67
C TRP C 409 37.53 -31.65 -0.21
N VAL C 410 38.08 -31.60 1.00
CA VAL C 410 38.56 -30.31 1.48
C VAL C 410 39.74 -29.84 0.63
N LEU C 411 40.62 -30.75 0.24
CA LEU C 411 41.75 -30.35 -0.58
C LEU C 411 41.30 -29.85 -1.95
N GLY C 412 40.35 -30.55 -2.57
CA GLY C 412 39.87 -30.12 -3.87
C GLY C 412 39.17 -28.79 -3.82
N PHE C 413 38.37 -28.57 -2.78
CA PHE C 413 37.70 -27.29 -2.63
C PHE C 413 38.70 -26.16 -2.49
N ILE C 414 39.73 -26.35 -1.67
CA ILE C 414 40.66 -25.26 -1.50
C ILE C 414 41.48 -25.02 -2.77
N TRP C 415 41.78 -26.09 -3.51
CA TRP C 415 42.44 -25.93 -4.80
C TRP C 415 41.60 -25.08 -5.74
N THR C 416 40.32 -25.41 -5.87
CA THR C 416 39.43 -24.64 -6.74
C THR C 416 39.36 -23.20 -6.28
N GLU C 417 39.30 -22.98 -4.96
CA GLU C 417 39.20 -21.62 -4.43
C GLU C 417 40.41 -20.79 -4.83
N ILE C 418 41.61 -21.30 -4.56
CA ILE C 418 42.81 -20.53 -4.89
C ILE C 418 42.90 -20.32 -6.40
N LYS C 419 42.52 -21.34 -7.17
CA LYS C 419 42.57 -21.23 -8.62
C LYS C 419 41.72 -20.07 -9.11
N GLN C 420 40.47 -20.02 -8.64
CA GLN C 420 39.56 -18.96 -9.05
C GLN C 420 39.94 -17.60 -8.46
N MET C 421 40.57 -17.61 -7.29
CA MET C 421 40.97 -16.38 -6.64
C MET C 421 42.12 -15.71 -7.38
N TRP C 422 42.92 -16.50 -8.09
CA TRP C 422 44.06 -15.98 -8.85
C TRP C 422 43.75 -14.71 -9.63
N ASP C 423 42.53 -14.59 -10.15
CA ASP C 423 42.18 -13.44 -10.97
C ASP C 423 41.83 -12.21 -10.12
N GLY C 424 40.80 -12.32 -9.29
CA GLY C 424 40.33 -11.16 -8.56
C GLY C 424 41.34 -10.66 -7.55
N GLY C 425 42.03 -11.57 -6.87
CA GLY C 425 43.08 -11.19 -5.94
C GLY C 425 42.59 -10.34 -4.79
N PHE C 426 41.49 -10.75 -4.17
CA PHE C 426 40.87 -10.07 -3.03
C PHE C 426 40.35 -8.69 -3.39
N GLN C 427 40.38 -8.31 -4.66
CA GLN C 427 39.85 -7.02 -5.10
C GLN C 427 38.85 -7.28 -6.20
N ASP C 428 37.68 -6.63 -6.09
CA ASP C 428 36.55 -6.90 -6.98
C ASP C 428 36.24 -8.40 -7.01
N TYR C 429 36.59 -9.08 -5.92
CA TYR C 429 36.42 -10.52 -5.82
C TYR C 429 35.87 -10.92 -4.46
N ILE C 430 35.90 -10.03 -3.47
CA ILE C 430 35.36 -10.30 -2.15
C ILE C 430 33.95 -9.73 -2.00
N HIS C 431 33.52 -8.86 -2.91
CA HIS C 431 32.25 -8.16 -2.74
C HIS C 431 31.10 -9.14 -2.55
N ASP C 432 31.07 -10.21 -3.34
CA ASP C 432 30.07 -11.24 -3.15
C ASP C 432 30.19 -11.85 -1.76
N TRP C 433 29.06 -11.95 -1.06
CA TRP C 433 29.10 -12.50 0.29
C TRP C 433 29.26 -14.01 0.28
N TRP C 434 28.76 -14.68 -0.77
CA TRP C 434 28.83 -16.13 -0.79
C TRP C 434 30.25 -16.65 -0.84
N ASN C 435 31.23 -15.80 -1.14
CA ASN C 435 32.60 -16.24 -1.30
C ASN C 435 33.42 -16.05 -0.02
N LEU C 436 33.08 -15.04 0.76
CA LEU C 436 33.75 -14.85 2.04
C LEU C 436 33.53 -16.06 2.95
N MET C 437 32.33 -16.64 2.91
CA MET C 437 32.09 -17.88 3.65
C MET C 437 33.01 -18.99 3.18
N ASP C 438 33.22 -19.10 1.87
CA ASP C 438 34.13 -20.13 1.39
C ASP C 438 35.52 -19.93 1.95
N PHE C 439 35.97 -18.68 1.96
CA PHE C 439 37.28 -18.38 2.52
C PHE C 439 37.38 -18.81 3.97
N VAL C 440 36.39 -18.42 4.78
CA VAL C 440 36.49 -18.71 6.20
C VAL C 440 36.39 -20.21 6.47
N MET C 441 35.53 -20.91 5.74
CA MET C 441 35.43 -22.36 5.94
C MET C 441 36.75 -23.03 5.64
N ASN C 442 37.39 -22.63 4.54
CA ASN C 442 38.61 -23.30 4.16
C ASN C 442 39.71 -23.02 5.19
N SER C 443 39.77 -21.80 5.69
CA SER C 443 40.75 -21.50 6.74
C SER C 443 40.49 -22.35 7.97
N LEU C 444 39.22 -22.52 8.34
CA LEU C 444 38.91 -23.32 9.52
C LEU C 444 39.30 -24.78 9.33
N TYR C 445 39.09 -25.30 8.12
CA TYR C 445 39.48 -26.69 7.87
C TYR C 445 40.99 -26.88 7.95
N LEU C 446 41.75 -25.93 7.39
CA LEU C 446 43.20 -26.01 7.55
C LEU C 446 43.59 -25.95 9.02
N ALA C 447 42.92 -25.10 9.79
CA ALA C 447 43.22 -25.01 11.21
C ALA C 447 42.96 -26.34 11.90
N THR C 448 41.85 -27.00 11.57
CA THR C 448 41.57 -28.30 12.16
C THR C 448 42.67 -29.29 11.83
N ILE C 449 43.10 -29.32 10.57
CA ILE C 449 44.18 -30.22 10.19
C ILE C 449 45.40 -29.97 11.05
N SER C 450 45.78 -28.70 11.20
CA SER C 450 47.00 -28.37 11.93
C SER C 450 46.90 -28.75 13.39
N LEU C 451 45.77 -28.42 14.03
CA LEU C 451 45.61 -28.77 15.44
C LEU C 451 45.64 -30.27 15.65
N LYS C 452 44.96 -31.03 14.79
CA LYS C 452 45.00 -32.47 14.96
C LYS C 452 46.41 -33.01 14.79
N ILE C 453 47.15 -32.48 13.82
CA ILE C 453 48.55 -32.87 13.66
C ILE C 453 49.32 -32.62 14.95
N VAL C 454 49.35 -31.36 15.40
CA VAL C 454 50.21 -31.02 16.53
C VAL C 454 49.76 -31.72 17.80
N ALA C 455 48.50 -32.09 17.90
CA ALA C 455 48.05 -32.86 19.06
C ALA C 455 48.48 -34.31 18.97
N TYR C 456 48.53 -34.88 17.77
CA TYR C 456 48.85 -36.29 17.65
C TYR C 456 50.26 -36.61 18.16
N VAL C 457 51.17 -35.65 18.07
CA VAL C 457 52.57 -35.93 18.39
C VAL C 457 53.01 -35.39 19.74
N LYS C 458 52.14 -34.66 20.44
CA LYS C 458 52.50 -34.15 21.76
C LYS C 458 52.03 -35.07 22.87
N TYR C 459 50.72 -35.29 22.96
CA TYR C 459 50.13 -36.16 23.98
C TYR C 459 49.77 -37.48 23.32
N SER C 460 50.78 -38.33 23.16
CA SER C 460 50.58 -39.62 22.51
C SER C 460 50.35 -40.70 23.56
N GLY C 461 49.19 -40.63 24.20
CA GLY C 461 48.85 -41.54 25.29
C GLY C 461 47.37 -41.76 25.38
N CYS C 462 46.88 -41.91 26.62
CA CYS C 462 45.48 -42.24 26.86
C CYS C 462 45.12 -42.01 28.33
N LYS C 463 44.03 -41.31 28.58
CA LYS C 463 43.50 -41.12 29.92
C LYS C 463 42.04 -40.71 29.81
N PRO C 464 41.24 -40.90 30.86
CA PRO C 464 39.81 -40.63 30.76
C PRO C 464 39.54 -39.18 30.34
N ARG C 465 38.54 -39.02 29.49
CA ARG C 465 38.25 -37.70 28.93
C ARG C 465 37.83 -36.71 30.02
N ASP C 466 37.16 -37.20 31.06
CA ASP C 466 36.67 -36.31 32.10
C ASP C 466 37.81 -35.54 32.76
N THR C 467 38.94 -36.20 32.97
CA THR C 467 40.06 -35.57 33.67
C THR C 467 41.02 -34.88 32.70
N TRP C 468 40.48 -34.04 31.84
CA TRP C 468 41.27 -33.20 30.97
C TRP C 468 41.14 -31.77 31.46
N GLU C 469 41.69 -30.84 30.69
CA GLU C 469 41.56 -29.43 31.00
C GLU C 469 41.23 -28.67 29.73
N MET C 470 40.66 -27.49 29.90
CA MET C 470 40.36 -26.65 28.75
C MET C 470 41.66 -26.32 28.01
N TRP C 471 41.51 -25.81 26.80
CA TRP C 471 42.61 -25.48 25.93
C TRP C 471 43.45 -26.70 25.58
N HIS C 472 42.94 -27.89 25.85
CA HIS C 472 43.57 -29.09 25.33
C HIS C 472 43.38 -29.14 23.82
N PRO C 473 44.41 -29.53 23.07
CA PRO C 473 44.33 -29.44 21.61
C PRO C 473 43.18 -30.22 20.99
N THR C 474 42.82 -31.38 21.54
CA THR C 474 41.76 -32.17 20.92
C THR C 474 40.43 -31.44 20.95
N LEU C 475 40.10 -30.80 22.07
CA LEU C 475 38.83 -30.10 22.16
C LEU C 475 38.75 -28.96 21.16
N VAL C 476 39.85 -28.20 21.02
CA VAL C 476 39.86 -27.13 20.04
C VAL C 476 39.81 -27.70 18.64
N ALA C 477 40.32 -28.91 18.44
CA ALA C 477 40.24 -29.53 17.13
C ALA C 477 38.84 -30.03 16.82
N GLU C 478 38.05 -30.31 17.85
CA GLU C 478 36.67 -30.74 17.59
C GLU C 478 35.75 -29.55 17.36
N ALA C 479 35.93 -28.48 18.14
CA ALA C 479 35.02 -27.36 18.05
C ALA C 479 35.02 -26.73 16.67
N VAL C 480 36.19 -26.41 16.15
CA VAL C 480 36.25 -25.75 14.85
C VAL C 480 35.73 -26.67 13.77
N PHE C 481 35.95 -27.97 13.90
CA PHE C 481 35.38 -28.89 12.93
C PHE C 481 33.86 -28.78 12.93
N ALA C 482 33.26 -28.68 14.13
CA ALA C 482 31.81 -28.53 14.18
C ALA C 482 31.37 -27.24 13.50
N ILE C 483 32.07 -26.15 13.77
CA ILE C 483 31.69 -24.87 13.14
C ILE C 483 31.78 -24.97 11.63
N ALA C 484 32.83 -25.62 11.12
CA ALA C 484 32.98 -25.76 9.69
C ALA C 484 31.83 -26.58 9.09
N ASN C 485 31.39 -27.62 9.80
CA ASN C 485 30.23 -28.36 9.34
C ASN C 485 29.02 -27.45 9.22
N ILE C 486 28.80 -26.61 10.24
CA ILE C 486 27.68 -25.68 10.18
C ILE C 486 27.77 -24.83 8.93
N PHE C 487 28.95 -24.30 8.66
CA PHE C 487 29.07 -23.35 7.56
C PHE C 487 28.87 -24.01 6.21
N SER C 488 29.39 -25.22 6.02
CA SER C 488 29.18 -25.91 4.76
C SER C 488 27.70 -26.20 4.53
N SER C 489 27.04 -26.76 5.56
CA SER C 489 25.63 -27.05 5.37
C SER C 489 24.80 -25.80 5.15
N LEU C 490 25.27 -24.65 5.63
CA LEU C 490 24.57 -23.41 5.28
C LEU C 490 24.86 -23.00 3.84
N ARG C 491 26.09 -23.19 3.39
CA ARG C 491 26.45 -22.84 2.03
C ARG C 491 25.64 -23.65 1.03
N LEU C 492 25.04 -24.73 1.47
CA LEU C 492 24.15 -25.50 0.59
C LEU C 492 23.11 -24.63 -0.12
N ILE C 493 22.56 -23.64 0.57
CA ILE C 493 21.45 -22.86 0.02
C ILE C 493 21.78 -22.16 -1.28
N SER C 494 23.07 -22.01 -1.60
CA SER C 494 23.48 -21.17 -2.72
C SER C 494 22.98 -21.65 -4.06
N LEU C 495 22.52 -22.90 -4.17
CA LEU C 495 22.10 -23.40 -5.46
C LEU C 495 20.59 -23.30 -5.67
N PHE C 496 19.85 -22.73 -4.73
CA PHE C 496 18.44 -22.50 -4.97
C PHE C 496 18.18 -21.50 -6.06
N THR C 497 19.17 -20.69 -6.44
CA THR C 497 18.95 -19.72 -7.50
C THR C 497 18.70 -20.41 -8.84
N ALA C 498 19.04 -21.68 -8.95
CA ALA C 498 18.85 -22.38 -10.21
C ALA C 498 17.42 -22.87 -10.39
N ASN C 499 16.61 -22.90 -9.34
CA ASN C 499 15.23 -23.32 -9.47
C ASN C 499 14.40 -22.15 -9.97
N SER C 500 13.08 -22.28 -9.92
CA SER C 500 12.20 -21.23 -10.42
C SER C 500 11.18 -20.79 -9.39
N HIS C 501 10.78 -21.70 -8.51
CA HIS C 501 9.83 -21.34 -7.46
C HIS C 501 10.53 -20.80 -6.21
N LEU C 502 11.75 -21.26 -5.95
CA LEU C 502 12.51 -20.78 -4.81
C LEU C 502 13.45 -19.65 -5.15
N GLY C 503 14.02 -19.65 -6.35
CA GLY C 503 14.97 -18.63 -6.77
C GLY C 503 14.59 -17.20 -6.44
N PRO C 504 13.47 -16.72 -6.98
CA PRO C 504 13.10 -15.33 -6.74
C PRO C 504 12.96 -15.02 -5.27
N LEU C 505 12.37 -15.94 -4.53
CA LEU C 505 12.18 -15.74 -3.10
C LEU C 505 13.52 -15.68 -2.38
N GLN C 506 14.44 -16.56 -2.74
CA GLN C 506 15.75 -16.55 -2.11
C GLN C 506 16.47 -15.23 -2.36
N ILE C 507 16.44 -14.74 -3.60
CA ILE C 507 17.10 -13.47 -3.87
C ILE C 507 16.44 -12.34 -3.10
N SER C 508 15.11 -12.32 -3.07
CA SER C 508 14.39 -11.28 -2.36
C SER C 508 14.78 -11.26 -0.89
N LEU C 509 14.84 -12.43 -0.27
CA LEU C 509 15.27 -12.50 1.12
C LEU C 509 16.72 -12.07 1.28
N GLY C 510 17.56 -12.39 0.31
CA GLY C 510 18.96 -12.03 0.42
C GLY C 510 19.17 -10.54 0.40
N ARG C 511 18.43 -9.81 -0.43
CA ARG C 511 18.66 -8.37 -0.48
C ARG C 511 18.10 -7.65 0.72
N MET C 512 17.10 -8.21 1.38
CA MET C 512 16.54 -7.59 2.57
C MET C 512 17.27 -8.06 3.83
N LEU C 513 18.59 -7.99 3.79
CA LEU C 513 19.42 -8.24 4.95
C LEU C 513 20.21 -7.01 5.34
N LEU C 514 20.74 -6.27 4.37
CA LEU C 514 21.41 -5.03 4.69
C LEU C 514 20.47 -4.03 5.33
N ASP C 515 19.17 -4.24 5.21
CA ASP C 515 18.21 -3.44 5.95
C ASP C 515 18.18 -3.81 7.43
N ILE C 516 18.60 -5.02 7.77
CA ILE C 516 18.50 -5.46 9.16
C ILE C 516 19.72 -5.08 9.98
N LEU C 517 20.92 -5.13 9.39
CA LEU C 517 22.12 -4.89 10.17
C LEU C 517 22.07 -3.54 10.88
N LYS C 518 21.36 -2.57 10.30
CA LYS C 518 21.21 -1.30 10.99
C LYS C 518 20.49 -1.48 12.32
N PHE C 519 19.47 -2.32 12.35
CA PHE C 519 18.80 -2.55 13.62
C PHE C 519 19.65 -3.38 14.56
N LEU C 520 20.34 -4.37 14.04
CA LEU C 520 21.25 -5.09 14.92
C LEU C 520 22.44 -4.30 15.27
N PHE C 521 22.49 -3.04 14.87
CA PHE C 521 23.48 -2.11 15.39
C PHE C 521 22.89 -1.10 16.36
N ILE C 522 21.65 -0.67 16.13
CA ILE C 522 21.00 0.17 17.14
C ILE C 522 20.77 -0.63 18.41
N TYR C 523 20.44 -1.91 18.28
CA TYR C 523 20.10 -2.70 19.45
C TYR C 523 21.29 -2.87 20.38
N CYS C 524 22.49 -2.96 19.84
CA CYS C 524 23.67 -3.16 20.68
C CYS C 524 23.85 -2.01 21.66
N LEU C 525 23.53 -0.79 21.25
CA LEU C 525 23.69 0.34 22.16
C LEU C 525 22.78 0.22 23.37
N VAL C 526 21.51 -0.12 23.12
CA VAL C 526 20.57 -0.32 24.22
C VAL C 526 21.07 -1.41 25.15
N LEU C 527 21.54 -2.50 24.56
CA LEU C 527 22.02 -3.62 25.37
C LEU C 527 23.16 -3.18 26.26
N LEU C 528 24.11 -2.41 25.71
CA LEU C 528 25.22 -1.93 26.53
C LEU C 528 24.74 -1.00 27.63
N ALA C 529 23.80 -0.12 27.33
CA ALA C 529 23.34 0.80 28.37
C ALA C 529 22.78 0.05 29.55
N PHE C 530 21.86 -0.87 29.30
CA PHE C 530 21.24 -1.56 30.43
C PHE C 530 22.23 -2.50 31.12
N ALA C 531 23.15 -3.11 30.36
CA ALA C 531 24.17 -3.93 31.00
C ALA C 531 25.00 -3.12 31.96
N ASN C 532 25.47 -1.95 31.51
CA ASN C 532 26.20 -1.05 32.37
C ASN C 532 25.43 -0.76 33.64
N GLY C 533 24.18 -0.37 33.51
CA GLY C 533 23.41 -0.03 34.69
C GLY C 533 23.30 -1.17 35.67
N LEU C 534 22.82 -2.31 35.20
CA LEU C 534 22.56 -3.43 36.11
C LEU C 534 23.86 -3.93 36.74
N ASN C 535 24.93 -4.01 35.97
CA ASN C 535 26.18 -4.48 36.53
C ASN C 535 26.67 -3.54 37.60
N GLN C 536 26.57 -2.23 37.37
CA GLN C 536 26.97 -1.28 38.40
C GLN C 536 26.16 -1.48 39.66
N LEU C 537 24.88 -1.78 39.52
CA LEU C 537 24.03 -1.92 40.70
C LEU C 537 24.36 -3.17 41.50
N TYR C 538 24.47 -4.32 40.83
CA TYR C 538 24.49 -5.60 41.52
C TYR C 538 25.88 -6.12 41.87
N PHE C 539 26.94 -5.43 41.51
CA PHE C 539 28.20 -6.17 41.62
C PHE C 539 28.68 -6.34 43.02
N TYR C 540 27.89 -6.03 44.04
CA TYR C 540 28.31 -6.17 45.42
C TYR C 540 27.99 -7.53 46.02
N TYR C 541 27.34 -8.41 45.29
CA TYR C 541 26.78 -9.61 45.88
C TYR C 541 27.25 -10.86 45.17
N GLU C 542 28.53 -10.91 44.82
CA GLU C 542 29.08 -12.08 44.14
C GLU C 542 29.24 -13.19 45.17
N ASN C 543 28.12 -13.85 45.49
CA ASN C 543 28.17 -14.83 46.57
C ASN C 543 29.10 -15.98 46.24
N SER C 544 28.71 -16.83 45.30
CA SER C 544 29.51 -17.97 44.85
C SER C 544 30.09 -18.78 46.02
N GLU C 545 29.33 -18.94 47.09
CA GLU C 545 29.73 -19.76 48.22
C GLU C 545 28.78 -20.94 48.35
N GLY C 546 29.31 -22.14 48.26
CA GLY C 546 28.51 -23.33 48.38
C GLY C 546 27.77 -23.73 47.12
N MET C 547 27.90 -22.95 46.04
CA MET C 547 27.27 -23.27 44.78
C MET C 547 28.31 -23.92 43.87
N THR C 548 28.00 -25.13 43.40
CA THR C 548 28.93 -25.85 42.54
C THR C 548 29.07 -25.16 41.19
N CYS C 549 27.94 -24.83 40.57
CA CYS C 549 27.92 -24.19 39.26
C CYS C 549 27.32 -22.80 39.39
N LYS C 550 28.04 -21.81 38.91
CA LYS C 550 27.57 -20.43 38.91
C LYS C 550 27.15 -20.02 37.51
N GLY C 551 26.43 -18.93 37.42
CA GLY C 551 26.02 -18.39 36.14
C GLY C 551 24.54 -18.60 35.90
N ILE C 552 24.12 -18.21 34.69
CA ILE C 552 22.72 -18.32 34.29
C ILE C 552 22.45 -19.61 33.54
N ARG C 553 23.39 -20.55 33.52
CA ARG C 553 23.22 -21.75 32.75
C ARG C 553 22.92 -22.99 33.57
N CYS C 554 23.23 -22.99 34.86
CA CYS C 554 23.01 -24.18 35.66
C CYS C 554 21.51 -24.36 35.92
N GLU C 555 21.17 -25.42 36.65
CA GLU C 555 19.76 -25.73 36.89
C GLU C 555 19.09 -24.60 37.67
N ARG C 556 19.74 -24.10 38.69
CA ARG C 556 19.20 -23.05 39.55
C ARG C 556 20.00 -21.78 39.30
N GLN C 557 19.50 -20.93 38.42
CA GLN C 557 20.27 -19.78 37.97
C GLN C 557 20.56 -18.83 39.12
N ASN C 558 21.78 -18.32 39.15
CA ASN C 558 22.20 -17.41 40.20
C ASN C 558 23.40 -16.63 39.69
N ASN C 559 23.72 -15.55 40.41
CA ASN C 559 24.81 -14.66 40.01
C ASN C 559 24.59 -14.17 38.59
N ALA C 560 23.35 -13.84 38.27
CA ALA C 560 23.03 -13.47 36.91
C ALA C 560 23.70 -12.16 36.51
N PHE C 561 23.81 -11.22 37.43
CA PHE C 561 24.30 -9.89 37.10
C PHE C 561 25.61 -9.57 37.81
N SER C 562 26.31 -10.57 38.34
CA SER C 562 27.50 -10.30 39.14
C SER C 562 28.55 -9.57 38.33
N THR C 563 29.07 -10.21 37.30
CA THR C 563 30.09 -9.61 36.46
C THR C 563 29.45 -9.03 35.21
N LEU C 564 30.28 -8.53 34.30
CA LEU C 564 29.74 -7.84 33.13
C LEU C 564 29.46 -8.78 31.97
N PHE C 565 30.36 -9.74 31.72
CA PHE C 565 30.09 -10.73 30.69
C PHE C 565 28.82 -11.51 30.99
N GLU C 566 28.65 -11.93 32.24
CA GLU C 566 27.44 -12.63 32.60
C GLU C 566 26.23 -11.73 32.46
N THR C 567 26.41 -10.42 32.65
CA THR C 567 25.29 -9.51 32.43
C THR C 567 24.90 -9.47 30.96
N LEU C 568 25.88 -9.40 30.06
CA LEU C 568 25.54 -9.43 28.65
C LEU C 568 24.80 -10.69 28.30
N GLN C 569 25.27 -11.84 28.80
CA GLN C 569 24.56 -13.08 28.51
C GLN C 569 23.15 -13.05 29.06
N SER C 570 22.99 -12.55 30.28
CA SER C 570 21.67 -12.51 30.91
C SER C 570 20.71 -11.68 30.07
N LEU C 571 21.16 -10.52 29.64
CA LEU C 571 20.29 -9.64 28.89
C LEU C 571 20.05 -10.12 27.47
N PHE C 572 20.94 -10.93 26.92
CA PHE C 572 20.65 -11.45 25.60
C PHE C 572 19.68 -12.61 25.66
N TRP C 573 19.77 -13.44 26.69
CA TRP C 573 18.89 -14.59 26.78
C TRP C 573 17.49 -14.23 27.24
N SER C 574 17.26 -12.98 27.61
CA SER C 574 15.93 -12.57 28.03
C SER C 574 14.99 -12.30 26.87
N ILE C 575 15.51 -12.20 25.66
CA ILE C 575 14.65 -11.93 24.53
C ILE C 575 13.73 -13.10 24.27
N PHE C 576 14.20 -14.31 24.48
CA PHE C 576 13.42 -15.52 24.25
C PHE C 576 12.78 -16.02 25.53
N GLY C 577 12.80 -15.24 26.59
CA GLY C 577 12.13 -15.64 27.82
C GLY C 577 12.70 -16.88 28.45
N LEU C 578 14.02 -17.01 28.44
CA LEU C 578 14.66 -18.16 29.03
C LEU C 578 15.31 -17.85 30.37
N ILE C 579 15.06 -16.68 30.93
CA ILE C 579 15.63 -16.27 32.21
C ILE C 579 14.50 -16.15 33.21
N SER C 580 14.57 -16.93 34.28
CA SER C 580 13.54 -16.89 35.30
C SER C 580 13.58 -15.56 36.03
N LEU C 581 12.61 -15.37 36.91
CA LEU C 581 12.44 -14.06 37.52
C LEU C 581 13.11 -13.93 38.88
N TYR C 582 13.56 -15.02 39.48
CA TYR C 582 14.16 -14.90 40.80
C TYR C 582 15.61 -14.49 40.74
N VAL C 583 16.20 -14.33 39.56
CA VAL C 583 17.60 -14.00 39.48
C VAL C 583 17.91 -12.66 40.10
N THR C 584 16.91 -11.81 40.27
CA THR C 584 17.12 -10.48 40.84
C THR C 584 16.87 -10.46 42.34
N ASN C 585 17.53 -11.35 43.09
CA ASN C 585 17.43 -11.35 44.53
C ASN C 585 18.80 -11.42 45.17
N VAL C 586 18.82 -11.06 46.45
CA VAL C 586 20.01 -11.14 47.27
C VAL C 586 19.63 -11.79 48.59
N LYS C 587 20.64 -12.27 49.32
CA LYS C 587 20.38 -12.95 50.58
C LYS C 587 19.69 -12.03 51.57
N ALA C 588 20.19 -10.81 51.71
CA ALA C 588 19.52 -9.83 52.55
C ALA C 588 18.20 -9.42 51.92
N ASP C 589 17.35 -8.81 52.74
CA ASP C 589 16.08 -8.27 52.25
C ASP C 589 16.21 -6.77 52.00
N HIS C 590 17.07 -6.41 51.06
CA HIS C 590 17.24 -5.02 50.68
C HIS C 590 16.21 -4.68 49.61
N LYS C 591 14.96 -4.64 50.04
CA LYS C 591 13.85 -4.58 49.10
C LYS C 591 13.96 -3.39 48.14
N PHE C 592 14.60 -2.31 48.57
CA PHE C 592 14.72 -1.16 47.67
C PHE C 592 15.60 -1.49 46.48
N THR C 593 16.78 -2.06 46.73
CA THR C 593 17.65 -2.41 45.62
C THR C 593 17.02 -3.47 44.74
N GLU C 594 16.37 -4.46 45.34
CA GLU C 594 15.71 -5.49 44.56
C GLU C 594 14.64 -4.90 43.67
N PHE C 595 13.86 -3.96 44.20
CA PHE C 595 12.81 -3.35 43.40
C PHE C 595 13.40 -2.55 42.25
N VAL C 596 14.48 -1.81 42.50
CA VAL C 596 15.06 -1.02 41.42
C VAL C 596 15.67 -1.93 40.36
N GLY C 597 16.30 -3.02 40.77
CA GLY C 597 16.82 -3.95 39.80
C GLY C 597 15.72 -4.55 38.94
N ALA C 598 14.63 -4.95 39.57
CA ALA C 598 13.51 -5.51 38.82
C ALA C 598 12.94 -4.48 37.87
N THR C 599 12.92 -3.22 38.27
CA THR C 599 12.38 -2.18 37.39
C THR C 599 13.26 -1.95 36.18
N MET C 600 14.58 -1.92 36.38
CA MET C 600 15.46 -1.82 35.21
C MET C 600 15.24 -2.99 34.27
N PHE C 601 15.15 -4.20 34.82
CA PHE C 601 14.94 -5.36 33.99
C PHE C 601 13.65 -5.25 33.20
N GLY C 602 12.58 -4.86 33.86
CA GLY C 602 11.31 -4.74 33.18
C GLY C 602 11.33 -3.70 32.07
N THR C 603 11.96 -2.56 32.35
CA THR C 603 12.04 -1.53 31.32
C THR C 603 12.80 -2.03 30.11
N TYR C 604 13.90 -2.74 30.35
CA TYR C 604 14.65 -3.27 29.22
C TYR C 604 13.79 -4.22 28.40
N ASN C 605 13.04 -5.08 29.07
CA ASN C 605 12.20 -6.03 28.36
C ASN C 605 11.14 -5.32 27.54
N VAL C 606 10.50 -4.30 28.11
CA VAL C 606 9.49 -3.58 27.36
C VAL C 606 10.09 -2.95 26.12
N ILE C 607 11.18 -2.19 26.31
CA ILE C 607 11.81 -1.52 25.17
C ILE C 607 12.11 -2.52 24.08
N SER C 608 12.90 -3.54 24.38
CA SER C 608 13.25 -4.49 23.34
C SER C 608 12.02 -5.12 22.71
N LEU C 609 11.31 -5.95 23.45
CA LEU C 609 10.32 -6.83 22.87
C LEU C 609 9.02 -6.14 22.50
N VAL C 610 8.90 -4.83 22.66
CA VAL C 610 7.70 -4.15 22.20
C VAL C 610 7.98 -2.95 21.32
N VAL C 611 9.14 -2.31 21.39
CA VAL C 611 9.42 -1.17 20.55
C VAL C 611 10.52 -1.47 19.54
N LEU C 612 11.44 -2.37 19.84
CA LEU C 612 12.48 -2.69 18.87
C LEU C 612 12.21 -3.99 18.13
N LEU C 613 11.05 -4.60 18.33
CA LEU C 613 10.71 -5.76 17.53
C LEU C 613 9.49 -5.52 16.66
N ASN C 614 8.71 -4.50 16.93
CA ASN C 614 7.64 -4.12 16.02
C ASN C 614 8.08 -3.03 15.05
N MET C 615 9.00 -2.16 15.47
CA MET C 615 9.60 -1.25 14.51
C MET C 615 10.53 -1.97 13.55
N LEU C 616 10.76 -3.25 13.73
CA LEU C 616 11.49 -4.02 12.75
C LEU C 616 10.57 -4.55 11.66
N ILE C 617 9.44 -5.12 12.04
CA ILE C 617 8.47 -5.54 11.04
C ILE C 617 7.94 -4.35 10.27
N ALA C 618 7.60 -3.28 10.99
CA ALA C 618 7.07 -2.10 10.33
C ALA C 618 8.05 -1.51 9.33
N MET C 619 9.32 -1.82 9.46
CA MET C 619 10.30 -1.37 8.49
C MET C 619 10.50 -2.37 7.37
N MET C 620 10.48 -3.66 7.71
CA MET C 620 10.65 -4.69 6.69
C MET C 620 9.56 -4.60 5.65
N ASN C 621 8.32 -4.32 6.06
CA ASN C 621 7.23 -4.29 5.08
C ASN C 621 7.47 -3.24 4.00
N ASN C 622 7.71 -2.00 4.42
CA ASN C 622 7.93 -0.94 3.43
C ASN C 622 9.22 -1.12 2.68
N SER C 623 10.24 -1.73 3.29
CA SER C 623 11.45 -1.99 2.52
C SER C 623 11.25 -3.13 1.53
N TYR C 624 10.29 -4.00 1.77
CA TYR C 624 10.00 -5.11 0.86
C TYR C 624 9.07 -4.70 -0.25
N GLN C 625 8.27 -3.65 -0.07
CA GLN C 625 7.38 -3.22 -1.14
C GLN C 625 8.16 -2.94 -2.42
N HIS C 626 9.25 -2.20 -2.31
CA HIS C 626 10.05 -1.83 -3.46
C HIS C 626 11.03 -2.91 -3.88
N ILE C 627 10.81 -4.14 -3.45
CA ILE C 627 11.65 -5.26 -3.87
C ILE C 627 10.93 -6.17 -4.85
N ALA C 628 9.62 -6.36 -4.70
CA ALA C 628 8.88 -7.24 -5.58
C ALA C 628 8.60 -6.62 -6.95
N ASP C 629 9.09 -5.42 -7.21
CA ASP C 629 8.94 -4.79 -8.52
C ASP C 629 10.13 -5.04 -9.43
N HIS C 630 11.15 -5.74 -8.94
CA HIS C 630 12.31 -6.09 -9.75
C HIS C 630 12.77 -7.50 -9.47
N ALA C 631 11.83 -8.40 -9.17
CA ALA C 631 12.20 -9.74 -8.76
C ALA C 631 12.73 -10.55 -9.94
N ASP C 632 11.96 -10.65 -11.02
CA ASP C 632 12.38 -11.48 -12.13
C ASP C 632 13.69 -11.00 -12.73
N ILE C 633 13.87 -9.70 -12.86
CA ILE C 633 15.10 -9.19 -13.44
C ILE C 633 16.30 -9.66 -12.65
N GLU C 634 16.27 -9.48 -11.33
CA GLU C 634 17.43 -9.82 -10.53
C GLU C 634 17.63 -11.32 -10.48
N TRP C 635 16.55 -12.08 -10.36
CA TRP C 635 16.71 -13.53 -10.31
C TRP C 635 17.30 -14.06 -11.60
N LYS C 636 16.84 -13.56 -12.74
CA LYS C 636 17.37 -14.04 -14.00
C LYS C 636 18.81 -13.64 -14.17
N PHE C 637 19.18 -12.44 -13.72
CA PHE C 637 20.57 -12.04 -13.78
C PHE C 637 21.44 -12.97 -12.97
N ALA C 638 21.01 -13.31 -11.75
CA ALA C 638 21.79 -14.21 -10.91
C ALA C 638 21.88 -15.60 -11.54
N ARG C 639 20.79 -16.08 -12.11
CA ARG C 639 20.81 -17.38 -12.74
C ARG C 639 21.78 -17.40 -13.91
N THR C 640 21.80 -16.34 -14.70
CA THR C 640 22.74 -16.29 -15.82
C THR C 640 24.17 -16.26 -15.32
N LYS C 641 24.44 -15.50 -14.27
CA LYS C 641 25.78 -15.51 -13.71
C LYS C 641 26.19 -16.92 -13.31
N LEU C 642 25.25 -17.67 -12.73
CA LEU C 642 25.56 -19.06 -12.38
C LEU C 642 25.82 -19.89 -13.63
N TRP C 643 24.96 -19.76 -14.64
CA TRP C 643 25.03 -20.61 -15.82
C TRP C 643 26.36 -20.43 -16.53
N MET C 644 26.78 -19.18 -16.73
CA MET C 644 27.97 -18.94 -17.53
C MET C 644 29.21 -19.59 -16.93
N SER C 645 29.20 -19.90 -15.64
CA SER C 645 30.36 -20.53 -15.03
C SER C 645 30.55 -21.97 -15.46
N TYR C 646 29.54 -22.59 -16.07
CA TYR C 646 29.61 -23.99 -16.46
C TYR C 646 29.67 -24.12 -17.98
N PHE C 647 30.39 -23.22 -18.62
CA PHE C 647 30.49 -23.21 -20.08
C PHE C 647 31.91 -23.47 -20.56
N GLU C 648 32.88 -22.75 -20.01
CA GLU C 648 34.26 -22.92 -20.42
C GLU C 648 34.82 -24.24 -19.90
N GLU C 649 35.88 -24.69 -20.54
CA GLU C 649 36.57 -25.91 -20.11
C GLU C 649 37.54 -25.63 -18.98
N GLY C 650 37.06 -24.99 -17.92
CA GLY C 650 37.92 -24.59 -16.83
C GLY C 650 38.28 -25.71 -15.88
N GLY C 651 37.29 -26.23 -15.16
CA GLY C 651 37.55 -27.32 -14.23
C GLY C 651 37.08 -28.67 -14.73
N THR C 652 35.84 -28.70 -15.23
CA THR C 652 35.26 -29.86 -15.88
C THR C 652 35.33 -31.13 -15.04
N LEU C 653 35.59 -30.99 -13.74
CA LEU C 653 35.79 -32.18 -12.94
C LEU C 653 35.29 -31.98 -11.52
N PRO C 654 34.56 -32.94 -10.96
CA PRO C 654 34.13 -32.83 -9.58
C PRO C 654 35.32 -32.81 -8.63
N PRO C 655 35.14 -32.33 -7.41
CA PRO C 655 36.27 -32.10 -6.51
C PRO C 655 37.12 -33.33 -6.27
N PRO C 656 36.54 -34.47 -5.88
CA PRO C 656 37.41 -35.57 -5.40
C PRO C 656 38.48 -35.97 -6.40
N PHE C 657 38.16 -35.95 -7.69
CA PHE C 657 39.11 -36.35 -8.72
C PHE C 657 39.84 -35.13 -9.28
N ASN C 658 40.60 -34.47 -8.40
CA ASN C 658 41.32 -33.28 -8.81
C ASN C 658 42.82 -33.44 -8.60
N ILE C 659 43.37 -34.58 -9.03
CA ILE C 659 44.80 -34.83 -8.94
C ILE C 659 45.41 -34.99 -10.33
N ALA C 696 40.27 -10.59 -42.61
CA ALA C 696 39.83 -11.97 -42.76
C ALA C 696 38.99 -12.40 -41.58
N GLU C 697 39.64 -12.57 -40.42
CA GLU C 697 38.99 -13.06 -39.22
C GLU C 697 38.65 -11.92 -38.26
N ASN C 698 39.64 -11.13 -37.86
CA ASN C 698 39.40 -10.04 -36.93
C ASN C 698 39.38 -8.69 -37.63
N VAL C 699 39.85 -8.62 -38.87
CA VAL C 699 39.88 -7.37 -39.61
C VAL C 699 38.62 -7.27 -40.45
N ARG C 700 38.10 -8.42 -40.87
CA ARG C 700 36.96 -8.45 -41.78
C ARG C 700 35.63 -8.49 -41.04
N LEU C 701 35.53 -9.28 -39.97
CA LEU C 701 34.24 -9.53 -39.34
C LEU C 701 33.61 -8.26 -38.78
N ASN C 702 34.38 -7.19 -38.61
CA ASN C 702 33.77 -5.92 -38.22
C ASN C 702 32.75 -5.46 -39.25
N HIS C 703 32.87 -5.92 -40.50
CA HIS C 703 31.97 -5.45 -41.55
C HIS C 703 30.53 -5.85 -41.27
N GLN C 704 30.30 -7.14 -41.00
CA GLN C 704 28.94 -7.60 -40.75
C GLN C 704 28.35 -6.92 -39.54
N TYR C 705 29.12 -6.80 -38.46
CA TYR C 705 28.61 -6.17 -37.26
C TYR C 705 28.31 -4.70 -37.49
N GLN C 706 29.11 -4.04 -38.32
CA GLN C 706 28.82 -2.66 -38.70
C GLN C 706 27.48 -2.58 -39.42
N GLU C 707 27.26 -3.51 -40.35
CA GLU C 707 26.00 -3.52 -41.08
C GLU C 707 24.83 -3.72 -40.13
N VAL C 708 24.99 -4.62 -39.17
CA VAL C 708 23.92 -4.91 -38.22
C VAL C 708 23.63 -3.68 -37.37
N LEU C 709 24.68 -2.99 -36.92
CA LEU C 709 24.44 -1.76 -36.16
C LEU C 709 23.67 -0.75 -36.99
N ARG C 710 24.04 -0.60 -38.26
CA ARG C 710 23.33 0.36 -39.10
C ARG C 710 21.84 0.01 -39.14
N ASN C 711 21.53 -1.25 -39.38
CA ASN C 711 20.13 -1.66 -39.48
C ASN C 711 19.40 -1.46 -38.16
N LEU C 712 20.03 -1.83 -37.05
CA LEU C 712 19.38 -1.72 -35.76
C LEU C 712 19.10 -0.27 -35.40
N VAL C 713 20.07 0.60 -35.63
CA VAL C 713 19.85 2.02 -35.34
C VAL C 713 18.73 2.56 -36.21
N LYS C 714 18.70 2.15 -37.48
CA LYS C 714 17.60 2.58 -38.33
C LYS C 714 16.25 2.18 -37.75
N ARG C 715 16.10 0.90 -37.40
CA ARG C 715 14.83 0.42 -36.86
C ARG C 715 14.46 1.18 -35.59
N TYR C 716 15.43 1.35 -34.69
CA TYR C 716 15.14 2.02 -33.42
C TYR C 716 14.70 3.44 -33.64
N VAL C 717 15.50 4.22 -34.39
CA VAL C 717 15.17 5.63 -34.53
C VAL C 717 13.86 5.80 -35.25
N ALA C 718 13.50 4.87 -36.13
CA ALA C 718 12.20 4.97 -36.80
C ALA C 718 11.07 4.69 -35.82
N ALA C 719 11.17 3.60 -35.08
CA ALA C 719 10.02 3.07 -34.36
C ALA C 719 10.00 3.44 -32.89
N MET C 720 10.89 4.30 -32.43
CA MET C 720 10.90 4.58 -31.00
C MET C 720 10.87 6.06 -30.70
N ILE C 721 11.42 6.89 -31.58
CA ILE C 721 11.41 8.31 -31.31
C ILE C 721 10.79 9.06 -32.48
N ARG C 722 10.02 8.35 -33.28
CA ARG C 722 9.20 8.98 -34.30
C ARG C 722 7.74 8.59 -34.19
N ASP C 723 7.45 7.35 -33.82
CA ASP C 723 6.09 6.89 -33.65
C ASP C 723 5.66 6.81 -32.19
N ALA C 724 6.58 7.04 -31.26
CA ALA C 724 6.23 7.18 -29.86
C ALA C 724 6.24 8.63 -29.41
N LYS C 725 6.58 9.56 -30.31
CA LYS C 725 6.46 10.98 -30.03
C LYS C 725 5.10 11.52 -30.42
N THR C 726 4.17 10.66 -30.82
CA THR C 726 2.84 11.08 -31.22
C THR C 726 1.77 10.81 -30.19
N GLU C 727 1.95 9.82 -29.33
CA GLU C 727 0.97 9.50 -28.30
C GLU C 727 1.44 10.08 -26.97
N GLU C 728 1.32 11.39 -26.83
CA GLU C 728 1.73 12.07 -25.60
C GLU C 728 0.57 12.74 -24.88
N GLY C 729 -0.16 13.65 -25.53
CA GLY C 729 -1.20 14.41 -24.86
C GLY C 729 -1.26 15.85 -25.29
N LEU C 730 -2.32 16.57 -24.93
CA LEU C 730 -2.50 17.95 -25.34
C LEU C 730 -2.49 18.87 -24.13
N THR C 731 -1.99 20.09 -24.35
CA THR C 731 -1.93 21.12 -23.32
C THR C 731 -2.36 22.44 -23.96
N GLU C 732 -2.21 23.53 -23.22
CA GLU C 732 -2.61 24.83 -23.75
C GLU C 732 -1.67 25.33 -24.85
N GLU C 733 -0.43 24.87 -24.84
CA GLU C 733 0.51 25.25 -25.89
C GLU C 733 0.03 24.82 -27.27
N ASN C 734 -0.88 23.85 -27.34
CA ASN C 734 -1.47 23.44 -28.59
C ASN C 734 -2.72 24.24 -28.91
N PHE C 735 -3.55 24.46 -27.89
CA PHE C 735 -4.79 25.19 -28.07
C PHE C 735 -4.54 26.61 -28.56
N LYS C 736 -3.50 27.26 -28.01
CA LYS C 736 -3.23 28.64 -28.41
C LYS C 736 -2.90 28.72 -29.90
N GLU C 737 -2.02 27.83 -30.37
CA GLU C 737 -1.68 27.84 -31.79
C GLU C 737 -2.90 27.54 -32.65
N LEU C 738 -3.69 26.55 -32.25
CA LEU C 738 -4.84 26.18 -33.06
C LEU C 738 -5.85 27.31 -33.13
N LYS C 739 -5.99 28.09 -32.07
CA LYS C 739 -6.90 29.23 -32.11
C LYS C 739 -6.35 30.36 -32.97
N GLN C 740 -5.07 30.68 -32.79
CA GLN C 740 -4.53 31.83 -33.53
C GLN C 740 -4.48 31.55 -35.01
N ASP C 741 -4.34 30.29 -35.42
CA ASP C 741 -4.36 29.99 -36.85
C ASP C 741 -5.71 30.36 -37.46
N ILE C 742 -6.80 29.99 -36.78
CA ILE C 742 -8.13 30.37 -37.25
C ILE C 742 -8.26 31.88 -37.30
N SER C 743 -7.79 32.57 -36.26
CA SER C 743 -7.91 34.02 -36.24
C SER C 743 -7.16 34.65 -37.41
N SER C 744 -5.95 34.18 -37.69
CA SER C 744 -5.18 34.73 -38.80
C SER C 744 -5.86 34.46 -40.13
N PHE C 745 -6.40 33.26 -40.31
CA PHE C 745 -7.14 32.96 -41.53
C PHE C 745 -8.30 33.92 -41.70
N ARG C 746 -9.01 34.21 -40.61
CA ARG C 746 -10.14 35.13 -40.67
C ARG C 746 -9.70 36.52 -41.10
N TYR C 747 -8.62 37.02 -40.49
CA TYR C 747 -8.11 38.33 -40.89
C TYR C 747 -7.74 38.36 -42.36
N GLU C 748 -7.06 37.32 -42.83
CA GLU C 748 -6.64 37.30 -44.23
C GLU C 748 -7.84 37.37 -45.16
N VAL C 749 -8.83 36.52 -44.93
CA VAL C 749 -9.98 36.49 -45.83
C VAL C 749 -10.76 37.80 -45.76
N ILE C 750 -11.00 38.30 -44.55
CA ILE C 750 -11.81 39.52 -44.41
C ILE C 750 -11.12 40.70 -45.06
N GLY C 751 -9.81 40.85 -44.81
CA GLY C 751 -9.09 41.96 -45.42
C GLY C 751 -8.98 41.85 -46.92
N MET C 752 -8.83 40.63 -47.44
CA MET C 752 -8.63 40.49 -48.87
C MET C 752 -9.88 40.78 -49.67
N MET C 753 -11.06 40.71 -49.04
CA MET C 753 -12.32 40.94 -49.73
C MET C 753 -12.78 42.39 -49.65
N LYS C 754 -11.88 43.30 -49.32
CA LYS C 754 -12.24 44.72 -49.25
C LYS C 754 -10.99 45.59 -49.25
N LEU D 29 -39.56 35.24 -21.20
CA LEU D 29 -38.98 34.25 -22.08
C LEU D 29 -39.78 34.13 -23.36
N SER D 30 -39.96 35.25 -24.06
CA SER D 30 -40.68 35.24 -25.32
C SER D 30 -39.75 34.80 -26.44
N THR D 31 -40.37 34.37 -27.55
CA THR D 31 -39.60 33.78 -28.63
C THR D 31 -38.55 34.73 -29.19
N GLN D 32 -38.83 36.04 -29.16
CA GLN D 32 -37.81 36.99 -29.59
C GLN D 32 -36.62 36.97 -28.65
N GLU D 33 -36.86 36.91 -27.35
CA GLU D 33 -35.76 36.83 -26.39
C GLU D 33 -34.97 35.56 -26.56
N LYS D 34 -35.65 34.43 -26.76
CA LYS D 34 -34.95 33.17 -26.97
C LYS D 34 -34.09 33.24 -28.22
N SER D 35 -34.65 33.78 -29.31
CA SER D 35 -33.87 33.91 -30.54
C SER D 35 -32.65 34.80 -30.33
N TYR D 36 -32.83 35.91 -29.60
CA TYR D 36 -31.72 36.82 -29.36
C TYR D 36 -30.64 36.18 -28.52
N LEU D 37 -31.02 35.43 -27.49
CA LEU D 37 -30.03 34.72 -26.68
C LEU D 37 -29.28 33.69 -27.52
N SER D 38 -30.00 32.96 -28.39
CA SER D 38 -29.32 32.00 -29.25
C SER D 38 -28.34 32.72 -30.18
N ALA D 39 -28.73 33.88 -30.68
CA ALA D 39 -27.84 34.65 -31.54
C ALA D 39 -26.57 35.06 -30.80
N VAL D 40 -26.72 35.50 -29.56
CA VAL D 40 -25.54 35.86 -28.77
C VAL D 40 -24.67 34.65 -28.53
N GLU D 41 -25.28 33.51 -28.18
CA GLU D 41 -24.50 32.34 -27.85
C GLU D 41 -23.73 31.83 -29.05
N LYS D 42 -24.39 31.73 -30.20
CA LYS D 42 -23.71 31.20 -31.38
C LYS D 42 -22.60 32.14 -31.84
N GLY D 43 -22.82 33.44 -31.74
CA GLY D 43 -21.79 34.38 -32.10
C GLY D 43 -22.12 35.24 -33.29
N ASP D 44 -23.36 35.14 -33.78
CA ASP D 44 -23.79 36.02 -34.87
C ASP D 44 -23.75 37.47 -34.41
N TYR D 45 -23.31 38.35 -35.31
CA TYR D 45 -23.10 39.74 -34.97
C TYR D 45 -24.20 40.65 -35.50
N ALA D 46 -24.53 40.54 -36.78
CA ALA D 46 -25.56 41.38 -37.35
C ALA D 46 -26.89 41.17 -36.64
N SER D 47 -27.20 39.91 -36.31
CA SER D 47 -28.48 39.61 -35.68
C SER D 47 -28.60 40.32 -34.33
N VAL D 48 -27.58 40.19 -33.49
CA VAL D 48 -27.64 40.82 -32.18
C VAL D 48 -27.63 42.33 -32.31
N LYS D 49 -26.89 42.86 -33.29
CA LYS D 49 -26.86 44.31 -33.46
C LYS D 49 -28.25 44.85 -33.80
N LEU D 50 -28.90 44.27 -34.81
CA LEU D 50 -30.22 44.75 -35.17
C LEU D 50 -31.24 44.44 -34.08
N ALA D 51 -31.03 43.37 -33.32
CA ALA D 51 -31.94 43.09 -32.22
C ALA D 51 -31.87 44.17 -31.15
N LEU D 52 -30.65 44.60 -30.79
CA LEU D 52 -30.53 45.70 -29.85
C LEU D 52 -31.08 46.99 -30.43
N GLU D 53 -30.94 47.18 -31.73
CA GLU D 53 -31.55 48.35 -32.36
C GLU D 53 -33.07 48.33 -32.18
N GLU D 54 -33.71 47.27 -32.65
CA GLU D 54 -35.17 47.16 -32.68
C GLU D 54 -35.79 46.86 -31.32
N ALA D 55 -34.98 46.58 -30.30
CA ALA D 55 -35.54 46.33 -28.99
C ALA D 55 -36.02 47.61 -28.32
N GLU D 56 -35.24 48.68 -28.43
CA GLU D 56 -35.58 49.91 -27.71
C GLU D 56 -36.86 50.54 -28.26
N ILE D 57 -37.02 50.53 -29.58
CA ILE D 57 -38.09 51.29 -30.21
C ILE D 57 -39.47 50.77 -29.78
N TYR D 58 -39.57 49.48 -29.46
CA TYR D 58 -40.86 48.87 -29.20
C TYR D 58 -41.04 48.40 -27.77
N PHE D 59 -39.95 48.22 -27.02
CA PHE D 59 -39.98 47.71 -25.65
C PHE D 59 -40.70 46.38 -25.55
N LYS D 60 -40.80 45.65 -26.67
CA LYS D 60 -41.45 44.35 -26.68
C LYS D 60 -40.56 43.26 -26.08
N ILE D 61 -39.25 43.45 -26.06
CA ILE D 61 -38.33 42.49 -25.48
C ILE D 61 -37.44 43.20 -24.49
N ASN D 62 -36.77 42.41 -23.65
CA ASN D 62 -35.84 42.92 -22.66
C ASN D 62 -34.44 42.43 -22.97
N ILE D 63 -33.48 43.35 -22.92
CA ILE D 63 -32.09 42.96 -23.06
C ILE D 63 -31.56 42.29 -21.79
N ASN D 64 -32.19 42.53 -20.66
CA ASN D 64 -31.73 41.99 -19.37
C ASN D 64 -32.55 40.78 -18.94
N CYS D 65 -33.00 39.96 -19.88
CA CYS D 65 -33.66 38.73 -19.51
C CYS D 65 -32.66 37.77 -18.86
N ILE D 66 -33.19 36.72 -18.24
CA ILE D 66 -32.38 35.75 -17.51
C ILE D 66 -32.70 34.36 -18.04
N ASP D 67 -31.65 33.61 -18.36
CA ASP D 67 -31.80 32.24 -18.81
C ASP D 67 -32.35 31.38 -17.67
N PRO D 68 -33.00 30.26 -18.01
CA PRO D 68 -33.35 29.29 -16.96
C PRO D 68 -32.19 28.89 -16.07
N LEU D 69 -30.96 28.96 -16.57
CA LEU D 69 -29.79 28.65 -15.76
C LEU D 69 -29.17 29.90 -15.14
N GLY D 70 -29.78 31.05 -15.31
CA GLY D 70 -29.27 32.28 -14.73
C GLY D 70 -28.08 32.85 -15.45
N ARG D 71 -28.19 33.02 -16.76
CA ARG D 71 -27.10 33.51 -17.59
C ARG D 71 -27.65 34.55 -18.56
N THR D 72 -27.46 35.83 -18.24
CA THR D 72 -27.89 36.87 -19.16
C THR D 72 -26.92 36.92 -20.34
N ALA D 73 -27.13 37.89 -21.23
CA ALA D 73 -26.31 37.97 -22.43
C ALA D 73 -24.86 38.28 -22.10
N LEU D 74 -24.64 39.19 -21.17
CA LEU D 74 -23.27 39.59 -20.86
C LEU D 74 -22.47 38.42 -20.31
N LEU D 75 -23.08 37.59 -19.47
CA LEU D 75 -22.37 36.44 -18.91
C LEU D 75 -21.91 35.49 -20.00
N ILE D 76 -22.82 35.09 -20.89
CA ILE D 76 -22.44 34.11 -21.90
C ILE D 76 -21.44 34.73 -22.88
N ALA D 77 -21.58 36.01 -23.18
CA ALA D 77 -20.59 36.68 -24.03
C ALA D 77 -19.22 36.63 -23.37
N ILE D 78 -19.16 36.89 -22.07
CA ILE D 78 -17.89 36.84 -21.36
C ILE D 78 -17.33 35.42 -21.41
N GLU D 79 -18.19 34.43 -21.19
CA GLU D 79 -17.73 33.05 -21.16
C GLU D 79 -17.11 32.65 -22.50
N ASN D 80 -17.72 33.04 -23.60
CA ASN D 80 -17.17 32.67 -24.90
C ASN D 80 -16.05 33.60 -25.36
N GLU D 81 -15.80 34.69 -24.65
CA GLU D 81 -14.72 35.62 -24.97
C GLU D 81 -14.89 36.22 -26.37
N ASN D 82 -15.99 36.94 -26.54
CA ASN D 82 -16.28 37.67 -27.77
C ASN D 82 -16.14 39.15 -27.44
N LEU D 83 -14.93 39.68 -27.63
CA LEU D 83 -14.66 41.05 -27.20
C LEU D 83 -15.49 42.06 -27.97
N GLU D 84 -15.67 41.85 -29.27
CA GLU D 84 -16.50 42.76 -30.05
C GLU D 84 -17.93 42.75 -29.56
N ILE D 85 -18.48 41.56 -29.29
CA ILE D 85 -19.83 41.47 -28.75
C ILE D 85 -19.90 42.14 -27.40
N ILE D 86 -18.89 41.93 -26.57
CA ILE D 86 -18.89 42.50 -25.23
C ILE D 86 -18.91 44.03 -25.31
N GLU D 87 -18.07 44.60 -26.16
CA GLU D 87 -18.06 46.05 -26.29
C GLU D 87 -19.38 46.55 -26.85
N LEU D 88 -19.94 45.85 -27.82
CA LEU D 88 -21.21 46.27 -28.38
C LEU D 88 -22.29 46.30 -27.30
N LEU D 89 -22.34 45.26 -26.48
CA LEU D 89 -23.31 45.22 -25.40
C LEU D 89 -23.07 46.35 -24.42
N LEU D 90 -21.80 46.57 -24.06
CA LEU D 90 -21.49 47.62 -23.10
C LEU D 90 -21.95 48.98 -23.59
N SER D 91 -21.75 49.25 -24.89
CA SER D 91 -22.09 50.57 -25.41
C SER D 91 -23.57 50.86 -25.27
N PHE D 92 -24.42 49.84 -25.32
CA PHE D 92 -25.86 50.04 -25.17
C PHE D 92 -26.31 50.01 -23.71
N ASN D 93 -25.39 50.11 -22.76
CA ASN D 93 -25.72 50.30 -21.35
C ASN D 93 -26.55 49.15 -20.81
N VAL D 94 -25.96 47.97 -20.79
CA VAL D 94 -26.58 46.81 -20.17
C VAL D 94 -26.13 46.76 -18.72
N TYR D 95 -26.98 46.19 -17.86
CA TYR D 95 -26.63 46.07 -16.45
C TYR D 95 -25.45 45.13 -16.27
N VAL D 96 -24.52 45.51 -15.39
CA VAL D 96 -23.26 44.80 -15.24
C VAL D 96 -23.31 43.76 -14.13
N GLY D 97 -23.64 44.18 -12.91
CA GLY D 97 -23.64 43.24 -11.81
C GLY D 97 -22.26 42.64 -11.59
N ASP D 98 -22.24 41.38 -11.16
CA ASP D 98 -20.97 40.72 -10.93
C ASP D 98 -20.42 40.17 -12.23
N ALA D 99 -20.37 41.00 -13.27
CA ALA D 99 -19.71 40.59 -14.49
C ALA D 99 -18.20 40.71 -14.34
N LEU D 100 -17.75 41.73 -13.63
CA LEU D 100 -16.33 41.89 -13.39
C LEU D 100 -15.77 40.68 -12.66
N LEU D 101 -16.46 40.26 -11.60
CA LEU D 101 -16.01 39.09 -10.85
C LEU D 101 -16.09 37.84 -11.70
N HIS D 102 -17.12 37.71 -12.52
CA HIS D 102 -17.23 36.53 -13.37
C HIS D 102 -16.08 36.46 -14.36
N ALA D 103 -15.69 37.60 -14.92
CA ALA D 103 -14.56 37.62 -15.83
C ALA D 103 -13.26 37.32 -15.10
N ILE D 104 -13.12 37.83 -13.89
CA ILE D 104 -11.91 37.54 -13.13
C ILE D 104 -11.81 36.06 -12.84
N ARG D 105 -12.92 35.44 -12.43
CA ARG D 105 -12.92 34.03 -12.06
C ARG D 105 -12.55 33.13 -13.23
N LYS D 106 -12.72 33.59 -14.47
CA LYS D 106 -12.42 32.78 -15.64
C LYS D 106 -11.22 33.32 -16.41
N GLU D 107 -10.31 33.99 -15.70
CA GLU D 107 -9.00 34.41 -16.20
C GLU D 107 -9.05 35.14 -17.55
N VAL D 108 -10.19 35.68 -17.94
CA VAL D 108 -10.24 36.45 -19.18
C VAL D 108 -9.54 37.78 -18.95
N VAL D 109 -8.68 38.17 -19.88
CA VAL D 109 -7.79 39.30 -19.62
C VAL D 109 -8.35 40.60 -20.19
N GLY D 110 -8.54 40.65 -21.51
CA GLY D 110 -9.01 41.89 -22.12
C GLY D 110 -10.36 42.33 -21.61
N ALA D 111 -11.23 41.37 -21.30
CA ALA D 111 -12.54 41.71 -20.75
C ALA D 111 -12.40 42.52 -19.48
N VAL D 112 -11.38 42.23 -18.67
CA VAL D 112 -11.17 43.01 -17.45
C VAL D 112 -10.87 44.46 -17.80
N GLU D 113 -10.00 44.67 -18.79
CA GLU D 113 -9.69 46.03 -19.21
C GLU D 113 -10.94 46.75 -19.67
N LEU D 114 -11.78 46.08 -20.45
CA LEU D 114 -13.01 46.72 -20.89
C LEU D 114 -13.93 47.02 -19.73
N LEU D 115 -14.05 46.09 -18.79
CA LEU D 115 -15.06 46.21 -17.74
C LEU D 115 -14.66 47.23 -16.69
N LEU D 116 -13.36 47.45 -16.46
CA LEU D 116 -12.96 48.50 -15.55
C LEU D 116 -13.30 49.87 -16.10
N ASN D 117 -12.79 50.17 -17.30
CA ASN D 117 -12.99 51.49 -17.87
C ASN D 117 -14.41 51.64 -18.39
N HIS D 118 -15.31 52.09 -17.51
CA HIS D 118 -16.70 52.28 -17.87
C HIS D 118 -17.42 53.16 -16.86
N GLN D 135 -31.00 40.77 -7.37
CA GLN D 135 -30.07 40.87 -6.26
C GLN D 135 -29.52 39.50 -5.91
N PHE D 136 -29.71 38.54 -6.82
CA PHE D 136 -29.19 37.19 -6.65
C PHE D 136 -27.71 37.21 -6.98
N SER D 137 -26.88 37.38 -5.97
CA SER D 137 -25.44 37.36 -6.16
C SER D 137 -24.98 35.94 -6.46
N ASP D 138 -23.68 35.78 -6.63
CA ASP D 138 -23.10 34.46 -6.80
C ASP D 138 -21.98 34.25 -5.80
N PHE D 139 -21.27 35.31 -5.48
CA PHE D 139 -20.19 35.27 -4.52
C PHE D 139 -20.64 35.88 -3.20
N THR D 140 -20.01 35.44 -2.13
CA THR D 140 -20.35 35.94 -0.81
C THR D 140 -20.11 37.44 -0.75
N PRO D 141 -20.92 38.17 0.00
CA PRO D 141 -20.84 39.63 -0.01
C PRO D 141 -19.53 40.17 0.53
N ASP D 142 -18.59 39.28 0.83
CA ASP D 142 -17.32 39.65 1.45
C ASP D 142 -16.15 39.61 0.48
N ILE D 143 -16.40 39.46 -0.82
CA ILE D 143 -15.33 39.34 -1.81
C ILE D 143 -15.23 40.65 -2.58
N THR D 144 -14.03 41.21 -2.62
CA THR D 144 -13.65 42.35 -3.43
C THR D 144 -12.78 41.89 -4.58
N PRO D 145 -12.74 42.65 -5.68
CA PRO D 145 -12.07 42.14 -6.89
C PRO D 145 -10.64 41.71 -6.67
N ILE D 146 -9.87 42.45 -5.87
CA ILE D 146 -8.48 42.09 -5.66
C ILE D 146 -8.38 40.74 -4.95
N ILE D 147 -9.28 40.48 -4.00
CA ILE D 147 -9.23 39.22 -3.27
C ILE D 147 -9.44 38.04 -4.21
N LEU D 148 -10.50 38.11 -5.00
CA LEU D 148 -10.80 37.00 -5.89
C LEU D 148 -9.73 36.86 -6.96
N ALA D 149 -9.14 37.97 -7.40
CA ALA D 149 -8.02 37.88 -8.32
C ALA D 149 -6.85 37.15 -7.68
N ALA D 150 -6.58 37.45 -6.42
CA ALA D 150 -5.45 36.81 -5.75
C ALA D 150 -5.70 35.32 -5.53
N HIS D 151 -6.96 34.94 -5.33
CA HIS D 151 -7.26 33.52 -5.12
C HIS D 151 -6.75 32.67 -6.27
N THR D 152 -6.69 33.24 -7.47
CA THR D 152 -6.29 32.53 -8.67
C THR D 152 -5.10 33.26 -9.26
N ASN D 153 -3.90 32.70 -9.09
CA ASN D 153 -2.68 33.35 -9.54
C ASN D 153 -2.81 33.83 -10.98
N ASN D 154 -2.67 35.14 -11.15
CA ASN D 154 -2.68 35.73 -12.48
C ASN D 154 -1.89 37.04 -12.39
N TYR D 155 -0.65 36.99 -12.83
CA TYR D 155 0.22 38.16 -12.70
C TYR D 155 -0.35 39.35 -13.46
N GLU D 156 -0.88 39.12 -14.65
CA GLU D 156 -1.39 40.23 -15.46
C GLU D 156 -2.55 40.94 -14.76
N ILE D 157 -3.55 40.18 -14.35
CA ILE D 157 -4.73 40.78 -13.75
C ILE D 157 -4.37 41.48 -12.45
N ILE D 158 -3.53 40.84 -11.64
CA ILE D 158 -3.15 41.45 -10.37
C ILE D 158 -2.41 42.75 -10.63
N LYS D 159 -1.47 42.75 -11.58
CA LYS D 159 -0.74 43.96 -11.87
C LYS D 159 -1.64 45.03 -12.45
N MET D 160 -2.71 44.63 -13.12
CA MET D 160 -3.64 45.62 -13.66
C MET D 160 -4.48 46.24 -12.55
N LEU D 161 -4.92 45.43 -11.59
CA LEU D 161 -5.70 45.97 -10.48
C LEU D 161 -4.86 46.84 -9.57
N VAL D 162 -3.61 46.47 -9.32
CA VAL D 162 -2.86 47.18 -8.30
C VAL D 162 -2.61 48.62 -8.71
N GLN D 163 -2.35 48.85 -9.99
CA GLN D 163 -2.04 50.21 -10.45
C GLN D 163 -3.22 51.14 -10.26
N LYS D 164 -4.44 50.63 -10.37
CA LYS D 164 -5.61 51.44 -10.08
C LYS D 164 -5.67 51.82 -8.61
N GLY D 165 -5.16 50.96 -7.74
CA GLY D 165 -5.05 51.30 -6.34
C GLY D 165 -6.14 50.70 -5.48
N VAL D 166 -5.83 49.61 -4.79
CA VAL D 166 -6.75 48.95 -3.87
C VAL D 166 -5.95 48.50 -2.65
N SER D 167 -6.67 48.08 -1.62
CA SER D 167 -6.05 47.55 -0.42
C SER D 167 -6.85 46.36 0.09
N VAL D 168 -6.16 45.50 0.84
CA VAL D 168 -6.75 44.31 1.42
C VAL D 168 -6.72 44.46 2.94
N PRO D 169 -7.81 44.21 3.64
CA PRO D 169 -7.81 44.38 5.10
C PRO D 169 -6.82 43.43 5.74
N GLN D 170 -6.19 43.91 6.81
CA GLN D 170 -5.35 43.04 7.62
C GLN D 170 -6.16 42.60 8.82
N PRO D 171 -6.49 41.33 8.96
CA PRO D 171 -7.37 40.90 10.06
C PRO D 171 -6.69 41.08 11.41
N HIS D 172 -7.52 41.29 12.43
CA HIS D 172 -7.01 41.42 13.79
C HIS D 172 -6.34 40.12 14.22
N GLU D 173 -5.19 40.26 14.88
CA GLU D 173 -4.35 39.12 15.22
C GLU D 173 -4.74 38.55 16.57
N VAL D 174 -4.84 37.23 16.64
CA VAL D 174 -5.07 36.54 17.91
C VAL D 174 -3.99 35.50 18.11
N VAL D 187 -20.88 38.46 16.20
CA VAL D 187 -22.28 38.05 16.27
C VAL D 187 -22.55 36.97 15.25
N ASP D 188 -22.15 37.21 14.01
CA ASP D 188 -22.29 36.24 12.93
C ASP D 188 -20.96 35.50 12.83
N SER D 189 -20.87 34.38 13.53
CA SER D 189 -19.63 33.61 13.56
C SER D 189 -19.29 33.07 12.18
N LEU D 190 -20.29 32.54 11.48
CA LEU D 190 -20.03 31.89 10.20
C LEU D 190 -19.42 32.86 9.20
N ARG D 191 -20.07 34.00 9.00
CA ARG D 191 -19.59 34.98 8.04
C ARG D 191 -18.21 35.49 8.43
N HIS D 192 -18.01 35.76 9.71
CA HIS D 192 -16.75 36.31 10.17
C HIS D 192 -15.60 35.33 9.92
N SER D 193 -15.80 34.07 10.31
CA SER D 193 -14.74 33.08 10.12
C SER D 193 -14.44 32.86 8.65
N ARG D 194 -15.48 32.76 7.82
CA ARG D 194 -15.25 32.56 6.40
C ARG D 194 -14.50 33.74 5.79
N SER D 195 -14.80 34.96 6.25
CA SER D 195 -14.08 36.12 5.75
C SER D 195 -12.61 36.06 6.14
N ARG D 196 -12.31 35.67 7.37
CA ARG D 196 -10.91 35.56 7.75
C ARG D 196 -10.20 34.53 6.90
N LEU D 197 -10.87 33.41 6.64
CA LEU D 197 -10.24 32.39 5.80
C LEU D 197 -9.98 32.93 4.41
N ASN D 198 -10.92 33.68 3.85
CA ASN D 198 -10.71 34.23 2.51
C ASN D 198 -9.53 35.17 2.48
N ILE D 199 -9.40 36.01 3.50
CA ILE D 199 -8.30 36.97 3.52
C ILE D 199 -6.96 36.24 3.56
N TYR D 200 -6.80 35.30 4.50
CA TYR D 200 -5.54 34.57 4.55
C TYR D 200 -5.29 33.79 3.28
N LYS D 201 -6.31 33.15 2.72
CA LYS D 201 -6.12 32.42 1.48
C LYS D 201 -5.67 33.35 0.37
N ALA D 202 -6.03 34.63 0.46
CA ALA D 202 -5.58 35.59 -0.53
C ALA D 202 -4.11 35.95 -0.33
N LEU D 203 -3.75 36.40 0.87
CA LEU D 203 -2.40 36.93 1.05
C LEU D 203 -1.31 35.88 0.85
N ALA D 204 -1.65 34.60 0.85
CA ALA D 204 -0.64 33.57 0.61
C ALA D 204 -0.57 33.17 -0.86
N SER D 205 -0.46 34.15 -1.75
CA SER D 205 -0.41 33.88 -3.18
C SER D 205 0.92 34.36 -3.73
N PRO D 206 1.70 33.50 -4.37
CA PRO D 206 3.03 33.90 -4.82
C PRO D 206 3.03 35.14 -5.69
N SER D 207 2.00 35.34 -6.49
CA SER D 207 1.97 36.52 -7.35
C SER D 207 1.87 37.80 -6.53
N LEU D 208 0.90 37.86 -5.60
CA LEU D 208 0.72 39.06 -4.81
C LEU D 208 1.96 39.33 -3.95
N ILE D 209 2.55 38.27 -3.40
CA ILE D 209 3.77 38.45 -2.63
C ILE D 209 4.87 39.02 -3.50
N ALA D 210 5.01 38.50 -4.72
CA ALA D 210 6.02 39.04 -5.62
C ALA D 210 5.77 40.50 -5.92
N LEU D 211 4.52 40.93 -5.99
CA LEU D 211 4.24 42.32 -6.34
C LEU D 211 4.36 43.24 -5.14
N SER D 212 3.52 43.04 -4.13
CA SER D 212 3.41 43.97 -3.01
C SER D 212 4.12 43.40 -1.78
N SER D 213 5.45 43.44 -1.79
CA SER D 213 6.19 43.01 -0.62
C SER D 213 7.56 43.66 -0.62
N GLU D 214 7.95 44.22 0.53
CA GLU D 214 9.28 44.77 0.67
C GLU D 214 10.33 43.68 0.66
N ASP D 215 10.11 42.61 1.43
CA ASP D 215 11.06 41.52 1.48
C ASP D 215 10.33 40.19 1.46
N PRO D 216 10.34 39.48 0.34
CA PRO D 216 9.51 38.28 0.22
C PRO D 216 9.80 37.21 1.27
N PHE D 217 11.06 37.01 1.62
CA PHE D 217 11.41 35.91 2.51
C PHE D 217 10.80 36.11 3.89
N LEU D 218 10.89 37.32 4.42
CA LEU D 218 10.32 37.57 5.74
C LEU D 218 8.81 37.41 5.69
N THR D 219 8.17 37.82 4.61
CA THR D 219 6.73 37.64 4.49
C THR D 219 6.37 36.17 4.51
N ALA D 220 7.12 35.34 3.77
CA ALA D 220 6.83 33.92 3.76
C ALA D 220 6.98 33.33 5.15
N PHE D 221 8.05 33.68 5.85
CA PHE D 221 8.27 33.11 7.18
C PHE D 221 7.16 33.52 8.14
N GLN D 222 6.87 34.82 8.21
CA GLN D 222 5.86 35.30 9.14
C GLN D 222 4.50 34.70 8.82
N LEU D 223 4.15 34.64 7.53
CA LEU D 223 2.84 34.13 7.17
C LEU D 223 2.72 32.65 7.49
N SER D 224 3.79 31.88 7.25
CA SER D 224 3.74 30.46 7.60
C SER D 224 3.56 30.27 9.09
N TRP D 225 4.29 31.04 9.89
CA TRP D 225 4.15 30.93 11.34
C TRP D 225 2.73 31.29 11.79
N GLU D 226 2.19 32.39 11.28
CA GLU D 226 0.86 32.80 11.71
C GLU D 226 -0.19 31.77 11.33
N LEU D 227 -0.10 31.24 10.11
CA LEU D 227 -1.06 30.23 9.68
C LEU D 227 -0.94 28.96 10.51
N GLN D 228 0.30 28.52 10.77
CA GLN D 228 0.49 27.33 11.58
C GLN D 228 -0.11 27.52 12.97
N GLU D 229 0.08 28.69 13.56
CA GLU D 229 -0.49 28.94 14.88
C GLU D 229 -2.01 28.95 14.83
N LEU D 230 -2.60 29.59 13.82
CA LEU D 230 -4.05 29.57 13.76
C LEU D 230 -4.60 28.20 13.44
N SER D 231 -3.78 27.28 12.94
CA SER D 231 -4.27 25.94 12.67
C SER D 231 -4.77 25.23 13.91
N LYS D 232 -4.38 25.68 15.11
CA LYS D 232 -4.70 25.00 16.35
C LYS D 232 -5.87 25.61 17.09
N VAL D 233 -6.21 26.87 16.83
CA VAL D 233 -7.31 27.52 17.53
C VAL D 233 -8.60 27.50 16.70
N GLU D 234 -8.49 27.73 15.40
CA GLU D 234 -9.63 27.60 14.49
C GLU D 234 -9.66 26.19 13.94
N ASN D 235 -9.83 25.24 14.86
CA ASN D 235 -9.61 23.83 14.54
C ASN D 235 -10.68 23.25 13.64
N GLU D 236 -11.90 23.80 13.65
CA GLU D 236 -12.93 23.24 12.78
C GLU D 236 -12.51 23.35 11.32
N PHE D 237 -11.92 24.47 10.93
CA PHE D 237 -11.25 24.60 9.64
C PHE D 237 -9.77 24.31 9.84
N LYS D 238 -9.42 23.03 9.84
CA LYS D 238 -8.06 22.64 10.16
C LYS D 238 -7.25 22.28 8.94
N ALA D 239 -7.85 21.68 7.92
CA ALA D 239 -7.07 21.24 6.77
C ALA D 239 -6.60 22.42 5.94
N GLU D 240 -7.43 23.44 5.78
CA GLU D 240 -7.09 24.55 4.91
C GLU D 240 -5.82 25.24 5.38
N TYR D 241 -5.74 25.57 6.67
CA TYR D 241 -4.56 26.26 7.18
C TYR D 241 -3.33 25.37 7.11
N GLU D 242 -3.48 24.10 7.48
CA GLU D 242 -2.34 23.20 7.38
C GLU D 242 -1.88 23.01 5.95
N GLU D 243 -2.69 23.36 4.98
CA GLU D 243 -2.21 23.30 3.61
C GLU D 243 -1.63 24.63 3.16
N LEU D 244 -2.18 25.74 3.64
CA LEU D 244 -1.62 27.04 3.29
C LEU D 244 -0.20 27.19 3.83
N SER D 245 0.06 26.62 5.00
CA SER D 245 1.43 26.66 5.52
C SER D 245 2.37 25.95 4.57
N HIS D 246 1.96 24.78 4.08
CA HIS D 246 2.80 24.05 3.13
C HIS D 246 3.04 24.88 1.89
N GLN D 247 1.99 25.56 1.41
CA GLN D 247 2.13 26.37 0.22
C GLN D 247 3.16 27.47 0.40
N CYS D 248 3.10 28.15 1.54
CA CYS D 248 4.07 29.21 1.80
C CYS D 248 5.48 28.67 1.85
N LYS D 249 5.68 27.54 2.52
CA LYS D 249 7.03 27.00 2.63
C LYS D 249 7.58 26.62 1.26
N HIS D 250 6.77 25.96 0.44
CA HIS D 250 7.23 25.61 -0.90
C HIS D 250 7.61 26.85 -1.69
N PHE D 251 6.79 27.90 -1.62
CA PHE D 251 7.13 29.12 -2.35
C PHE D 251 8.46 29.69 -1.89
N ALA D 252 8.69 29.70 -0.57
CA ALA D 252 9.94 30.21 -0.07
C ALA D 252 11.12 29.42 -0.60
N LYS D 253 10.97 28.11 -0.75
CA LYS D 253 12.09 27.34 -1.30
C LYS D 253 12.31 27.67 -2.75
N ASP D 254 11.23 27.70 -3.54
CA ASP D 254 11.39 27.95 -4.98
C ASP D 254 11.97 29.31 -5.25
N LEU D 255 11.72 30.29 -4.38
CA LEU D 255 12.29 31.61 -4.63
C LEU D 255 13.82 31.55 -4.62
N LEU D 256 14.40 30.98 -3.58
CA LEU D 256 15.85 30.86 -3.51
C LEU D 256 16.39 29.87 -4.52
N ASP D 257 15.54 29.00 -5.07
CA ASP D 257 16.01 28.03 -6.05
C ASP D 257 16.83 28.70 -7.15
N GLN D 258 16.25 29.70 -7.82
CA GLN D 258 16.81 30.22 -9.06
C GLN D 258 17.93 31.23 -8.82
N THR D 259 18.97 30.79 -8.13
CA THR D 259 20.21 31.53 -8.08
C THR D 259 21.21 30.91 -9.05
N ARG D 260 22.28 31.66 -9.33
CA ARG D 260 23.22 31.21 -10.35
C ARG D 260 24.69 31.31 -9.97
N SER D 261 25.05 32.10 -8.97
CA SER D 261 26.46 32.22 -8.60
C SER D 261 26.59 32.21 -7.09
N SER D 262 27.68 31.61 -6.61
CA SER D 262 27.84 31.40 -5.19
C SER D 262 27.84 32.71 -4.41
N ARG D 263 28.35 33.78 -5.00
CA ARG D 263 28.35 35.06 -4.29
C ARG D 263 26.93 35.54 -4.03
N GLU D 264 26.02 35.36 -5.00
CA GLU D 264 24.63 35.73 -4.77
C GLU D 264 24.07 34.98 -3.57
N LEU D 265 24.30 33.67 -3.52
CA LEU D 265 23.78 32.87 -2.42
C LEU D 265 24.37 33.34 -1.10
N GLU D 266 25.67 33.63 -1.09
CA GLU D 266 26.33 34.01 0.15
C GLU D 266 25.89 35.37 0.64
N LEU D 267 25.55 36.29 -0.28
CA LEU D 267 24.94 37.54 0.16
C LEU D 267 23.51 37.32 0.65
N ILE D 268 22.79 36.37 0.08
CA ILE D 268 21.45 36.11 0.60
C ILE D 268 21.51 35.59 2.01
N LEU D 269 22.41 34.64 2.27
CA LEU D 269 22.40 33.99 3.58
C LEU D 269 23.01 34.86 4.67
N ASN D 270 23.95 35.73 4.32
CA ASN D 270 24.64 36.55 5.32
C ASN D 270 23.99 37.94 5.41
N PHE D 271 22.73 37.97 5.81
CA PHE D 271 21.98 39.22 5.86
C PHE D 271 21.38 39.40 7.24
N ARG D 272 21.09 40.66 7.58
CA ARG D 272 20.48 40.99 8.85
C ARG D 272 19.86 42.38 8.82
N ASN D 284 28.97 38.33 12.80
CA ASN D 284 28.44 36.97 12.71
C ASN D 284 28.19 36.59 11.26
N GLU D 285 27.72 35.36 11.05
CA GLU D 285 27.46 34.86 9.70
C GLU D 285 26.18 34.04 9.71
N LEU D 286 25.55 33.97 8.54
CA LEU D 286 24.41 33.10 8.30
C LEU D 286 23.22 33.45 9.18
N ALA D 287 23.03 34.74 9.46
CA ALA D 287 21.89 35.15 10.27
C ALA D 287 20.57 34.74 9.61
N ARG D 288 20.52 34.80 8.28
CA ARG D 288 19.35 34.32 7.57
C ARG D 288 19.13 32.84 7.85
N LEU D 289 20.21 32.06 7.88
CA LEU D 289 20.04 30.64 8.13
C LEU D 289 19.57 30.39 9.56
N LYS D 290 20.09 31.16 10.51
CA LYS D 290 19.59 31.06 11.88
C LYS D 290 18.10 31.33 11.91
N LEU D 291 17.66 32.37 11.21
CA LEU D 291 16.24 32.68 11.20
C LEU D 291 15.43 31.54 10.58
N ALA D 292 15.91 31.00 9.47
CA ALA D 292 15.19 29.92 8.82
C ALA D 292 15.02 28.75 9.76
N ILE D 293 16.09 28.36 10.44
CA ILE D 293 16.02 27.28 11.42
C ILE D 293 15.00 27.63 12.49
N LYS D 294 15.05 28.86 13.00
CA LYS D 294 14.13 29.28 14.04
C LYS D 294 12.69 29.25 13.57
N TYR D 295 12.44 29.31 12.27
CA TYR D 295 11.09 29.29 11.74
C TYR D 295 10.74 27.95 11.10
N ARG D 296 11.53 26.91 11.34
CA ARG D 296 11.20 25.54 10.98
C ARG D 296 10.97 25.37 9.48
N GLN D 297 11.68 26.15 8.66
CA GLN D 297 11.56 26.03 7.21
C GLN D 297 12.33 24.80 6.76
N LYS D 298 11.71 23.64 6.95
CA LYS D 298 12.38 22.38 6.64
C LYS D 298 12.74 22.29 5.16
N GLU D 299 11.79 22.61 4.28
CA GLU D 299 12.06 22.50 2.86
C GLU D 299 13.05 23.54 2.36
N PHE D 300 13.36 24.56 3.16
CA PHE D 300 14.27 25.61 2.74
C PHE D 300 15.71 25.28 3.07
N VAL D 301 15.96 24.72 4.25
CA VAL D 301 17.32 24.40 4.64
C VAL D 301 17.85 23.22 3.84
N ALA D 302 17.01 22.22 3.61
CA ALA D 302 17.47 21.04 2.90
C ALA D 302 17.41 21.26 1.41
N GLN D 303 18.02 22.33 0.92
CA GLN D 303 17.97 22.62 -0.48
C GLN D 303 19.35 22.39 -1.09
N PRO D 304 19.44 21.64 -2.18
CA PRO D 304 20.74 21.12 -2.64
C PRO D 304 21.85 22.14 -2.83
N ASN D 305 21.57 23.42 -2.69
CA ASN D 305 22.64 24.41 -2.72
C ASN D 305 23.08 24.85 -1.34
N CYS D 306 22.17 24.95 -0.38
CA CYS D 306 22.57 25.26 0.97
C CYS D 306 23.50 24.18 1.51
N GLN D 307 23.19 22.92 1.24
CA GLN D 307 23.99 21.82 1.77
C GLN D 307 25.40 21.87 1.25
N GLN D 308 25.59 22.27 0.00
CA GLN D 308 26.93 22.35 -0.55
C GLN D 308 27.76 23.39 0.21
N LEU D 309 27.21 24.58 0.40
CA LEU D 309 27.95 25.62 1.12
C LEU D 309 28.23 25.20 2.55
N LEU D 310 27.24 24.62 3.21
CA LEU D 310 27.43 24.23 4.60
C LEU D 310 28.50 23.17 4.71
N ALA D 311 28.47 22.16 3.85
CA ALA D 311 29.50 21.13 3.90
C ALA D 311 30.87 21.73 3.62
N SER D 312 30.96 22.65 2.65
CA SER D 312 32.24 23.24 2.33
C SER D 312 32.80 24.03 3.49
N ARG D 313 31.95 24.71 4.24
CA ARG D 313 32.46 25.45 5.37
C ARG D 313 32.62 24.59 6.62
N TRP D 314 32.07 23.37 6.60
CA TRP D 314 32.30 22.38 7.63
C TRP D 314 33.66 21.73 7.51
N TYR D 315 33.89 21.02 6.41
CA TYR D 315 35.07 20.18 6.31
C TYR D 315 36.35 21.02 6.33
N ASP D 316 36.54 21.85 5.31
CA ASP D 316 37.75 22.65 5.11
C ASP D 316 38.99 21.78 4.90
N GLU D 317 38.79 20.49 4.62
CA GLU D 317 39.90 19.53 4.49
C GLU D 317 40.80 19.54 5.71
N ARG D 324 40.40 7.34 0.23
CA ARG D 324 39.37 8.16 0.87
C ARG D 324 37.99 7.62 0.57
N HIS D 325 37.82 6.30 0.72
CA HIS D 325 36.52 5.67 0.50
C HIS D 325 35.94 5.09 1.78
N TRP D 326 36.64 4.18 2.42
CA TRP D 326 36.17 3.60 3.68
C TRP D 326 37.25 3.64 4.75
N ALA D 327 38.51 3.42 4.37
CA ALA D 327 39.62 3.48 5.31
C ALA D 327 40.47 4.73 5.15
N GLY D 328 40.28 5.48 4.06
CA GLY D 328 41.02 6.73 3.89
C GLY D 328 40.68 7.76 4.95
N LYS D 329 39.53 7.64 5.59
CA LYS D 329 39.10 8.53 6.66
C LYS D 329 38.94 7.83 8.00
N LEU D 330 38.69 6.52 7.99
CA LEU D 330 38.33 5.83 9.23
C LEU D 330 39.50 5.72 10.19
N ILE D 331 40.72 5.67 9.68
CA ILE D 331 41.89 5.66 10.55
C ILE D 331 42.29 7.07 10.93
N THR D 332 42.18 8.01 10.00
CA THR D 332 42.50 9.41 10.29
C THR D 332 41.67 9.91 11.45
N CYS D 333 40.36 9.65 11.43
CA CYS D 333 39.48 10.19 12.46
C CYS D 333 39.82 9.62 13.83
N VAL D 334 39.96 8.30 13.92
CA VAL D 334 40.26 7.71 15.23
C VAL D 334 41.62 8.19 15.73
N PHE D 335 42.61 8.24 14.84
CA PHE D 335 43.94 8.65 15.27
C PHE D 335 43.92 10.07 15.81
N ILE D 336 43.23 11.00 15.13
CA ILE D 336 43.17 12.34 15.65
C ILE D 336 42.27 12.39 16.88
N GLY D 337 41.46 11.35 17.09
CA GLY D 337 40.65 11.29 18.29
C GLY D 337 41.42 10.86 19.53
N LEU D 338 42.42 9.99 19.37
CA LEU D 338 43.20 9.58 20.54
C LEU D 338 43.91 10.74 21.19
N MET D 339 44.85 11.35 20.48
CA MET D 339 45.71 12.37 21.11
C MET D 339 45.06 13.74 21.11
N PHE D 340 43.84 13.81 21.64
CA PHE D 340 43.12 15.07 21.74
C PHE D 340 43.57 15.99 22.87
N PRO D 341 43.92 15.49 24.07
CA PRO D 341 44.19 16.44 25.16
C PRO D 341 45.38 17.32 24.89
N LEU D 342 46.33 16.86 24.08
CA LEU D 342 47.45 17.71 23.70
C LEU D 342 46.94 18.94 22.97
N LEU D 343 46.04 18.74 22.00
CA LEU D 343 45.44 19.86 21.30
C LEU D 343 44.67 20.76 22.25
N SER D 344 43.93 20.15 23.17
CA SER D 344 43.15 20.93 24.12
C SER D 344 44.05 21.85 24.93
N LEU D 345 45.10 21.30 25.54
CA LEU D 345 45.98 22.11 26.37
C LEU D 345 46.71 23.16 25.54
N CYS D 346 47.14 22.79 24.32
CA CYS D 346 47.86 23.75 23.48
C CYS D 346 47.00 24.96 23.16
N TYR D 347 45.75 24.72 22.76
CA TYR D 347 44.85 25.85 22.55
C TYR D 347 44.55 26.57 23.86
N LEU D 348 44.59 25.83 24.98
CA LEU D 348 44.25 26.43 26.27
C LEU D 348 45.27 27.48 26.67
N VAL D 349 46.52 27.07 26.87
CA VAL D 349 47.50 27.98 27.44
C VAL D 349 48.07 28.91 26.39
N ALA D 350 48.20 28.43 25.15
CA ALA D 350 48.78 29.22 24.06
C ALA D 350 47.78 29.26 22.91
N PRO D 351 46.76 30.10 23.01
CA PRO D 351 45.79 30.21 21.92
C PRO D 351 46.42 30.91 20.72
N LYS D 352 47.51 30.35 20.23
CA LYS D 352 48.34 30.97 19.22
C LYS D 352 48.12 30.29 17.88
N SER D 353 48.90 30.72 16.89
CA SER D 353 48.78 30.19 15.54
C SER D 353 49.35 28.79 15.39
N ARG D 354 50.02 28.27 16.42
CA ARG D 354 50.68 26.99 16.31
C ARG D 354 49.71 25.87 16.01
N TYR D 355 48.83 25.57 16.96
CA TYR D 355 47.87 24.50 16.81
C TYR D 355 46.47 24.88 17.24
N GLY D 356 46.29 26.04 17.88
CA GLY D 356 44.95 26.49 18.19
C GLY D 356 44.10 26.69 16.96
N LEU D 357 44.73 27.10 15.86
CA LEU D 357 44.02 27.18 14.59
C LEU D 357 43.70 25.81 14.02
N PHE D 358 44.13 24.74 14.67
CA PHE D 358 43.75 23.40 14.26
C PHE D 358 42.63 22.83 15.11
N ILE D 359 42.07 23.62 16.02
CA ILE D 359 40.86 23.22 16.73
C ILE D 359 39.67 23.95 16.12
N ARG D 360 39.89 25.19 15.70
CA ARG D 360 38.77 26.02 15.24
C ARG D 360 38.04 25.41 14.06
N LYS D 361 38.71 24.56 13.28
CA LYS D 361 38.01 23.85 12.23
C LYS D 361 36.95 22.96 12.85
N PRO D 362 35.67 23.13 12.51
CA PRO D 362 34.62 22.44 13.26
C PRO D 362 34.70 20.93 13.21
N PHE D 363 35.14 20.36 12.10
CA PHE D 363 35.24 18.91 12.03
C PHE D 363 36.25 18.35 13.00
N ILE D 364 37.10 19.19 13.57
CA ILE D 364 38.04 18.73 14.58
C ILE D 364 37.48 18.91 15.98
N LYS D 365 36.79 20.03 16.20
CA LYS D 365 36.13 20.22 17.48
C LYS D 365 35.12 19.12 17.74
N PHE D 366 34.38 18.72 16.71
CA PHE D 366 33.41 17.63 16.87
C PHE D 366 34.10 16.35 17.29
N ILE D 367 35.20 16.00 16.63
CA ILE D 367 35.90 14.77 16.95
C ILE D 367 36.42 14.82 18.38
N CYS D 368 36.99 15.95 18.78
CA CYS D 368 37.48 16.06 20.15
C CYS D 368 36.36 15.87 21.16
N HIS D 369 35.22 16.51 20.92
CA HIS D 369 34.13 16.40 21.87
C HIS D 369 33.63 14.96 21.98
N THR D 370 33.46 14.28 20.84
CA THR D 370 32.97 12.92 20.92
C THR D 370 34.00 11.98 21.53
N ALA D 371 35.29 12.25 21.35
CA ALA D 371 36.29 11.44 22.01
C ALA D 371 36.23 11.61 23.52
N SER D 372 36.00 12.83 23.99
CA SER D 372 35.82 13.04 25.42
C SER D 372 34.62 12.25 25.92
N TYR D 373 33.53 12.26 25.16
CA TYR D 373 32.35 11.51 25.58
C TYR D 373 32.63 10.03 25.68
N LEU D 374 33.33 9.47 24.69
CA LEU D 374 33.66 8.06 24.72
C LEU D 374 34.55 7.73 25.90
N THR D 375 35.49 8.61 26.24
CA THR D 375 36.31 8.39 27.43
C THR D 375 35.45 8.36 28.69
N PHE D 376 34.51 9.28 28.81
CA PHE D 376 33.60 9.27 29.94
C PHE D 376 32.90 7.93 30.05
N LEU D 377 32.39 7.43 28.93
CA LEU D 377 31.69 6.15 28.94
C LEU D 377 32.62 5.02 29.37
N PHE D 378 33.86 5.04 28.90
CA PHE D 378 34.80 3.98 29.29
C PHE D 378 35.06 4.00 30.78
N LEU D 379 35.23 5.19 31.36
CA LEU D 379 35.44 5.27 32.80
C LEU D 379 34.23 4.76 33.56
N LEU D 380 33.03 5.11 33.11
CA LEU D 380 31.84 4.60 33.77
C LEU D 380 31.79 3.08 33.67
N LEU D 381 32.22 2.52 32.54
CA LEU D 381 32.20 1.08 32.39
C LEU D 381 33.15 0.40 33.36
N LEU D 382 34.36 0.94 33.52
CA LEU D 382 35.29 0.29 34.43
C LEU D 382 35.06 0.68 35.88
N ALA D 383 34.15 1.62 36.14
CA ALA D 383 33.91 2.03 37.52
C ALA D 383 33.36 0.91 38.38
N SER D 384 32.89 -0.17 37.78
CA SER D 384 32.32 -1.29 38.52
C SER D 384 33.22 -2.50 38.55
N GLN D 385 34.44 -2.39 38.05
CA GLN D 385 35.35 -3.53 38.08
C GLN D 385 35.74 -3.86 39.51
N HIS D 386 36.05 -5.13 39.73
CA HIS D 386 36.46 -5.57 41.06
C HIS D 386 37.92 -5.26 41.36
N ILE D 387 38.70 -4.95 40.32
CA ILE D 387 40.11 -4.67 40.52
C ILE D 387 40.31 -3.40 41.34
N VAL D 388 39.57 -2.36 41.01
CA VAL D 388 39.74 -1.07 41.67
C VAL D 388 39.38 -1.17 43.15
N ASN D 391 36.69 -3.63 46.12
CA ASN D 391 37.16 -3.13 47.41
C ASN D 391 36.30 -3.70 48.54
N PRO D 392 36.79 -3.62 49.78
CA PRO D 392 35.97 -4.09 50.92
C PRO D 392 34.77 -3.19 51.14
N ASP D 393 33.57 -3.71 50.86
CA ASP D 393 32.38 -2.93 51.10
C ASP D 393 32.15 -2.70 52.59
N ARG D 394 31.96 -1.45 52.97
CA ARG D 394 31.77 -1.04 54.35
C ARG D 394 30.79 0.11 54.35
N GLN D 395 30.71 0.81 55.48
CA GLN D 395 29.70 1.85 55.68
C GLN D 395 30.31 3.22 55.40
N GLY D 396 29.68 3.97 54.51
CA GLY D 396 30.09 5.33 54.20
C GLY D 396 31.56 5.47 53.83
N PRO D 397 31.97 4.86 52.72
CA PRO D 397 33.38 4.94 52.33
C PRO D 397 33.72 6.28 51.72
N LYS D 398 35.01 6.59 51.76
CA LYS D 398 35.51 7.78 51.09
C LYS D 398 35.53 7.54 49.58
N PRO D 399 35.39 8.59 48.79
CA PRO D 399 35.32 8.42 47.34
C PRO D 399 36.51 7.64 46.81
N THR D 400 36.23 6.72 45.89
CA THR D 400 37.25 5.83 45.38
C THR D 400 38.20 6.58 44.45
N THR D 401 39.13 5.84 43.86
CA THR D 401 40.14 6.47 43.01
C THR D 401 39.58 7.02 41.71
N VAL D 402 38.44 6.50 41.26
CA VAL D 402 37.87 6.95 39.99
C VAL D 402 36.76 7.99 40.16
N GLU D 403 36.15 8.07 41.35
CA GLU D 403 35.16 9.11 41.57
C GLU D 403 35.80 10.49 41.42
N TRP D 404 36.98 10.66 42.02
CA TRP D 404 37.74 11.87 41.78
C TRP D 404 38.11 12.04 40.33
N MET D 405 38.07 10.97 39.55
CA MET D 405 38.40 11.06 38.14
C MET D 405 37.20 11.46 37.30
N ILE D 406 35.99 11.06 37.69
CA ILE D 406 34.82 11.38 36.90
C ILE D 406 34.15 12.68 37.34
N LEU D 407 34.48 13.20 38.52
CA LEU D 407 33.91 14.48 38.94
C LEU D 407 34.06 15.60 37.90
N PRO D 408 35.20 15.79 37.24
CA PRO D 408 35.29 16.87 36.25
C PRO D 408 34.29 16.73 35.11
N TRP D 409 34.05 15.53 34.60
CA TRP D 409 33.03 15.38 33.55
C TRP D 409 31.66 15.85 34.00
N VAL D 410 31.21 15.42 35.18
CA VAL D 410 29.86 15.82 35.58
C VAL D 410 29.80 17.32 35.80
N LEU D 411 30.84 17.90 36.39
CA LEU D 411 30.82 19.33 36.62
C LEU D 411 30.82 20.10 35.30
N GLY D 412 31.64 19.68 34.34
CA GLY D 412 31.69 20.37 33.07
C GLY D 412 30.38 20.26 32.31
N PHE D 413 29.77 19.09 32.35
CA PHE D 413 28.48 18.92 31.68
C PHE D 413 27.43 19.84 32.28
N ILE D 414 27.37 19.92 33.61
CA ILE D 414 26.34 20.76 34.19
C ILE D 414 26.63 22.23 33.91
N TRP D 415 27.91 22.61 33.89
CA TRP D 415 28.25 23.98 33.51
C TRP D 415 27.75 24.31 32.11
N THR D 416 28.04 23.43 31.15
CA THR D 416 27.58 23.66 29.79
C THR D 416 26.06 23.73 29.73
N GLU D 417 25.39 22.87 30.49
CA GLU D 417 23.93 22.85 30.47
C GLU D 417 23.36 24.18 30.95
N ILE D 418 23.81 24.65 32.11
CA ILE D 418 23.27 25.92 32.62
C ILE D 418 23.63 27.06 31.68
N LYS D 419 24.83 27.02 31.11
CA LYS D 419 25.26 28.07 30.19
C LYS D 419 24.31 28.18 29.02
N GLN D 420 24.01 27.04 28.39
CA GLN D 420 23.12 27.01 27.23
C GLN D 420 21.67 27.28 27.62
N MET D 421 21.29 26.91 28.84
CA MET D 421 19.93 27.11 29.30
C MET D 421 19.64 28.59 29.53
N TRP D 422 20.68 29.37 29.84
CA TRP D 422 20.53 30.80 30.08
C TRP D 422 19.61 31.51 29.09
N ASP D 423 19.61 31.07 27.83
CA ASP D 423 18.81 31.73 26.81
C ASP D 423 17.35 31.30 26.85
N GLY D 424 17.10 30.01 26.65
CA GLY D 424 15.72 29.54 26.53
C GLY D 424 14.95 29.69 27.82
N GLY D 425 15.59 29.42 28.96
CA GLY D 425 14.96 29.62 30.25
C GLY D 425 13.73 28.77 30.45
N PHE D 426 13.83 27.48 30.13
CA PHE D 426 12.76 26.50 30.26
C PHE D 426 11.57 26.81 29.36
N GLN D 427 11.67 27.80 28.49
CA GLN D 427 10.60 28.13 27.56
C GLN D 427 11.18 28.12 26.16
N ASP D 428 10.47 27.46 25.25
CA ASP D 428 10.98 27.22 23.90
C ASP D 428 12.36 26.58 23.95
N TYR D 429 12.63 25.87 25.04
CA TYR D 429 13.93 25.25 25.28
C TYR D 429 13.78 23.85 25.83
N ILE D 430 12.60 23.47 26.30
CA ILE D 430 12.34 22.13 26.81
C ILE D 430 11.69 21.25 25.76
N HIS D 431 11.17 21.84 24.67
CA HIS D 431 10.38 21.08 23.71
C HIS D 431 11.17 19.89 23.18
N ASP D 432 12.45 20.08 22.86
CA ASP D 432 13.28 18.97 22.45
C ASP D 432 13.36 17.93 23.56
N TRP D 433 13.14 16.66 23.20
CA TRP D 433 13.17 15.61 24.21
C TRP D 433 14.59 15.27 24.63
N TRP D 434 15.56 15.45 23.72
CA TRP D 434 16.92 15.07 24.05
C TRP D 434 17.51 15.90 25.18
N ASN D 435 16.88 17.01 25.53
CA ASN D 435 17.42 17.91 26.53
C ASN D 435 16.83 17.66 27.91
N LEU D 436 15.59 17.20 27.97
CA LEU D 436 14.99 16.84 29.24
C LEU D 436 15.78 15.72 29.92
N MET D 437 16.27 14.77 29.12
CA MET D 437 17.14 13.73 29.66
C MET D 437 18.39 14.33 30.28
N ASP D 438 18.98 15.32 29.61
CA ASP D 438 20.17 15.95 30.18
C ASP D 438 19.85 16.57 31.53
N PHE D 439 18.71 17.24 31.61
CA PHE D 439 18.30 17.84 32.88
C PHE D 439 18.19 16.79 33.97
N VAL D 440 17.48 15.69 33.69
CA VAL D 440 17.25 14.71 34.73
C VAL D 440 18.54 14.02 35.13
N MET D 441 19.41 13.71 34.17
CA MET D 441 20.68 13.08 34.52
C MET D 441 21.49 13.97 35.44
N ASN D 442 21.55 15.25 35.11
CA ASN D 442 22.37 16.14 35.92
C ASN D 442 21.81 16.27 37.33
N SER D 443 20.49 16.34 37.45
CA SER D 443 19.90 16.37 38.79
C SER D 443 20.23 15.11 39.56
N LEU D 444 20.18 13.96 38.90
CA LEU D 444 20.49 12.71 39.59
C LEU D 444 21.94 12.66 40.05
N TYR D 445 22.85 13.18 39.23
CA TYR D 445 24.26 13.20 39.63
C TYR D 445 24.49 14.10 40.84
N LEU D 446 23.85 15.27 40.85
CA LEU D 446 23.94 16.12 42.03
C LEU D 446 23.38 15.40 43.26
N ALA D 447 22.27 14.69 43.09
CA ALA D 447 21.70 13.96 44.20
C ALA D 447 22.68 12.91 44.73
N THR D 448 23.34 12.20 43.83
CA THR D 448 24.33 11.21 44.26
C THR D 448 25.43 11.88 45.06
N ILE D 449 25.94 13.01 44.57
CA ILE D 449 26.97 13.72 45.31
C ILE D 449 26.50 14.03 46.71
N SER D 450 25.28 14.58 46.83
CA SER D 450 24.78 15.00 48.13
C SER D 450 24.60 13.83 49.08
N LEU D 451 24.01 12.74 48.59
CA LEU D 451 23.81 11.57 49.45
C LEU D 451 25.14 10.99 49.91
N LYS D 452 26.12 10.89 49.01
CA LYS D 452 27.41 10.37 49.44
C LYS D 452 28.05 11.27 50.49
N ILE D 453 27.94 12.59 50.30
CA ILE D 453 28.44 13.51 51.31
C ILE D 453 27.79 13.23 52.65
N VAL D 454 26.46 13.33 52.71
CA VAL D 454 25.78 13.24 54.00
C VAL D 454 25.95 11.88 54.64
N ALA D 455 26.19 10.85 53.84
CA ALA D 455 26.46 9.53 54.41
C ALA D 455 27.87 9.45 54.97
N TYR D 456 28.84 10.12 54.35
CA TYR D 456 30.22 9.99 54.79
C TYR D 456 30.41 10.50 56.22
N VAL D 457 29.59 11.46 56.65
CA VAL D 457 29.82 12.11 57.94
C VAL D 457 28.86 11.64 59.02
N LYS D 458 27.88 10.81 58.69
CA LYS D 458 26.95 10.32 59.70
C LYS D 458 27.38 8.96 60.25
N TYR D 459 27.48 7.96 59.39
CA TYR D 459 27.89 6.61 59.78
C TYR D 459 29.34 6.42 59.36
N SER D 460 30.24 6.94 60.17
CA SER D 460 31.67 6.86 59.87
C SER D 460 32.28 5.68 60.60
N GLY D 461 31.93 4.49 60.14
CA GLY D 461 32.36 3.24 60.77
C GLY D 461 32.45 2.12 59.79
N CYS D 462 32.12 0.91 60.25
CA CYS D 462 32.26 -0.29 59.45
C CYS D 462 31.50 -1.46 60.07
N LYS D 463 30.70 -2.15 59.28
CA LYS D 463 30.01 -3.36 59.72
C LYS D 463 29.59 -4.14 58.49
N PRO D 464 29.34 -5.44 58.62
CA PRO D 464 29.04 -6.26 57.44
C PRO D 464 27.83 -5.72 56.67
N ARG D 465 27.93 -5.77 55.35
CA ARG D 465 26.89 -5.19 54.51
C ARG D 465 25.55 -5.91 54.70
N ASP D 466 25.59 -7.21 54.97
CA ASP D 466 24.37 -7.98 55.11
C ASP D 466 23.47 -7.42 56.21
N THR D 467 24.07 -7.00 57.32
CA THR D 467 23.30 -6.53 58.47
C THR D 467 23.06 -5.02 58.41
N TRP D 468 22.55 -4.55 57.28
CA TRP D 468 22.13 -3.18 57.14
C TRP D 468 20.62 -3.17 57.07
N GLU D 469 20.06 -2.00 56.78
CA GLU D 469 18.62 -1.88 56.61
C GLU D 469 18.36 -1.01 55.39
N MET D 470 17.16 -1.15 54.84
CA MET D 470 16.77 -0.32 53.71
C MET D 470 16.80 1.14 54.12
N TRP D 471 16.75 2.02 53.13
CA TRP D 471 16.82 3.45 53.31
C TRP D 471 18.13 3.88 53.96
N HIS D 472 19.12 3.00 54.00
CA HIS D 472 20.46 3.42 54.37
C HIS D 472 21.03 4.30 53.28
N PRO D 473 21.72 5.37 53.63
CA PRO D 473 22.16 6.34 52.61
C PRO D 473 23.04 5.75 51.53
N THR D 474 23.90 4.79 51.84
CA THR D 474 24.80 4.26 50.83
C THR D 474 24.04 3.56 49.71
N LEU D 475 23.02 2.77 50.06
CA LEU D 475 22.27 2.07 49.04
C LEU D 475 21.56 3.04 48.10
N VAL D 476 20.96 4.09 48.67
CA VAL D 476 20.32 5.09 47.83
C VAL D 476 21.35 5.83 47.01
N ALA D 477 22.58 5.94 47.51
CA ALA D 477 23.62 6.58 46.73
C ALA D 477 24.11 5.70 45.60
N GLU D 478 23.97 4.40 45.73
CA GLU D 478 24.38 3.52 44.63
C GLU D 478 23.31 3.41 43.57
N ALA D 479 22.04 3.33 43.98
CA ALA D 479 20.97 3.11 43.03
C ALA D 479 20.88 4.23 42.01
N VAL D 480 20.84 5.47 42.48
CA VAL D 480 20.69 6.58 41.55
C VAL D 480 21.90 6.69 40.65
N PHE D 481 23.08 6.36 41.16
CA PHE D 481 24.25 6.36 40.30
C PHE D 481 24.07 5.36 39.17
N ALA D 482 23.52 4.18 39.47
CA ALA D 482 23.27 3.22 38.41
C ALA D 482 22.29 3.77 37.38
N ILE D 483 21.22 4.39 37.85
CA ILE D 483 20.23 4.94 36.90
C ILE D 483 20.87 5.99 36.01
N ALA D 484 21.72 6.85 36.60
CA ALA D 484 22.38 7.87 35.81
C ALA D 484 23.28 7.26 34.75
N ASN D 485 23.97 6.17 35.10
CA ASN D 485 24.76 5.47 34.09
C ASN D 485 23.89 5.01 32.93
N ILE D 486 22.73 4.43 33.25
CA ILE D 486 21.83 4.00 32.20
C ILE D 486 21.49 5.16 31.29
N PHE D 487 21.15 6.30 31.88
CA PHE D 487 20.67 7.41 31.07
C PHE D 487 21.76 7.99 30.19
N SER D 488 22.98 8.10 30.70
CA SER D 488 24.06 8.61 29.87
C SER D 488 24.33 7.68 28.69
N SER D 489 24.45 6.37 28.98
CA SER D 489 24.71 5.47 27.88
C SER D 489 23.58 5.43 26.87
N LEU D 490 22.36 5.77 27.28
CA LEU D 490 21.29 5.91 26.29
C LEU D 490 21.44 7.20 25.50
N ARG D 491 21.85 8.28 26.16
CA ARG D 491 22.03 9.55 25.47
C ARG D 491 23.10 9.43 24.39
N LEU D 492 23.92 8.39 24.45
CA LEU D 492 24.90 8.17 23.39
C LEU D 492 24.28 8.21 21.99
N ILE D 493 23.09 7.67 21.82
CA ILE D 493 22.49 7.53 20.49
C ILE D 493 22.32 8.86 19.77
N SER D 494 22.37 9.98 20.48
CA SER D 494 22.02 11.25 19.89
C SER D 494 22.91 11.68 18.76
N LEU D 495 24.09 11.08 18.60
CA LEU D 495 25.00 11.51 17.55
C LEU D 495 24.89 10.68 16.29
N PHE D 496 23.98 9.71 16.23
CA PHE D 496 23.78 8.99 14.99
C PHE D 496 23.22 9.86 13.89
N THR D 497 22.65 11.03 14.22
CA THR D 497 22.13 11.88 13.18
C THR D 497 23.23 12.42 12.27
N ALA D 498 24.48 12.34 12.71
CA ALA D 498 25.57 12.84 11.90
C ALA D 498 26.01 11.86 10.82
N ASN D 499 25.62 10.60 10.91
CA ASN D 499 25.98 9.63 9.89
C ASN D 499 25.03 9.76 8.72
N SER D 500 25.05 8.80 7.80
CA SER D 500 24.21 8.86 6.62
C SER D 500 23.37 7.61 6.44
N HIS D 501 23.87 6.48 6.90
CA HIS D 501 23.11 5.24 6.80
C HIS D 501 22.20 5.02 8.00
N LEU D 502 22.60 5.53 9.17
CA LEU D 502 21.79 5.41 10.36
C LEU D 502 20.91 6.62 10.61
N GLY D 503 21.37 7.82 10.26
CA GLY D 503 20.63 9.04 10.48
C GLY D 503 19.15 8.99 10.12
N PRO D 504 18.85 8.75 8.85
CA PRO D 504 17.43 8.75 8.45
C PRO D 504 16.61 7.76 9.23
N LEU D 505 17.17 6.58 9.46
CA LEU D 505 16.45 5.55 10.20
C LEU D 505 16.22 5.99 11.64
N GLN D 506 17.22 6.59 12.26
CA GLN D 506 17.06 7.04 13.63
C GLN D 506 15.96 8.09 13.74
N ILE D 507 15.94 9.05 12.82
CA ILE D 507 14.89 10.07 12.87
C ILE D 507 13.53 9.44 12.65
N SER D 508 13.44 8.52 11.67
CA SER D 508 12.16 7.88 11.40
C SER D 508 11.64 7.16 12.63
N LEU D 509 12.51 6.42 13.31
CA LEU D 509 12.10 5.75 14.53
C LEU D 509 11.72 6.74 15.62
N GLY D 510 12.42 7.87 15.68
CA GLY D 510 12.12 8.85 16.71
C GLY D 510 10.75 9.45 16.55
N ARG D 511 10.33 9.73 15.32
CA ARG D 511 9.02 10.36 15.17
C ARG D 511 7.88 9.38 15.38
N MET D 512 8.11 8.09 15.18
CA MET D 512 7.07 7.10 15.40
C MET D 512 7.11 6.60 16.85
N LEU D 513 7.13 7.53 17.78
CA LEU D 513 6.99 7.23 19.19
C LEU D 513 5.75 7.87 19.78
N LEU D 514 5.44 9.10 19.39
CA LEU D 514 4.20 9.71 19.85
C LEU D 514 2.99 8.95 19.36
N ASP D 515 3.16 8.09 18.36
CA ASP D 515 2.09 7.19 17.97
C ASP D 515 1.90 6.06 18.97
N ILE D 516 2.93 5.74 19.75
CA ILE D 516 2.84 4.61 20.66
C ILE D 516 2.26 4.99 22.00
N LEU D 517 2.58 6.17 22.53
CA LEU D 517 2.14 6.53 23.87
C LEU D 517 0.63 6.42 24.01
N LYS D 518 -0.10 6.62 22.92
CA LYS D 518 -1.55 6.44 22.99
C LYS D 518 -1.89 5.00 23.35
N PHE D 519 -1.18 4.04 22.79
CA PHE D 519 -1.46 2.66 23.15
C PHE D 519 -0.97 2.35 24.56
N LEU D 520 0.17 2.87 24.93
CA LEU D 520 0.57 2.67 26.32
C LEU D 520 -0.21 3.46 27.26
N PHE D 521 -1.25 4.15 26.78
CA PHE D 521 -2.24 4.74 27.66
C PHE D 521 -3.57 4.00 27.64
N ILE D 522 -3.95 3.44 26.49
CA ILE D 522 -5.13 2.57 26.49
C ILE D 522 -4.86 1.33 27.31
N TYR D 523 -3.63 0.80 27.24
CA TYR D 523 -3.33 -0.45 27.90
C TYR D 523 -3.45 -0.33 29.41
N CYS D 524 -3.11 0.82 29.97
CA CYS D 524 -3.15 0.98 31.42
C CYS D 524 -4.56 0.78 31.95
N LEU D 525 -5.57 1.21 31.20
CA LEU D 525 -6.94 1.05 31.67
C LEU D 525 -7.31 -0.43 31.79
N VAL D 526 -6.99 -1.21 30.77
CA VAL D 526 -7.24 -2.65 30.83
C VAL D 526 -6.53 -3.27 32.02
N LEU D 527 -5.27 -2.88 32.21
CA LEU D 527 -4.50 -3.44 33.30
C LEU D 527 -5.16 -3.14 34.64
N LEU D 528 -5.63 -1.91 34.82
CA LEU D 528 -6.31 -1.56 36.07
C LEU D 528 -7.60 -2.35 36.25
N ALA D 529 -8.37 -2.52 35.17
CA ALA D 529 -9.62 -3.26 35.31
C ALA D 529 -9.37 -4.66 35.81
N PHE D 530 -8.48 -5.38 35.16
CA PHE D 530 -8.27 -6.77 35.57
C PHE D 530 -7.59 -6.85 36.93
N ALA D 531 -6.70 -5.90 37.25
CA ALA D 531 -6.10 -5.90 38.58
C ALA D 531 -7.16 -5.74 39.65
N ASN D 532 -8.06 -4.77 39.47
CA ASN D 532 -9.17 -4.59 40.38
C ASN D 532 -9.94 -5.88 40.57
N GLY D 533 -10.33 -6.52 39.48
CA GLY D 533 -11.10 -7.73 39.60
C GLY D 533 -10.41 -8.81 40.39
N LEU D 534 -9.20 -9.16 39.95
CA LEU D 534 -8.50 -10.28 40.58
C LEU D 534 -8.19 -9.99 42.04
N ASN D 535 -7.77 -8.78 42.35
CA ASN D 535 -7.47 -8.45 43.73
C ASN D 535 -8.71 -8.56 44.59
N GLN D 536 -9.85 -8.08 44.10
CA GLN D 536 -11.08 -8.22 44.87
C GLN D 536 -11.38 -9.68 45.12
N LEU D 537 -11.12 -10.54 44.15
CA LEU D 537 -11.47 -11.95 44.30
C LEU D 537 -10.57 -12.65 45.32
N TYR D 538 -9.26 -12.47 45.20
CA TYR D 538 -8.31 -13.30 45.93
C TYR D 538 -7.87 -12.76 47.28
N PHE D 539 -8.33 -11.60 47.70
CA PHE D 539 -7.61 -11.04 48.85
C PHE D 539 -7.93 -11.72 50.13
N TYR D 540 -8.62 -12.85 50.14
CA TYR D 540 -8.96 -13.54 51.37
C TYR D 540 -7.93 -14.57 51.80
N TYR D 541 -6.88 -14.78 51.03
CA TYR D 541 -6.01 -15.92 51.24
C TYR D 541 -4.56 -15.50 51.39
N GLU D 542 -4.32 -14.41 52.11
CA GLU D 542 -2.96 -13.93 52.32
C GLU D 542 -2.28 -14.86 53.32
N ASN D 543 -1.85 -16.02 52.83
CA ASN D 543 -1.32 -17.01 53.77
C ASN D 543 -0.07 -16.52 54.48
N SER D 544 1.04 -16.41 53.75
CA SER D 544 2.30 -15.90 54.29
C SER D 544 2.67 -16.54 55.64
N GLU D 545 2.39 -17.82 55.79
CA GLU D 545 2.77 -18.57 56.99
C GLU D 545 3.77 -19.64 56.61
N GLY D 546 4.96 -19.59 57.19
CA GLY D 546 5.98 -20.58 56.91
C GLY D 546 6.76 -20.34 55.64
N MET D 547 6.43 -19.29 54.88
CA MET D 547 7.15 -18.95 53.67
C MET D 547 8.13 -17.83 53.98
N THR D 548 9.41 -18.09 53.70
CA THR D 548 10.44 -17.10 53.97
C THR D 548 10.29 -15.88 53.07
N CYS D 549 10.15 -16.12 51.77
CA CYS D 549 10.02 -15.05 50.78
C CYS D 549 8.64 -15.13 50.14
N LYS D 550 7.93 -14.02 50.16
CA LYS D 550 6.62 -13.93 49.54
C LYS D 550 6.72 -13.14 48.24
N GLY D 551 5.69 -13.24 47.43
CA GLY D 551 5.63 -12.49 46.19
C GLY D 551 5.82 -13.37 44.99
N ILE D 552 5.88 -12.72 43.82
CA ILE D 552 6.04 -13.42 42.56
C ILE D 552 7.50 -13.49 42.14
N ARG D 553 8.43 -13.12 43.01
CA ARG D 553 9.82 -13.08 42.63
C ARG D 553 10.66 -14.21 43.19
N CYS D 554 10.22 -14.87 44.25
CA CYS D 554 11.03 -15.92 44.84
C CYS D 554 11.02 -17.16 43.93
N GLU D 555 11.72 -18.20 44.37
CA GLU D 555 11.84 -19.40 43.56
C GLU D 555 10.48 -20.04 43.32
N ARG D 556 9.67 -20.14 44.36
CA ARG D 556 8.35 -20.77 44.31
C ARG D 556 7.31 -19.68 44.48
N GLN D 557 6.80 -19.17 43.37
CA GLN D 557 5.94 -18.00 43.41
C GLN D 557 4.66 -18.30 44.17
N ASN D 558 4.24 -17.34 44.99
CA ASN D 558 3.04 -17.50 45.79
C ASN D 558 2.56 -16.12 46.18
N ASN D 559 1.32 -16.06 46.66
CA ASN D 559 0.69 -14.79 47.03
C ASN D 559 0.73 -13.82 45.86
N ALA D 560 0.47 -14.35 44.67
CA ALA D 560 0.59 -13.53 43.48
C ALA D 560 -0.44 -12.41 43.45
N PHE D 561 -1.65 -12.68 43.94
CA PHE D 561 -2.73 -11.72 43.81
C PHE D 561 -3.21 -11.24 45.18
N SER D 562 -2.44 -11.42 46.23
CA SER D 562 -2.91 -11.08 47.57
C SER D 562 -3.24 -9.60 47.68
N THR D 563 -2.25 -8.75 47.54
CA THR D 563 -2.45 -7.31 47.62
C THR D 563 -2.57 -6.73 46.22
N LEU D 564 -2.66 -5.40 46.15
CA LEU D 564 -2.92 -4.77 44.86
C LEU D 564 -1.64 -4.45 44.10
N PHE D 565 -0.60 -3.98 44.79
CA PHE D 565 0.67 -3.75 44.13
C PHE D 565 1.22 -5.05 43.55
N GLU D 566 1.15 -6.13 44.32
CA GLU D 566 1.61 -7.40 43.79
C GLU D 566 0.75 -7.84 42.63
N THR D 567 -0.52 -7.46 42.61
CA THR D 567 -1.36 -7.79 41.46
C THR D 567 -0.90 -7.04 40.23
N LEU D 568 -0.58 -5.76 40.35
CA LEU D 568 -0.07 -5.04 39.20
C LEU D 568 1.20 -5.68 38.68
N GLN D 569 2.11 -6.05 39.58
CA GLN D 569 3.33 -6.70 39.13
C GLN D 569 3.03 -8.02 38.44
N SER D 570 2.11 -8.80 39.00
CA SER D 570 1.78 -10.10 38.42
C SER D 570 1.25 -9.93 37.01
N LEU D 571 0.35 -8.98 36.83
CA LEU D 571 -0.25 -8.80 35.52
C LEU D 571 0.69 -8.14 34.53
N PHE D 572 1.70 -7.41 35.00
CA PHE D 572 2.64 -6.88 34.04
C PHE D 572 3.65 -7.92 33.60
N TRP D 573 4.05 -8.80 34.50
CA TRP D 573 5.04 -9.80 34.14
C TRP D 573 4.47 -10.94 33.32
N SER D 574 3.16 -10.98 33.14
CA SER D 574 2.55 -12.03 32.35
C SER D 574 2.66 -11.80 30.85
N ILE D 575 3.02 -10.59 30.44
CA ILE D 575 3.13 -10.33 29.01
C ILE D 575 4.27 -11.13 28.41
N PHE D 576 5.34 -11.31 29.15
CA PHE D 576 6.51 -12.04 28.66
C PHE D 576 6.48 -13.50 29.11
N GLY D 577 5.38 -13.96 29.66
CA GLY D 577 5.27 -15.37 30.03
C GLY D 577 6.23 -15.78 31.11
N LEU D 578 6.43 -14.93 32.10
CA LEU D 578 7.33 -15.24 33.20
C LEU D 578 6.59 -15.61 34.46
N ILE D 579 5.28 -15.81 34.40
CA ILE D 579 4.48 -16.17 35.57
C ILE D 579 3.94 -17.57 35.35
N SER D 580 4.29 -18.48 36.25
CA SER D 580 3.83 -19.85 36.14
C SER D 580 2.33 -19.92 36.37
N LEU D 581 1.78 -21.11 36.18
CA LEU D 581 0.33 -21.25 36.18
C LEU D 581 -0.24 -21.68 37.52
N TYR D 582 0.59 -22.11 38.46
CA TYR D 582 0.04 -22.56 39.73
C TYR D 582 -0.25 -21.42 40.68
N VAL D 583 0.07 -20.17 40.32
CA VAL D 583 -0.13 -19.08 41.24
C VAL D 583 -1.59 -18.89 41.59
N THR D 584 -2.49 -19.42 40.79
CA THR D 584 -3.93 -19.26 41.04
C THR D 584 -4.51 -20.44 41.82
N ASN D 585 -3.91 -20.77 42.96
CA ASN D 585 -4.42 -21.82 43.82
C ASN D 585 -4.51 -21.35 45.25
N VAL D 586 -5.30 -22.09 46.03
CA VAL D 586 -5.46 -21.87 47.44
C VAL D 586 -5.35 -23.22 48.15
N LYS D 587 -5.10 -23.17 49.45
CA LYS D 587 -4.94 -24.40 50.21
C LYS D 587 -6.20 -25.25 50.16
N ALA D 588 -7.36 -24.65 50.37
CA ALA D 588 -8.60 -25.37 50.22
C ALA D 588 -8.84 -25.71 48.75
N ASP D 589 -9.74 -26.65 48.53
CA ASP D 589 -10.14 -27.01 47.16
C ASP D 589 -11.44 -26.31 46.80
N HIS D 590 -11.39 -24.99 46.75
CA HIS D 590 -12.54 -24.19 46.35
C HIS D 590 -12.53 -24.06 44.83
N LYS D 591 -12.79 -25.18 44.17
CA LYS D 591 -12.58 -25.28 42.74
C LYS D 591 -13.33 -24.20 41.96
N PHE D 592 -14.45 -23.73 42.49
CA PHE D 592 -15.20 -22.70 41.77
C PHE D 592 -14.41 -21.40 41.72
N THR D 593 -13.91 -20.94 42.86
CA THR D 593 -13.13 -19.71 42.86
C THR D 593 -11.86 -19.86 42.05
N GLU D 594 -11.20 -21.01 42.16
CA GLU D 594 -9.99 -21.22 41.38
C GLU D 594 -10.29 -21.17 39.90
N PHE D 595 -11.39 -21.77 39.47
CA PHE D 595 -11.73 -21.75 38.06
C PHE D 595 -12.04 -20.33 37.59
N VAL D 596 -12.75 -19.56 38.40
CA VAL D 596 -13.07 -18.20 37.97
C VAL D 596 -11.80 -17.35 37.92
N GLY D 597 -10.90 -17.53 38.88
CA GLY D 597 -9.65 -16.80 38.82
C GLY D 597 -8.86 -17.14 37.58
N ALA D 598 -8.76 -18.42 37.26
CA ALA D 598 -8.04 -18.83 36.07
C ALA D 598 -8.69 -18.26 34.82
N THR D 599 -10.01 -18.17 34.81
CA THR D 599 -10.69 -17.63 33.63
C THR D 599 -10.43 -16.14 33.46
N MET D 600 -10.45 -15.38 34.55
CA MET D 600 -10.07 -13.96 34.43
C MET D 600 -8.66 -13.83 33.90
N PHE D 601 -7.74 -14.63 34.44
CA PHE D 601 -6.36 -14.55 33.98
C PHE D 601 -6.25 -14.85 32.50
N GLY D 602 -6.92 -15.90 32.05
CA GLY D 602 -6.85 -16.26 30.65
C GLY D 602 -7.42 -15.19 29.75
N THR D 603 -8.56 -14.61 30.16
CA THR D 603 -9.14 -13.54 29.35
C THR D 603 -8.19 -12.37 29.24
N TYR D 604 -7.56 -12.00 30.35
CA TYR D 604 -6.61 -10.89 30.28
C TYR D 604 -5.49 -11.21 29.31
N ASN D 605 -4.97 -12.42 29.36
CA ASN D 605 -3.88 -12.79 28.47
C ASN D 605 -4.30 -12.73 27.02
N VAL D 606 -5.49 -13.25 26.70
CA VAL D 606 -5.95 -13.20 25.33
C VAL D 606 -6.06 -11.77 24.85
N ILE D 607 -6.77 -10.94 25.62
CA ILE D 607 -6.96 -9.54 25.22
C ILE D 607 -5.62 -8.90 24.94
N SER D 608 -4.73 -8.88 25.93
CA SER D 608 -3.45 -8.23 25.71
C SER D 608 -2.70 -8.82 24.52
N LEU D 609 -2.24 -10.05 24.64
CA LEU D 609 -1.26 -10.58 23.72
C LEU D 609 -1.85 -11.00 22.38
N VAL D 610 -3.14 -10.79 22.13
CA VAL D 610 -3.67 -11.09 20.81
C VAL D 610 -4.45 -9.94 20.20
N VAL D 611 -5.01 -9.02 20.98
CA VAL D 611 -5.76 -7.92 20.41
C VAL D 611 -5.05 -6.59 20.63
N LEU D 612 -4.27 -6.44 21.69
CA LEU D 612 -3.56 -5.19 21.90
C LEU D 612 -2.11 -5.25 21.49
N LEU D 613 -1.67 -6.35 20.88
CA LEU D 613 -0.33 -6.39 20.36
C LEU D 613 -0.30 -6.54 18.85
N ASN D 614 -1.40 -6.95 18.23
CA ASN D 614 -1.48 -6.93 16.79
C ASN D 614 -2.12 -5.66 16.26
N MET D 615 -3.03 -5.06 17.02
CA MET D 615 -3.51 -3.73 16.68
C MET D 615 -2.44 -2.67 16.89
N LEU D 616 -1.29 -3.04 17.43
CA LEU D 616 -0.19 -2.10 17.50
C LEU D 616 0.65 -2.14 16.23
N ILE D 617 0.98 -3.33 15.75
CA ILE D 617 1.68 -3.44 14.48
C ILE D 617 0.81 -2.92 13.35
N ALA D 618 -0.46 -3.30 13.35
CA ALA D 618 -1.35 -2.87 12.28
C ALA D 618 -1.49 -1.35 12.25
N MET D 619 -1.18 -0.67 13.33
CA MET D 619 -1.20 0.77 13.34
C MET D 619 0.15 1.36 12.98
N MET D 620 1.23 0.74 13.44
CA MET D 620 2.56 1.23 13.12
C MET D 620 2.80 1.22 11.63
N ASN D 621 2.32 0.20 10.92
CA ASN D 621 2.58 0.14 9.48
C ASN D 621 2.00 1.34 8.75
N ASN D 622 0.71 1.59 8.94
CA ASN D 622 0.09 2.72 8.25
C ASN D 622 0.60 4.05 8.76
N SER D 623 1.00 4.14 10.02
CA SER D 623 1.59 5.40 10.47
C SER D 623 3.00 5.59 9.93
N TYR D 624 3.66 4.52 9.55
CA TYR D 624 5.01 4.61 8.97
C TYR D 624 4.97 4.86 7.48
N GLN D 625 3.89 4.51 6.80
CA GLN D 625 3.82 4.76 5.37
C GLN D 625 4.06 6.23 5.07
N HIS D 626 3.40 7.12 5.79
CA HIS D 626 3.51 8.55 5.56
C HIS D 626 4.72 9.16 6.24
N ILE D 627 5.70 8.35 6.61
CA ILE D 627 6.94 8.87 7.18
C ILE D 627 8.10 8.77 6.20
N ALA D 628 8.16 7.74 5.38
CA ALA D 628 9.25 7.56 4.44
C ALA D 628 9.14 8.49 3.23
N ASP D 629 8.15 9.36 3.17
CA ASP D 629 8.02 10.33 2.09
C ASP D 629 8.65 11.67 2.43
N HIS D 630 9.18 11.82 3.65
CA HIS D 630 9.85 13.05 4.05
C HIS D 630 11.10 12.73 4.86
N ALA D 631 11.77 11.63 4.54
CA ALA D 631 12.90 11.20 5.35
C ALA D 631 14.11 12.11 5.15
N ASP D 632 14.55 12.29 3.91
CA ASP D 632 15.75 13.08 3.67
C ASP D 632 15.58 14.50 4.16
N ILE D 633 14.43 15.10 3.94
CA ILE D 633 14.23 16.48 4.36
C ILE D 633 14.46 16.61 5.85
N GLU D 634 13.81 15.75 6.64
CA GLU D 634 13.90 15.88 8.09
C GLU D 634 15.29 15.54 8.58
N TRP D 635 15.90 14.50 8.01
CA TRP D 635 17.24 14.13 8.45
C TRP D 635 18.23 15.25 8.16
N LYS D 636 18.15 15.86 7.00
CA LYS D 636 19.08 16.92 6.67
C LYS D 636 18.84 18.13 7.55
N PHE D 637 17.59 18.43 7.86
CA PHE D 637 17.31 19.53 8.77
C PHE D 637 17.94 19.29 10.12
N ALA D 638 17.80 18.07 10.66
CA ALA D 638 18.38 17.76 11.96
C ALA D 638 19.90 17.83 11.90
N ARG D 639 20.49 17.33 10.83
CA ARG D 639 21.93 17.38 10.70
C ARG D 639 22.42 18.82 10.66
N THR D 640 21.72 19.69 9.96
CA THR D 640 22.12 21.09 9.92
C THR D 640 22.00 21.72 11.29
N LYS D 641 20.92 21.42 12.01
CA LYS D 641 20.81 21.94 13.36
C LYS D 641 22.00 21.52 14.21
N LEU D 642 22.44 20.27 14.05
CA LEU D 642 23.63 19.83 14.78
C LEU D 642 24.87 20.59 14.34
N TRP D 643 25.06 20.74 13.02
CA TRP D 643 26.28 21.33 12.49
C TRP D 643 26.44 22.76 12.97
N MET D 644 25.37 23.55 12.91
CA MET D 644 25.50 24.96 13.22
C MET D 644 25.96 25.20 14.66
N SER D 645 25.79 24.23 15.54
CA SER D 645 26.22 24.40 16.92
C SER D 645 27.73 24.38 17.07
N TYR D 646 28.46 23.93 16.06
CA TYR D 646 29.91 23.83 16.15
C TYR D 646 30.58 24.86 15.24
N PHE D 647 30.02 26.05 15.18
CA PHE D 647 30.53 27.10 14.31
C PHE D 647 31.02 28.30 15.10
N GLU D 648 30.22 28.80 16.03
CA GLU D 648 30.60 29.95 16.81
C GLU D 648 31.67 29.58 17.83
N GLU D 649 32.38 30.59 18.30
CA GLU D 649 33.40 30.40 19.32
C GLU D 649 32.79 30.37 20.71
N GLY D 650 31.78 29.52 20.91
CA GLY D 650 31.07 29.49 22.17
C GLY D 650 31.79 28.75 23.27
N GLY D 651 31.97 27.44 23.11
CA GLY D 651 32.66 26.66 24.12
C GLY D 651 34.07 26.27 23.72
N THR D 652 34.21 25.77 22.49
CA THR D 652 35.50 25.47 21.88
C THR D 652 36.37 24.56 22.74
N LEU D 653 35.80 23.90 23.74
CA LEU D 653 36.62 23.13 24.64
C LEU D 653 35.90 21.90 25.14
N PRO D 654 36.56 20.75 25.16
CA PRO D 654 35.94 19.55 25.71
C PRO D 654 35.65 19.72 27.19
N PRO D 655 34.75 18.91 27.74
CA PRO D 655 34.27 19.14 29.11
C PRO D 655 35.38 19.17 30.14
N PRO D 656 36.27 18.17 30.20
CA PRO D 656 37.17 18.11 31.38
C PRO D 656 37.97 19.38 31.60
N PHE D 657 38.39 20.04 30.53
CA PHE D 657 39.18 21.26 30.66
C PHE D 657 38.29 22.49 30.58
N ASN D 658 37.41 22.61 31.57
CA ASN D 658 36.47 23.74 31.60
C ASN D 658 36.64 24.55 32.87
N ILE D 659 37.88 24.86 33.23
CA ILE D 659 38.17 25.69 34.40
C ILE D 659 38.85 26.99 33.99
N ALA D 696 27.40 52.71 4.47
CA ALA D 696 28.72 52.10 4.33
C ALA D 696 28.65 50.61 4.56
N GLU D 697 28.43 50.22 5.81
CA GLU D 697 28.41 48.81 6.20
C GLU D 697 27.00 48.28 6.34
N ASN D 698 26.17 48.91 7.17
CA ASN D 698 24.81 48.45 7.37
C ASN D 698 23.80 49.32 6.63
N VAL D 699 24.21 50.49 6.16
CA VAL D 699 23.31 51.39 5.46
C VAL D 699 23.45 51.14 3.96
N ARG D 700 24.64 50.73 3.54
CA ARG D 700 24.93 50.56 2.12
C ARG D 700 24.62 49.16 1.62
N LEU D 701 24.97 48.13 2.40
CA LEU D 701 24.91 46.76 1.91
C LEU D 701 23.49 46.34 1.54
N ASN D 702 22.48 47.07 2.00
CA ASN D 702 21.12 46.78 1.54
C ASN D 702 21.00 46.93 0.03
N HIS D 703 21.88 47.71 -0.59
CA HIS D 703 21.78 47.96 -2.02
C HIS D 703 21.97 46.68 -2.83
N GLN D 704 23.05 45.96 -2.56
CA GLN D 704 23.32 44.74 -3.31
C GLN D 704 22.21 43.72 -3.11
N TYR D 705 21.77 43.55 -1.87
CA TYR D 705 20.71 42.58 -1.60
C TYR D 705 19.41 42.97 -2.27
N GLN D 706 19.13 44.28 -2.34
CA GLN D 706 17.97 44.75 -3.08
C GLN D 706 18.08 44.36 -4.55
N GLU D 707 19.27 44.57 -5.12
CA GLU D 707 19.47 44.21 -6.52
C GLU D 707 19.25 42.72 -6.73
N VAL D 708 19.76 41.91 -5.81
CA VAL D 708 19.63 40.46 -5.93
C VAL D 708 18.16 40.06 -5.85
N LEU D 709 17.41 40.66 -4.93
CA LEU D 709 15.98 40.36 -4.87
C LEU D 709 15.29 40.71 -6.18
N ARG D 710 15.63 41.86 -6.75
CA ARG D 710 15.00 42.24 -8.01
C ARG D 710 15.26 41.16 -9.06
N ASN D 711 16.50 40.73 -9.19
CA ASN D 711 16.84 39.74 -10.20
C ASN D 711 16.14 38.41 -9.93
N LEU D 712 16.12 37.97 -8.68
CA LEU D 712 15.52 36.69 -8.36
C LEU D 712 14.02 36.70 -8.62
N VAL D 713 13.34 37.77 -8.23
CA VAL D 713 11.91 37.86 -8.49
C VAL D 713 11.65 37.85 -9.98
N LYS D 714 12.49 38.56 -10.74
CA LYS D 714 12.33 38.53 -12.19
C LYS D 714 12.42 37.11 -12.73
N ARG D 715 13.48 36.40 -12.36
CA ARG D 715 13.66 35.03 -12.85
C ARG D 715 12.47 34.15 -12.46
N TYR D 716 12.05 34.24 -11.20
CA TYR D 716 10.96 33.39 -10.74
C TYR D 716 9.68 33.67 -11.49
N VAL D 717 9.27 34.95 -11.55
CA VAL D 717 7.99 35.25 -12.16
C VAL D 717 8.01 34.90 -13.63
N ALA D 718 9.18 34.98 -14.27
CA ALA D 718 9.25 34.59 -15.67
C ALA D 718 9.10 33.09 -15.82
N ALA D 719 9.85 32.32 -15.05
CA ALA D 719 10.03 30.90 -15.33
C ALA D 719 9.15 30.00 -14.48
N MET D 720 8.24 30.55 -13.70
CA MET D 720 7.47 29.67 -12.82
C MET D 720 5.97 29.89 -12.96
N ILE D 721 5.55 31.11 -13.28
CA ILE D 721 4.13 31.35 -13.41
C ILE D 721 3.82 31.94 -14.77
N ARG D 722 4.72 31.76 -15.71
CA ARG D 722 4.45 32.09 -17.10
C ARG D 722 4.69 30.91 -18.03
N ASP D 723 5.70 30.09 -17.75
CA ASP D 723 5.99 28.92 -18.55
C ASP D 723 5.51 27.63 -17.91
N ALA D 724 5.03 27.68 -16.69
CA ALA D 724 4.37 26.54 -16.07
C ALA D 724 2.86 26.68 -16.07
N LYS D 725 2.34 27.80 -16.58
CA LYS D 725 0.91 27.95 -16.78
C LYS D 725 0.46 27.48 -18.15
N THR D 726 1.36 26.85 -18.91
CA THR D 726 1.04 26.36 -20.24
C THR D 726 0.85 24.86 -20.31
N GLU D 727 1.49 24.10 -19.43
CA GLU D 727 1.36 22.64 -19.42
C GLU D 727 0.37 22.24 -18.33
N GLU D 728 -0.92 22.46 -18.60
CA GLU D 728 -1.97 22.11 -17.64
C GLU D 728 -2.91 21.04 -18.17
N GLY D 729 -3.57 21.26 -19.31
CA GLY D 729 -4.58 20.34 -19.81
C GLY D 729 -5.77 21.03 -20.42
N LEU D 730 -6.62 20.29 -21.12
CA LEU D 730 -7.77 20.86 -21.80
C LEU D 730 -9.07 20.33 -21.20
N THR D 731 -10.10 21.17 -21.22
CA THR D 731 -11.42 20.83 -20.72
C THR D 731 -12.44 21.37 -21.72
N GLU D 732 -13.72 21.30 -21.36
CA GLU D 732 -14.76 21.78 -22.25
C GLU D 732 -14.78 23.30 -22.37
N GLU D 733 -14.28 24.00 -21.35
CA GLU D 733 -14.20 25.45 -21.42
C GLU D 733 -13.34 25.92 -22.57
N ASN D 734 -12.47 25.07 -23.09
CA ASN D 734 -11.66 25.40 -24.25
C ASN D 734 -12.36 25.02 -25.54
N PHE D 735 -12.99 23.83 -25.54
CA PHE D 735 -13.67 23.34 -26.72
C PHE D 735 -14.80 24.27 -27.14
N LYS D 736 -15.54 24.79 -26.15
CA LYS D 736 -16.67 25.66 -26.48
C LYS D 736 -16.20 26.91 -27.21
N GLU D 737 -15.15 27.56 -26.69
CA GLU D 737 -14.62 28.75 -27.36
C GLU D 737 -14.11 28.41 -28.75
N LEU D 738 -13.37 27.31 -28.87
CA LEU D 738 -12.80 26.98 -30.16
C LEU D 738 -13.88 26.69 -31.19
N LYS D 739 -15.01 26.12 -30.76
CA LYS D 739 -16.10 25.87 -31.70
C LYS D 739 -16.81 27.16 -32.07
N GLN D 740 -17.10 28.00 -31.08
CA GLN D 740 -17.88 29.20 -31.38
C GLN D 740 -17.08 30.16 -32.25
N ASP D 741 -15.75 30.15 -32.15
CA ASP D 741 -14.97 31.01 -33.03
C ASP D 741 -15.17 30.63 -34.48
N ILE D 742 -15.13 29.33 -34.78
CA ILE D 742 -15.38 28.86 -36.14
C ILE D 742 -16.78 29.27 -36.58
N SER D 743 -17.77 29.08 -35.70
CA SER D 743 -19.13 29.43 -36.07
C SER D 743 -19.26 30.91 -36.40
N SER D 744 -18.66 31.77 -35.59
CA SER D 744 -18.73 33.21 -35.85
C SER D 744 -18.04 33.57 -37.15
N PHE D 745 -16.89 32.97 -37.42
CA PHE D 745 -16.21 33.20 -38.69
C PHE D 745 -17.11 32.83 -39.86
N ARG D 746 -17.81 31.70 -39.73
CA ARG D 746 -18.70 31.26 -40.79
C ARG D 746 -19.82 32.26 -41.03
N TYR D 747 -20.44 32.73 -39.94
CA TYR D 747 -21.50 33.73 -40.09
C TYR D 747 -20.98 34.99 -40.76
N GLU D 748 -19.80 35.45 -40.36
CA GLU D 748 -19.26 36.67 -40.95
C GLU D 748 -19.05 36.51 -42.44
N VAL D 749 -18.40 35.43 -42.85
CA VAL D 749 -18.11 35.27 -44.27
C VAL D 749 -19.40 35.08 -45.07
N ILE D 750 -20.32 34.26 -44.58
CA ILE D 750 -21.55 33.99 -45.32
C ILE D 750 -22.38 35.25 -45.47
N GLY D 751 -22.53 36.00 -44.38
CA GLY D 751 -23.31 37.23 -44.46
C GLY D 751 -22.66 38.28 -45.32
N MET D 752 -21.33 38.37 -45.30
CA MET D 752 -20.67 39.43 -46.04
C MET D 752 -20.73 39.22 -47.55
N MET D 753 -20.95 37.98 -47.99
CA MET D 753 -20.99 37.67 -49.41
C MET D 753 -22.40 37.74 -49.99
N LYS D 754 -23.32 38.39 -49.30
CA LYS D 754 -24.69 38.54 -49.81
C LYS D 754 -25.42 39.64 -49.07
#